data_7TVZ
#
_entry.id   7TVZ
#
_cell.length_a   1.00
_cell.length_b   1.00
_cell.length_c   1.00
_cell.angle_alpha   90.00
_cell.angle_beta   90.00
_cell.angle_gamma   90.00
#
_symmetry.space_group_name_H-M   'P 1'
#
loop_
_entity.id
_entity.type
_entity.pdbx_description
1 polymer 'Band 3 anion transport protein'
2 polymer 'Protein 4.2'
3 non-polymer 2-acetamido-2-deoxy-beta-D-glucopyranose
4 non-polymer DODECYL-BETA-D-MALTOSIDE
5 non-polymer CHOLESTEROL
6 water water
#
loop_
_entity_poly.entity_id
_entity_poly.type
_entity_poly.pdbx_seq_one_letter_code
_entity_poly.pdbx_strand_id
1 'polypeptide(L)'
;MEELQDDYEDMMEENLEQEEYEDPDIPESQMEEPAAHDTEATATDYHTTSHPGTHKVYVELQELVMDEKNQELRWMEAAR
WVQLEENLGENGAWGRPHLSHLTFWSLLELRRVFTKGTVLLDLQETSLAGVANQLLDRFIFEDQIRPQDREELLRALLLK
HSHAGELEALGGVKPAVLTRSGDPSQPLLPQHSSLETQLFCEQGDGGTEGHSPSGILEKIPPDSEATLVLVGRADFLEQP
VLGFVRLQEAAELEAVELPVPIRFLFVLLGPEAPHIDYTQLGRAAATLMSERVFRIDAYMAQSRGELLHSLEGFLDCSLV
LPPTDAPSEQALLSLVPVQRELLRRRYQSSPAKPDSSFYKGLDLNGGPDDPLQQTGQLFGGLVRDIRRRYPYYLSDITDA
FSPQVLAAVIFIYFAALSPAITFGGLLGEKTRNQMGVSELLISTAVQGILFALLGAQPLLVVGFSGPLLVFEEAFFSFCE
TNGLEYIVGRVWIGFWLILLVVLVVAFEGSFLVRFISRYTQEIFSFLISLIFIYETFSKLIKIFQDHPLQKTYNYNVLMV
PKPQGPLPNTALLSLVLMAGTFFFAMMLRKFKNSSYFPGKLRRVIGDFGVPISILIMVLVDFFIQDTYTQKLSVPDGFKV
SNSSARGWVIHPLGLRSEFPIWMMFASALPALLVFILIFLESQITTLIVSKPERKMVKGSGFHLDLLLVVGMGGVAALFG
MPWLSATTVRSVTHANALTVMGKASTPGAAAQIQEVKEQRISGLLVAVLVGLSILMEPILSRIPLAVLFGIFLYMGVTSL
SGIQLFDRILLLFKPPKYHPDVPYVKRVKTWRMHLFTGIQIICLAVLWVVKSTPASLALPFVLILTVPLRRVLLPLIFRN
VELQCLDADDAKATFDEEEGRDEYDEVAMPV
;
A,B
2 'polypeptide(L)'
;MGQALGIKSCDFQAARNNEEHHTKALSSRRLFVRRGQPFTIILYFRAPVRAFLPALKKVALTAQTGEQPSKINRTQATFP
ISSLGDRKWWSAVVEERDAQSWTISVTTPADAVIGHYSLLLQVSGRKQLLLGQFTLLFNPWNREDAVFLKNEAQRMEYLL
NQNGLIYLGTADCIQAESWDFGQFEGDVIDLSLRLLSKDKQVEKWSQPVHVARVLGALLHFLKEQRVLPTPQTQATQEGA
LLNKRRGSVPILRQWLTGRGRPVYDGQAWVLAAVACTVLRCLGIPARVVTTFASAQGTGGRLLIDEYYNEEGLQNGEGQR
GRIWIFQTSTECWMTRPALPQGYDGWQILHPSAPNGGGVLGSCDLVPVRAVKEGTLGLTPAVSDLFAAINASCVVWKCCE
DGTLELTDSNTKYVGNNISTKGVGSDRCEDITQNYKYPEGSLQEKEVLERVEKEKMEREKDNGIRPPSLETASPLYLLLK
APSSLPLRGDAQISVTLVNHSEQEKAVQLAIGVQAVHYNGVLAAKLWRKKLHLTLSANLEKIITIGLFFSNFERNPPENT
FLRLTAMATHSESNLSCFAQEDIAICRPHLAIKMPEKAEQYQPLTASVSLQNSLDAPMEDCVISILGRGLIHRERSYRFR
SVWPENTMCAKFQFTPTHVGLQRLTVEVDCNMFQNLTNYKSVTVVAPELSA
;
E
#
loop_
_chem_comp.id
_chem_comp.type
_chem_comp.name
_chem_comp.formula
CLR non-polymer CHOLESTEROL 'C27 H46 O'
LMT D-saccharide DODECYL-BETA-D-MALTOSIDE 'C24 H46 O11'
NAG D-saccharide, beta linking 2-acetamido-2-deoxy-beta-D-glucopyranose 'C8 H15 N O6'
#
# COMPACT_ATOMS: atom_id res chain seq x y z
N GLN A 30 17.76 61.07 3.35
CA GLN A 30 18.52 60.22 4.28
C GLN A 30 18.55 58.78 3.79
N MET A 31 19.69 58.12 3.99
CA MET A 31 19.85 56.72 3.63
C MET A 31 19.08 55.83 4.59
N GLU A 32 17.83 55.52 4.24
CA GLU A 32 16.88 54.88 5.14
C GLU A 32 16.57 53.45 4.70
N GLU A 33 16.25 52.61 5.69
CA GLU A 33 15.89 51.21 5.50
C GLU A 33 14.43 51.09 5.05
N PRO A 34 14.11 50.12 4.17
CA PRO A 34 12.71 49.95 3.76
C PRO A 34 11.90 49.04 4.66
N ALA A 35 10.63 48.81 4.27
CA ALA A 35 9.70 47.99 5.02
C ALA A 35 9.31 46.76 4.19
N ALA A 36 8.99 45.68 4.89
CA ALA A 36 8.66 44.42 4.22
C ALA A 36 7.37 44.55 3.40
N HIS A 37 7.26 43.68 2.40
CA HIS A 37 6.11 43.70 1.50
C HIS A 37 5.90 42.27 0.99
N ASP A 38 4.93 41.57 1.59
CA ASP A 38 4.68 40.18 1.25
C ASP A 38 3.82 40.07 0.00
N THR A 39 4.31 39.31 -0.98
CA THR A 39 3.58 39.08 -2.22
C THR A 39 3.98 37.74 -2.80
N GLU A 40 3.00 36.98 -3.26
CA GLU A 40 3.22 35.68 -3.89
C GLU A 40 3.17 35.77 -5.41
N ALA A 41 3.68 36.86 -5.98
CA ALA A 41 3.60 37.05 -7.42
C ALA A 41 4.39 35.98 -8.17
N THR A 42 5.60 35.66 -7.70
CA THR A 42 6.48 34.70 -8.37
C THR A 42 6.85 33.56 -7.43
N ALA A 43 5.89 33.08 -6.63
CA ALA A 43 6.16 31.93 -5.78
C ALA A 43 6.15 30.63 -6.57
N THR A 44 5.27 30.54 -7.57
CA THR A 44 5.12 29.31 -8.34
C THR A 44 6.43 28.91 -9.04
N ASP A 45 7.32 29.87 -9.26
CA ASP A 45 8.61 29.59 -9.87
C ASP A 45 9.57 28.87 -8.93
N TYR A 46 9.17 28.43 -7.74
CA TYR A 46 10.09 27.75 -6.83
C TYR A 46 9.55 26.42 -6.34
N HIS A 47 8.56 25.85 -7.02
CA HIS A 47 7.97 24.57 -6.62
C HIS A 47 8.63 23.44 -7.40
N THR A 48 9.33 22.56 -6.69
CA THR A 48 9.98 21.42 -7.31
C THR A 48 8.97 20.39 -7.77
N THR A 49 9.41 19.53 -8.69
CA THR A 49 8.57 18.46 -9.22
C THR A 49 9.00 17.07 -8.77
N SER A 50 10.13 16.94 -8.07
CA SER A 50 10.61 15.64 -7.64
C SER A 50 9.72 15.08 -6.52
N HIS A 51 9.39 13.80 -6.62
CA HIS A 51 8.61 13.14 -5.59
C HIS A 51 9.49 12.90 -4.36
N PRO A 52 9.06 13.35 -3.17
CA PRO A 52 9.95 13.23 -2.00
C PRO A 52 10.07 11.80 -1.49
N GLY A 53 8.98 11.05 -1.45
CA GLY A 53 9.00 9.68 -0.97
C GLY A 53 8.53 9.57 0.47
N THR A 54 8.62 8.35 1.00
CA THR A 54 8.18 8.04 2.35
C THR A 54 9.38 7.60 3.17
N HIS A 55 9.58 8.25 4.32
CA HIS A 55 10.70 7.93 5.20
C HIS A 55 10.22 7.96 6.65
N LYS A 56 10.81 7.11 7.47
CA LYS A 56 10.56 7.14 8.90
C LYS A 56 11.32 8.29 9.54
N VAL A 57 10.99 8.58 10.80
CA VAL A 57 11.55 9.73 11.49
C VAL A 57 12.11 9.30 12.84
N TYR A 58 13.12 10.04 13.30
CA TYR A 58 13.70 9.90 14.63
C TYR A 58 13.78 11.31 15.21
N VAL A 59 12.96 11.59 16.21
CA VAL A 59 12.81 12.94 16.74
C VAL A 59 13.62 13.07 18.02
N GLU A 60 14.35 14.17 18.16
CA GLU A 60 15.15 14.43 19.35
C GLU A 60 14.91 15.87 19.81
N LEU A 61 14.69 16.03 21.12
CA LEU A 61 14.38 17.32 21.73
C LEU A 61 15.53 17.75 22.64
N GLN A 62 15.93 19.01 22.51
CA GLN A 62 17.04 19.55 23.28
C GLN A 62 16.64 20.88 23.90
N GLU A 63 17.26 21.19 25.04
CA GLU A 63 16.96 22.41 25.78
C GLU A 63 18.26 22.99 26.34
N LEU A 64 18.24 24.29 26.62
CA LEU A 64 19.39 24.98 27.15
C LEU A 64 19.56 24.68 28.64
N VAL A 65 20.77 24.30 29.04
CA VAL A 65 21.09 23.97 30.42
C VAL A 65 22.42 24.62 30.79
N MET A 66 22.66 24.65 32.10
CA MET A 66 23.89 25.19 32.68
C MET A 66 24.55 24.12 33.54
N ASP A 67 25.88 24.07 33.50
CA ASP A 67 26.64 23.17 34.37
C ASP A 67 27.22 23.94 35.54
N GLU A 68 27.10 23.37 36.73
CA GLU A 68 27.57 24.04 37.94
C GLU A 68 29.09 24.13 38.01
N LYS A 69 29.82 23.28 37.28
CA LYS A 69 31.28 23.36 37.28
C LYS A 69 31.76 24.70 36.71
N ASN A 70 31.47 24.93 35.43
CA ASN A 70 31.81 26.18 34.76
C ASN A 70 30.53 26.82 34.23
N GLN A 71 30.38 28.12 34.49
CA GLN A 71 29.17 28.81 34.09
C GLN A 71 29.15 29.06 32.59
N GLU A 72 28.66 28.08 31.83
CA GLU A 72 28.52 28.20 30.39
C GLU A 72 27.29 27.46 29.94
N LEU A 73 26.49 28.09 29.08
CA LEU A 73 25.28 27.48 28.58
C LEU A 73 25.60 26.42 27.54
N ARG A 74 24.75 25.41 27.45
CA ARG A 74 24.91 24.42 26.39
C ARG A 74 23.58 23.68 26.19
N TRP A 75 23.40 23.17 24.98
CA TRP A 75 22.21 22.41 24.64
C TRP A 75 22.37 20.96 25.06
N MET A 76 21.42 20.46 25.84
CA MET A 76 21.40 19.08 26.27
C MET A 76 20.09 18.43 25.85
N GLU A 77 20.17 17.19 25.38
CA GLU A 77 18.98 16.47 24.97
C GLU A 77 18.20 16.00 26.19
N ALA A 78 16.88 15.94 26.04
CA ALA A 78 16.02 15.61 27.16
C ALA A 78 14.91 14.63 26.82
N ALA A 79 14.80 14.16 25.58
CA ALA A 79 13.75 13.22 25.20
C ALA A 79 14.09 12.63 23.85
N ARG A 80 13.41 11.53 23.53
CA ARG A 80 13.59 10.89 22.24
C ARG A 80 12.31 10.15 21.87
N TRP A 81 12.10 9.97 20.56
CA TRP A 81 10.85 9.45 20.02
C TRP A 81 11.12 8.39 18.96
N VAL A 82 11.97 7.41 19.29
CA VAL A 82 12.25 6.32 18.34
C VAL A 82 10.97 5.55 18.02
N GLN A 83 10.39 4.90 19.03
CA GLN A 83 9.10 4.25 18.92
C GLN A 83 8.08 4.82 19.89
N LEU A 84 8.43 4.91 21.17
CA LEU A 84 7.63 5.58 22.17
C LEU A 84 8.51 6.53 22.95
N GLU A 85 7.92 7.62 23.43
CA GLU A 85 8.70 8.70 24.03
C GLU A 85 9.49 8.20 25.24
N GLU A 86 10.76 8.56 25.28
CA GLU A 86 11.64 8.26 26.39
C GLU A 86 12.26 9.54 26.91
N ASN A 87 12.41 9.63 28.23
CA ASN A 87 12.92 10.82 28.90
C ASN A 87 14.25 10.52 29.57
N LEU A 88 14.98 11.57 29.92
CA LEU A 88 16.29 11.46 30.56
C LEU A 88 16.19 11.99 31.98
N GLY A 89 16.63 11.19 32.94
CA GLY A 89 16.60 11.58 34.34
C GLY A 89 17.80 12.42 34.74
N GLU A 90 17.84 12.76 36.03
CA GLU A 90 18.95 13.56 36.56
C GLU A 90 20.22 12.73 36.71
N ASN A 91 20.08 11.44 37.02
CA ASN A 91 21.26 10.60 37.17
C ASN A 91 21.96 10.34 35.85
N GLY A 92 21.23 10.41 34.74
CA GLY A 92 21.78 10.19 33.43
C GLY A 92 21.35 8.91 32.72
N ALA A 93 20.23 8.33 33.10
CA ALA A 93 19.74 7.10 32.49
C ALA A 93 18.33 7.31 31.95
N TRP A 94 18.05 6.69 30.81
CA TRP A 94 16.75 6.82 30.19
C TRP A 94 15.70 6.02 30.95
N GLY A 95 14.50 6.59 31.07
CA GLY A 95 13.41 5.95 31.77
C GLY A 95 12.73 4.87 30.97
N ARG A 96 11.41 4.75 31.16
CA ARG A 96 10.66 3.70 30.49
C ARG A 96 9.84 4.26 29.35
N PRO A 97 9.74 3.53 28.24
CA PRO A 97 8.90 3.99 27.12
C PRO A 97 7.45 4.07 27.51
N HIS A 98 6.74 5.01 26.91
CA HIS A 98 5.32 5.21 27.17
C HIS A 98 4.71 6.00 26.03
N LEU A 99 3.38 6.03 25.99
CA LEU A 99 2.70 6.86 25.01
C LEU A 99 2.91 8.34 25.33
N SER A 100 2.65 9.17 24.33
CA SER A 100 2.87 10.61 24.44
C SER A 100 1.54 11.29 24.74
N HIS A 101 1.39 11.76 25.97
CA HIS A 101 0.23 12.55 26.38
C HIS A 101 0.60 14.03 26.37
N LEU A 102 -0.30 14.85 25.84
CA LEU A 102 -0.10 16.29 25.77
C LEU A 102 -0.97 16.99 26.80
N THR A 103 -0.81 18.31 26.89
CA THR A 103 -1.63 19.14 27.75
C THR A 103 -2.42 20.13 26.90
N PHE A 104 -3.51 20.63 27.46
CA PHE A 104 -4.37 21.56 26.74
C PHE A 104 -3.62 22.85 26.38
N TRP A 105 -2.90 23.42 27.35
CA TRP A 105 -2.21 24.68 27.12
C TRP A 105 -1.11 24.52 26.08
N SER A 106 -0.42 23.38 26.09
CA SER A 106 0.64 23.16 25.11
C SER A 106 0.09 23.22 23.69
N LEU A 107 -1.01 22.51 23.42
CA LEU A 107 -1.60 22.52 22.09
C LEU A 107 -2.15 23.88 21.73
N LEU A 108 -2.79 24.56 22.70
CA LEU A 108 -3.32 25.90 22.42
C LEU A 108 -2.23 26.87 22.03
N GLU A 109 -1.16 26.94 22.83
CA GLU A 109 -0.06 27.84 22.51
C GLU A 109 0.66 27.43 21.24
N LEU A 110 0.75 26.12 20.97
CA LEU A 110 1.39 25.66 19.74
C LEU A 110 0.62 26.13 18.53
N ARG A 111 -0.72 26.02 18.54
CA ARG A 111 -1.51 26.53 17.44
C ARG A 111 -1.37 28.05 17.32
N ARG A 112 -1.38 28.75 18.46
CA ARG A 112 -1.30 30.21 18.43
C ARG A 112 0.02 30.68 17.82
N VAL A 113 1.13 30.00 18.16
CA VAL A 113 2.43 30.40 17.62
C VAL A 113 2.66 29.84 16.22
N PHE A 114 1.95 28.79 15.83
CA PHE A 114 2.06 28.24 14.48
C PHE A 114 1.23 29.02 13.48
N THR A 115 0.23 29.77 13.94
CA THR A 115 -0.60 30.55 13.03
C THR A 115 0.21 31.60 12.28
N LYS A 116 1.12 32.27 13.00
CA LYS A 116 1.96 33.32 12.41
C LYS A 116 3.43 32.93 12.47
N GLY A 117 3.73 31.66 12.16
CA GLY A 117 5.10 31.18 12.20
C GLY A 117 5.86 31.48 10.93
N THR A 118 7.13 31.09 10.94
CA THR A 118 8.05 31.31 9.82
C THR A 118 8.50 29.97 9.28
N VAL A 119 8.39 29.79 7.96
CA VAL A 119 8.76 28.55 7.31
C VAL A 119 9.85 28.83 6.27
N LEU A 120 10.81 27.91 6.19
CA LEU A 120 11.89 27.94 5.20
C LEU A 120 11.96 26.56 4.57
N LEU A 121 11.24 26.37 3.48
CA LEU A 121 11.10 25.07 2.84
C LEU A 121 12.10 24.95 1.69
N ASP A 122 12.69 23.75 1.56
CA ASP A 122 13.67 23.45 0.52
C ASP A 122 14.90 24.36 0.63
N LEU A 123 15.43 24.45 1.86
CA LEU A 123 16.63 25.25 2.11
C LEU A 123 17.86 24.44 1.73
N GLN A 124 18.79 25.09 1.01
CA GLN A 124 20.00 24.43 0.51
C GLN A 124 21.16 24.80 1.42
N GLU A 125 21.32 24.04 2.50
CA GLU A 125 22.44 24.23 3.43
C GLU A 125 22.91 22.86 3.91
N THR A 126 24.16 22.83 4.38
CA THR A 126 24.75 21.60 4.89
C THR A 126 25.42 21.78 6.25
N SER A 127 25.26 22.94 6.88
CA SER A 127 25.85 23.19 8.19
C SER A 127 24.87 23.99 9.04
N LEU A 128 25.07 23.92 10.35
CA LEU A 128 24.19 24.63 11.27
C LEU A 128 24.34 26.13 11.17
N ALA A 129 25.54 26.62 10.85
CA ALA A 129 25.77 28.06 10.78
C ALA A 129 24.93 28.69 9.66
N GLY A 130 24.91 28.06 8.49
CA GLY A 130 24.12 28.60 7.40
C GLY A 130 22.63 28.58 7.69
N VAL A 131 22.15 27.47 8.26
CA VAL A 131 20.74 27.37 8.60
C VAL A 131 20.37 28.45 9.61
N ALA A 132 21.20 28.64 10.63
CA ALA A 132 20.93 29.66 11.63
C ALA A 132 20.92 31.05 11.03
N ASN A 133 21.89 31.35 10.15
CA ASN A 133 21.95 32.67 9.53
C ASN A 133 20.71 32.93 8.69
N GLN A 134 20.31 31.96 7.87
CA GLN A 134 19.12 32.15 7.04
C GLN A 134 17.86 32.30 7.88
N LEU A 135 17.74 31.51 8.95
CA LEU A 135 16.56 31.60 9.81
C LEU A 135 16.50 32.96 10.50
N LEU A 136 17.64 33.45 11.00
CA LEU A 136 17.65 34.78 11.61
C LEU A 136 17.32 35.87 10.61
N ASP A 137 17.84 35.75 9.38
CA ASP A 137 17.48 36.71 8.34
C ASP A 137 15.98 36.70 8.07
N ARG A 138 15.38 35.51 8.00
CA ARG A 138 13.95 35.42 7.77
C ARG A 138 13.15 36.01 8.92
N PHE A 139 13.59 35.76 10.16
CA PHE A 139 12.93 36.38 11.30
C PHE A 139 13.00 37.91 11.24
N ILE A 140 14.17 38.44 10.89
CA ILE A 140 14.32 39.90 10.80
C ILE A 140 13.44 40.45 9.69
N PHE A 141 13.29 39.70 8.60
CA PHE A 141 12.47 40.17 7.47
C PHE A 141 11.02 40.36 7.89
N GLU A 142 10.47 39.42 8.65
CA GLU A 142 9.05 39.41 8.98
C GLU A 142 8.76 40.06 10.33
N ASP A 143 9.73 40.79 10.90
CA ASP A 143 9.53 41.54 12.14
C ASP A 143 9.18 40.64 13.32
N GLN A 144 9.61 39.38 13.27
CA GLN A 144 9.42 38.50 14.41
C GLN A 144 10.29 38.92 15.58
N ILE A 145 11.52 39.37 15.31
CA ILE A 145 12.43 39.85 16.34
C ILE A 145 13.02 41.18 15.89
N ARG A 146 13.59 41.90 16.86
CA ARG A 146 14.19 43.19 16.61
C ARG A 146 15.57 43.03 15.97
N PRO A 147 16.02 44.04 15.20
CA PRO A 147 17.34 43.92 14.55
C PRO A 147 18.49 43.74 15.53
N GLN A 148 18.42 44.30 16.73
CA GLN A 148 19.52 44.20 17.68
C GLN A 148 19.52 42.90 18.48
N ASP A 149 18.53 42.04 18.30
CA ASP A 149 18.49 40.75 18.94
C ASP A 149 19.14 39.64 18.11
N ARG A 150 19.59 39.96 16.90
CA ARG A 150 20.15 38.93 16.02
C ARG A 150 21.44 38.36 16.56
N GLU A 151 22.32 39.22 17.10
CA GLU A 151 23.64 38.76 17.52
C GLU A 151 23.55 37.76 18.68
N GLU A 152 22.75 38.08 19.70
CA GLU A 152 22.64 37.20 20.85
C GLU A 152 22.03 35.86 20.48
N LEU A 153 20.97 35.88 19.66
CA LEU A 153 20.34 34.63 19.24
C LEU A 153 21.28 33.79 18.40
N LEU A 154 22.03 34.43 17.50
CA LEU A 154 22.99 33.69 16.67
C LEU A 154 24.09 33.08 17.53
N ARG A 155 24.58 33.82 18.51
CA ARG A 155 25.62 33.28 19.39
C ARG A 155 25.08 32.13 20.23
N ALA A 156 23.84 32.23 20.71
CA ALA A 156 23.28 31.17 21.53
C ALA A 156 22.99 29.91 20.70
N LEU A 157 22.57 30.09 19.44
CA LEU A 157 22.22 28.95 18.61
C LEU A 157 23.44 28.16 18.14
N LEU A 158 24.66 28.67 18.33
CA LEU A 158 25.86 28.01 17.84
C LEU A 158 26.70 27.42 18.96
N LEU A 159 26.11 27.23 20.14
CA LEU A 159 26.84 26.62 21.24
C LEU A 159 27.03 25.12 21.01
N LYS A 160 27.87 24.51 21.84
CA LYS A 160 28.16 23.09 21.69
C LYS A 160 26.97 22.25 22.13
N HIS A 161 26.72 21.17 21.41
CA HIS A 161 25.58 20.29 21.66
C HIS A 161 26.10 19.02 22.36
N SER A 162 25.88 18.94 23.66
CA SER A 162 26.31 17.79 24.43
C SER A 162 25.33 16.63 24.25
N HIS A 163 25.57 15.53 24.97
CA HIS A 163 24.71 14.36 24.91
C HIS A 163 24.61 13.76 26.31
N ALA A 164 24.03 12.56 26.38
CA ALA A 164 23.80 11.93 27.68
C ALA A 164 25.09 11.47 28.33
N GLY A 165 26.10 11.10 27.53
CA GLY A 165 27.32 10.55 28.09
C GLY A 165 28.07 11.54 28.96
N GLU A 166 28.15 12.80 28.52
CA GLU A 166 28.93 13.80 29.25
C GLU A 166 28.24 14.26 30.53
N LEU A 167 26.99 13.89 30.75
CA LEU A 167 26.23 14.40 31.89
C LEU A 167 26.94 14.08 33.21
N GLU A 168 27.40 12.83 33.37
CA GLU A 168 28.10 12.46 34.59
C GLU A 168 29.37 13.29 34.76
N ALA A 169 30.04 13.64 33.66
CA ALA A 169 31.22 14.47 33.74
C ALA A 169 30.92 15.92 34.07
N LEU A 170 29.65 16.33 33.98
CA LEU A 170 29.26 17.70 34.28
C LEU A 170 28.73 17.89 35.70
N GLY A 171 28.42 16.81 36.40
CA GLY A 171 27.95 16.93 37.77
C GLY A 171 26.53 17.43 37.91
N GLY A 172 25.72 17.31 36.85
CA GLY A 172 24.36 17.78 36.88
C GLY A 172 24.18 19.09 36.13
N VAL A 173 22.94 19.33 35.70
CA VAL A 173 22.59 20.52 34.93
C VAL A 173 21.30 21.11 35.49
N LYS A 174 21.14 22.42 35.27
CA LYS A 174 19.92 23.13 35.63
C LYS A 174 19.57 24.11 34.52
N PRO A 175 18.28 24.38 34.32
CA PRO A 175 17.88 25.28 33.25
C PRO A 175 18.38 26.70 33.46
N ALA A 176 18.56 27.42 32.36
CA ALA A 176 19.07 28.79 32.38
C ALA A 176 18.25 29.64 31.42
N VAL A 177 18.48 30.95 31.48
CA VAL A 177 17.78 31.92 30.65
C VAL A 177 18.80 32.91 30.09
N LEU A 178 18.59 33.33 28.85
CA LEU A 178 19.51 34.25 28.20
C LEU A 178 19.41 35.64 28.81
N THR A 179 20.43 36.46 28.54
CA THR A 179 20.46 37.84 29.01
C THR A 179 21.19 38.69 27.98
N ARG A 180 20.80 39.96 27.89
CA ARG A 180 21.42 40.87 26.93
C ARG A 180 22.90 41.04 27.20
N SER A 181 23.27 41.20 28.47
CA SER A 181 24.66 41.42 28.85
C SER A 181 25.56 40.22 28.59
N GLY A 182 24.98 39.05 28.30
CA GLY A 182 25.75 37.84 28.10
C GLY A 182 25.97 37.02 29.34
N ASP A 183 25.56 37.52 30.52
CA ASP A 183 25.70 36.77 31.75
C ASP A 183 24.37 36.13 32.09
N PRO A 184 24.26 34.80 32.03
CA PRO A 184 22.97 34.15 32.31
C PRO A 184 22.61 34.21 33.79
N SER A 185 21.31 33.99 34.06
CA SER A 185 20.78 34.01 35.41
C SER A 185 19.75 32.89 35.55
N GLN A 186 19.15 32.80 36.74
CA GLN A 186 18.14 31.78 37.01
C GLN A 186 16.75 32.28 36.61
N PRO A 187 15.86 31.39 36.18
CA PRO A 187 14.54 31.83 35.73
C PRO A 187 13.71 32.40 36.88
N LEU A 188 12.86 33.37 36.53
CA LEU A 188 11.94 33.98 37.48
C LEU A 188 10.57 33.31 37.38
N LEU A 189 10.56 32.00 37.62
CA LEU A 189 9.37 31.18 37.50
C LEU A 189 9.58 29.95 38.37
N PRO A 190 8.50 29.40 38.96
CA PRO A 190 8.64 28.17 39.78
C PRO A 190 9.36 27.05 39.05
N GLN A 191 10.46 26.58 39.62
CA GLN A 191 11.36 25.63 38.98
C GLN A 191 11.06 24.18 39.37
N HIS A 192 9.79 23.86 39.62
CA HIS A 192 9.42 22.49 39.95
C HIS A 192 9.68 21.58 38.76
N SER A 193 10.09 20.35 39.07
CA SER A 193 10.43 19.38 38.02
C SER A 193 9.19 18.99 37.22
N SER A 194 9.43 18.40 36.05
CA SER A 194 8.35 18.01 35.17
C SER A 194 7.64 16.77 35.70
N LEU A 195 6.45 16.51 35.15
CA LEU A 195 5.68 15.34 35.55
C LEU A 195 6.24 14.05 34.93
N GLU A 196 6.68 14.12 33.68
CA GLU A 196 7.20 12.94 33.00
C GLU A 196 8.44 12.40 33.72
N THR A 197 9.35 13.28 34.11
CA THR A 197 10.51 12.84 34.89
C THR A 197 10.06 12.20 36.19
N GLN A 198 9.22 12.89 36.97
CA GLN A 198 8.80 12.40 38.27
C GLN A 198 8.11 11.05 38.18
N LEU A 199 7.45 10.75 37.06
CA LEU A 199 6.66 9.54 36.95
C LEU A 199 7.31 8.46 36.09
N PHE A 200 8.46 8.75 35.45
CA PHE A 200 9.09 7.73 34.63
C PHE A 200 10.60 7.64 34.80
N CYS A 201 11.19 8.35 35.77
CA CYS A 201 12.64 8.29 35.95
C CYS A 201 13.03 7.71 37.29
N GLU A 202 12.48 8.23 38.39
CA GLU A 202 12.82 7.75 39.72
C GLU A 202 12.25 6.35 39.96
N HIS A 211 25.15 -1.45 25.95
CA HIS A 211 24.17 -2.22 25.18
C HIS A 211 23.07 -1.31 24.66
N SER A 212 22.92 -0.13 25.27
CA SER A 212 21.88 0.80 24.85
C SER A 212 22.09 1.32 23.44
N PRO A 213 23.27 1.81 23.02
CA PRO A 213 23.39 2.33 21.65
C PRO A 213 23.09 1.30 20.58
N SER A 214 23.58 0.07 20.73
CA SER A 214 23.30 -0.97 19.75
C SER A 214 21.80 -1.27 19.69
N GLY A 215 21.15 -1.33 20.85
CA GLY A 215 19.72 -1.58 20.88
C GLY A 215 18.93 -0.50 20.17
N ILE A 216 19.25 0.77 20.46
CA ILE A 216 18.51 1.86 19.83
C ILE A 216 18.82 1.95 18.34
N LEU A 217 20.03 1.55 17.93
CA LEU A 217 20.31 1.46 16.49
C LEU A 217 19.47 0.36 15.84
N GLU A 218 19.30 -0.77 16.53
CA GLU A 218 18.45 -1.84 15.99
C GLU A 218 17.00 -1.39 15.89
N LYS A 219 16.51 -0.65 16.89
CA LYS A 219 15.13 -0.19 16.86
C LYS A 219 14.89 0.80 15.71
N ILE A 220 15.88 1.64 15.42
CA ILE A 220 15.73 2.64 14.35
C ILE A 220 15.61 1.92 13.01
N PRO A 221 14.62 2.25 12.19
CA PRO A 221 14.48 1.60 10.88
C PRO A 221 15.71 1.87 10.01
N PRO A 222 15.92 1.06 8.97
CA PRO A 222 17.14 1.24 8.16
C PRO A 222 17.22 2.59 7.47
N ASP A 223 16.16 3.00 6.77
CA ASP A 223 16.14 4.26 6.03
C ASP A 223 15.18 5.22 6.72
N SER A 224 15.73 6.09 7.57
CA SER A 224 14.94 7.08 8.29
C SER A 224 15.74 8.38 8.39
N GLU A 225 15.03 9.49 8.50
CA GLU A 225 15.63 10.81 8.53
C GLU A 225 15.26 11.51 9.83
N ALA A 226 16.26 12.11 10.47
CA ALA A 226 16.09 12.63 11.82
C ALA A 226 15.43 14.02 11.81
N THR A 227 14.86 14.36 12.96
CA THR A 227 14.26 15.66 13.21
C THR A 227 14.75 16.17 14.55
N LEU A 228 15.15 17.43 14.60
CA LEU A 228 15.71 18.05 15.79
C LEU A 228 14.82 19.21 16.23
N VAL A 229 14.48 19.24 17.50
CA VAL A 229 13.68 20.32 18.10
C VAL A 229 14.53 20.96 19.19
N LEU A 230 14.64 22.28 19.16
CA LEU A 230 15.37 23.04 20.16
C LEU A 230 14.43 23.99 20.87
N VAL A 231 14.41 23.93 22.20
CA VAL A 231 13.56 24.80 22.99
C VAL A 231 14.44 25.63 23.92
N GLY A 232 13.97 26.83 24.23
CA GLY A 232 14.74 27.71 25.10
C GLY A 232 13.94 28.96 25.39
N ARG A 233 14.37 29.66 26.43
CA ARG A 233 13.73 30.89 26.89
C ARG A 233 14.71 32.04 26.84
N ALA A 234 14.28 33.14 26.23
CA ALA A 234 15.09 34.36 26.13
C ALA A 234 14.28 35.53 26.67
N ASP A 235 14.89 36.30 27.57
CA ASP A 235 14.18 37.38 28.24
C ASP A 235 14.10 38.66 27.42
N PHE A 236 15.04 38.87 26.50
CA PHE A 236 15.08 40.13 25.75
C PHE A 236 14.07 40.19 24.61
N LEU A 237 13.43 39.07 24.27
CA LEU A 237 12.42 39.07 23.22
C LEU A 237 11.12 39.65 23.76
N GLU A 238 10.11 39.75 22.89
CA GLU A 238 8.82 40.29 23.25
C GLU A 238 7.66 39.33 23.01
N GLN A 239 7.84 38.29 22.21
CA GLN A 239 6.78 37.33 21.94
C GLN A 239 7.40 36.02 21.52
N PRO A 240 6.72 34.90 21.73
CA PRO A 240 7.26 33.62 21.26
C PRO A 240 7.43 33.59 19.75
N VAL A 241 8.49 32.93 19.30
CA VAL A 241 8.81 32.83 17.89
C VAL A 241 9.02 31.36 17.53
N LEU A 242 8.48 30.97 16.37
CA LEU A 242 8.59 29.62 15.85
C LEU A 242 9.24 29.65 14.48
N GLY A 243 10.14 28.70 14.23
CA GLY A 243 10.80 28.57 12.95
C GLY A 243 10.86 27.12 12.50
N PHE A 244 10.32 26.85 11.31
CA PHE A 244 10.26 25.50 10.75
C PHE A 244 11.11 25.46 9.49
N VAL A 245 12.09 24.56 9.47
CA VAL A 245 13.04 24.46 8.36
C VAL A 245 13.05 23.03 7.86
N ARG A 246 13.02 22.87 6.53
CA ARG A 246 13.15 21.57 5.90
C ARG A 246 14.27 21.65 4.86
N LEU A 247 15.31 20.85 5.04
CA LEU A 247 16.43 20.87 4.11
C LEU A 247 16.06 20.24 2.78
N GLN A 248 16.74 20.67 1.72
CA GLN A 248 16.46 20.12 0.40
C GLN A 248 16.83 18.64 0.33
N GLU A 249 17.96 18.26 0.93
CA GLU A 249 18.35 16.88 1.05
C GLU A 249 18.94 16.64 2.43
N ALA A 250 18.84 15.40 2.91
CA ALA A 250 19.34 15.08 4.24
C ALA A 250 20.83 15.33 4.33
N ALA A 251 21.25 16.02 5.38
CA ALA A 251 22.65 16.36 5.59
C ALA A 251 23.05 16.01 7.02
N GLU A 252 24.30 15.56 7.18
CA GLU A 252 24.83 15.20 8.49
C GLU A 252 25.57 16.40 9.05
N LEU A 253 24.90 17.17 9.90
CA LEU A 253 25.50 18.35 10.50
C LEU A 253 26.66 17.94 11.41
N GLU A 254 27.78 18.64 11.29
CA GLU A 254 28.96 18.30 12.07
C GLU A 254 28.85 18.79 13.51
N ALA A 255 28.23 19.95 13.72
CA ALA A 255 28.19 20.53 15.05
C ALA A 255 27.42 19.65 16.03
N VAL A 256 26.26 19.14 15.60
CA VAL A 256 25.43 18.28 16.43
C VAL A 256 25.40 16.89 15.80
N GLU A 257 25.63 15.87 16.61
CA GLU A 257 25.76 14.50 16.14
C GLU A 257 24.49 13.71 16.43
N LEU A 258 23.95 13.06 15.39
CA LEU A 258 22.80 12.19 15.50
C LEU A 258 23.09 10.89 14.76
N PRO A 259 22.46 9.78 15.17
CA PRO A 259 22.68 8.52 14.45
C PRO A 259 22.28 8.55 12.99
N VAL A 260 21.25 9.33 12.64
CA VAL A 260 20.75 9.38 11.26
C VAL A 260 20.72 10.84 10.83
N PRO A 261 20.78 11.09 9.52
CA PRO A 261 20.88 12.48 9.05
C PRO A 261 19.62 13.28 9.32
N ILE A 262 19.80 14.60 9.43
CA ILE A 262 18.75 15.54 9.80
C ILE A 262 18.07 16.07 8.55
N ARG A 263 16.73 16.13 8.60
CA ARG A 263 15.94 16.67 7.50
C ARG A 263 15.13 17.89 7.93
N PHE A 264 14.47 17.83 9.07
CA PHE A 264 13.64 18.92 9.57
C PHE A 264 14.33 19.59 10.76
N LEU A 265 13.85 20.78 11.10
CA LEU A 265 14.43 21.52 12.22
C LEU A 265 13.38 22.49 12.76
N PHE A 266 13.18 22.44 14.07
CA PHE A 266 12.26 23.33 14.78
C PHE A 266 13.05 24.28 15.68
N VAL A 267 12.62 25.52 15.74
CA VAL A 267 13.15 26.49 16.70
C VAL A 267 11.98 27.15 17.41
N LEU A 268 11.96 27.06 18.74
CA LEU A 268 10.92 27.66 19.56
C LEU A 268 11.57 28.52 20.63
N LEU A 269 11.28 29.82 20.62
CA LEU A 269 11.87 30.73 21.59
C LEU A 269 10.80 31.68 22.11
N GLY A 270 11.17 32.46 23.13
CA GLY A 270 10.28 33.44 23.68
C GLY A 270 10.60 33.79 25.12
N PRO A 271 9.87 34.77 25.67
CA PRO A 271 10.09 35.16 27.06
C PRO A 271 9.23 34.36 28.03
N GLU A 272 9.30 34.70 29.32
CA GLU A 272 8.47 34.04 30.33
C GLU A 272 7.05 34.59 30.26
N ALA A 273 6.09 33.70 30.01
CA ALA A 273 4.69 34.08 29.91
C ALA A 273 3.85 33.08 30.67
N PRO A 274 2.72 33.51 31.23
CA PRO A 274 1.83 32.58 31.93
C PRO A 274 1.20 31.59 30.97
N HIS A 275 0.91 30.40 31.49
CA HIS A 275 0.28 29.32 30.73
C HIS A 275 1.14 28.89 29.54
N ILE A 276 2.45 29.07 29.64
CA ILE A 276 3.39 28.68 28.59
C ILE A 276 4.54 27.94 29.23
N ASP A 277 4.66 26.65 28.96
CA ASP A 277 5.79 25.84 29.37
C ASP A 277 6.46 25.31 28.11
N TYR A 278 7.72 25.68 27.89
CA TYR A 278 8.37 25.42 26.62
C TYR A 278 8.67 23.95 26.41
N THR A 279 8.93 23.21 27.50
CA THR A 279 9.17 21.77 27.36
C THR A 279 7.95 21.06 26.80
N GLN A 280 6.76 21.43 27.29
CA GLN A 280 5.53 20.83 26.78
C GLN A 280 5.28 21.25 25.33
N LEU A 281 5.64 22.48 24.96
CA LEU A 281 5.54 22.90 23.56
C LEU A 281 6.43 22.07 22.67
N GLY A 282 7.67 21.83 23.10
CA GLY A 282 8.56 20.97 22.33
C GLY A 282 8.05 19.55 22.22
N ARG A 283 7.48 19.03 23.31
CA ARG A 283 6.90 17.69 23.28
C ARG A 283 5.74 17.62 22.30
N ALA A 284 4.90 18.67 22.27
CA ALA A 284 3.81 18.71 21.31
C ALA A 284 4.31 18.74 19.88
N ALA A 285 5.35 19.53 19.62
CA ALA A 285 5.92 19.58 18.26
C ALA A 285 6.50 18.23 17.87
N ALA A 286 7.20 17.57 18.80
CA ALA A 286 7.73 16.23 18.52
C ALA A 286 6.60 15.24 18.24
N THR A 287 5.52 15.31 19.02
CA THR A 287 4.39 14.42 18.78
C THR A 287 3.76 14.66 17.41
N LEU A 288 3.67 15.92 17.00
CA LEU A 288 3.25 16.23 15.64
C LEU A 288 4.15 15.55 14.63
N MET A 289 5.46 15.72 14.78
CA MET A 289 6.39 15.18 13.79
C MET A 289 6.42 13.65 13.79
N SER A 290 5.97 13.01 14.87
CA SER A 290 6.00 11.56 14.94
C SER A 290 4.82 10.89 14.26
N GLU A 291 3.83 11.63 13.79
CA GLU A 291 2.67 11.03 13.15
C GLU A 291 2.89 10.90 11.64
N ARG A 292 2.24 9.90 11.06
CA ARG A 292 2.41 9.60 9.64
C ARG A 292 1.82 10.70 8.75
N VAL A 293 0.58 11.09 9.01
CA VAL A 293 -0.12 12.00 8.11
C VAL A 293 0.52 13.39 8.11
N PHE A 294 0.84 13.90 9.29
CA PHE A 294 1.44 15.23 9.35
C PHE A 294 2.82 15.25 8.74
N ARG A 295 3.60 14.18 8.92
CA ARG A 295 4.93 14.15 8.31
C ARG A 295 4.85 13.98 6.80
N ILE A 296 3.84 13.26 6.30
CA ILE A 296 3.62 13.19 4.86
C ILE A 296 3.29 14.57 4.31
N ASP A 297 2.39 15.29 4.98
CA ASP A 297 2.04 16.63 4.55
C ASP A 297 3.23 17.57 4.62
N ALA A 298 4.10 17.39 5.63
CA ALA A 298 5.29 18.22 5.74
C ALA A 298 6.29 17.91 4.62
N TYR A 299 6.39 16.65 4.22
CA TYR A 299 7.20 16.30 3.05
C TYR A 299 6.64 16.95 1.79
N MET A 300 5.32 16.96 1.63
CA MET A 300 4.71 17.47 0.42
C MET A 300 4.35 18.95 0.48
N ALA A 301 4.50 19.60 1.63
CA ALA A 301 4.09 20.98 1.78
C ALA A 301 4.95 21.91 0.94
N GLN A 302 4.36 23.02 0.52
CA GLN A 302 5.08 24.06 -0.20
C GLN A 302 4.86 25.46 0.36
N SER A 303 3.90 25.64 1.27
CA SER A 303 3.65 26.92 1.91
C SER A 303 3.20 26.67 3.34
N ARG A 304 2.82 27.74 4.03
CA ARG A 304 2.38 27.63 5.42
C ARG A 304 0.92 27.19 5.53
N GLY A 305 0.11 27.49 4.52
CA GLY A 305 -1.30 27.15 4.60
C GLY A 305 -1.55 25.66 4.67
N GLU A 306 -0.80 24.87 3.91
CA GLU A 306 -0.97 23.42 3.96
C GLU A 306 -0.59 22.86 5.33
N LEU A 307 0.49 23.37 5.92
CA LEU A 307 0.86 22.93 7.26
C LEU A 307 -0.19 23.32 8.29
N LEU A 308 -0.75 24.53 8.16
CA LEU A 308 -1.82 24.93 9.07
C LEU A 308 -3.04 24.03 8.93
N HIS A 309 -3.42 23.71 7.69
CA HIS A 309 -4.55 22.81 7.46
C HIS A 309 -4.29 21.43 8.05
N SER A 310 -3.06 20.93 7.90
CA SER A 310 -2.72 19.63 8.47
C SER A 310 -2.78 19.67 9.99
N LEU A 311 -2.34 20.78 10.60
CA LEU A 311 -2.44 20.91 12.05
C LEU A 311 -3.89 20.95 12.50
N GLU A 312 -4.75 21.64 11.75
CA GLU A 312 -6.18 21.64 12.07
C GLU A 312 -6.75 20.22 12.01
N GLY A 313 -6.39 19.47 10.96
CA GLY A 313 -6.83 18.09 10.87
C GLY A 313 -6.32 17.24 12.02
N PHE A 314 -5.08 17.50 12.45
CA PHE A 314 -4.53 16.81 13.62
C PHE A 314 -5.34 17.10 14.86
N LEU A 315 -5.72 18.37 15.06
CA LEU A 315 -6.49 18.74 16.24
C LEU A 315 -7.92 18.24 16.18
N ASP A 316 -8.47 18.01 14.98
CA ASP A 316 -9.83 17.52 14.87
C ASP A 316 -9.98 16.10 15.40
N CYS A 317 -8.94 15.27 15.25
CA CYS A 317 -9.00 13.85 15.60
C CYS A 317 -8.29 13.55 16.90
N SER A 318 -8.39 14.44 17.89
CA SER A 318 -7.87 14.20 19.22
C SER A 318 -9.01 14.32 20.24
N LEU A 319 -8.96 13.50 21.28
CA LEU A 319 -10.01 13.46 22.29
C LEU A 319 -9.42 13.73 23.66
N VAL A 320 -10.21 14.41 24.50
CA VAL A 320 -9.79 14.82 25.83
C VAL A 320 -10.51 13.98 26.87
N LEU A 321 -9.78 13.54 27.89
CA LEU A 321 -10.35 12.76 28.97
C LEU A 321 -10.41 13.61 30.23
N PRO A 322 -11.59 14.03 30.67
CA PRO A 322 -11.69 14.88 31.87
C PRO A 322 -11.38 14.09 33.12
N PRO A 323 -11.17 14.76 34.26
CA PRO A 323 -10.91 14.02 35.50
C PRO A 323 -12.13 13.27 36.00
N THR A 324 -12.10 11.95 35.90
CA THR A 324 -13.20 11.09 36.32
C THR A 324 -12.78 10.24 37.51
N ASP A 325 -13.71 10.00 38.42
CA ASP A 325 -13.43 9.25 39.64
C ASP A 325 -13.49 7.74 39.42
N ALA A 326 -13.71 7.28 38.20
CA ALA A 326 -13.76 5.86 37.92
C ALA A 326 -12.38 5.23 38.08
N PRO A 327 -12.31 3.92 38.23
CA PRO A 327 -11.00 3.24 38.28
C PRO A 327 -10.20 3.50 37.02
N SER A 328 -8.87 3.58 37.20
CA SER A 328 -7.99 4.04 36.13
C SER A 328 -8.03 3.09 34.94
N GLU A 329 -7.97 1.78 35.19
CA GLU A 329 -7.90 0.82 34.08
C GLU A 329 -9.16 0.87 33.22
N GLN A 330 -10.33 0.91 33.85
CA GLN A 330 -11.58 0.96 33.09
C GLN A 330 -11.69 2.25 32.30
N ALA A 331 -11.36 3.39 32.93
CA ALA A 331 -11.45 4.67 32.25
C ALA A 331 -10.50 4.74 31.06
N LEU A 332 -9.28 4.22 31.21
CA LEU A 332 -8.32 4.27 30.13
C LEU A 332 -8.63 3.26 29.03
N LEU A 333 -9.25 2.13 29.38
CA LEU A 333 -9.60 1.14 28.36
C LEU A 333 -10.92 1.44 27.67
N SER A 334 -11.74 2.34 28.21
CA SER A 334 -12.97 2.74 27.54
C SER A 334 -12.72 3.55 26.27
N LEU A 335 -11.49 4.01 26.04
CA LEU A 335 -11.19 4.90 24.93
C LEU A 335 -10.92 4.17 23.62
N VAL A 336 -10.79 2.84 23.65
CA VAL A 336 -10.37 2.12 22.45
C VAL A 336 -11.36 2.26 21.30
N PRO A 337 -12.66 2.03 21.48
CA PRO A 337 -13.56 2.16 20.32
C PRO A 337 -13.68 3.58 19.79
N VAL A 338 -13.77 4.56 20.67
CA VAL A 338 -13.88 5.96 20.23
C VAL A 338 -12.62 6.36 19.47
N GLN A 339 -11.45 6.01 19.99
CA GLN A 339 -10.20 6.33 19.31
C GLN A 339 -10.12 5.61 17.97
N ARG A 340 -10.56 4.35 17.92
CA ARG A 340 -10.55 3.62 16.65
C ARG A 340 -11.42 4.31 15.62
N GLU A 341 -12.62 4.76 16.02
CA GLU A 341 -13.48 5.48 15.10
C GLU A 341 -12.85 6.79 14.65
N LEU A 342 -12.23 7.52 15.57
CA LEU A 342 -11.60 8.79 15.20
C LEU A 342 -10.46 8.59 14.22
N LEU A 343 -9.62 7.58 14.45
CA LEU A 343 -8.54 7.29 13.51
C LEU A 343 -9.08 6.81 12.17
N ARG A 344 -10.14 6.00 12.17
CA ARG A 344 -10.75 5.62 10.89
C ARG A 344 -11.26 6.84 10.14
N ARG A 345 -11.75 7.85 10.87
CA ARG A 345 -12.12 9.11 10.24
C ARG A 345 -10.89 9.88 9.78
N ARG A 346 -9.74 9.65 10.43
CA ARG A 346 -8.53 10.38 10.09
C ARG A 346 -7.92 9.90 8.77
N TYR A 347 -7.90 8.59 8.56
CA TYR A 347 -7.19 8.00 7.43
C TYR A 347 -8.08 7.78 6.20
N GLN A 348 -9.34 8.22 6.24
CA GLN A 348 -10.26 7.88 5.16
C GLN A 348 -9.94 8.64 3.88
N SER A 349 -9.52 9.89 3.99
CA SER A 349 -9.31 10.71 2.80
C SER A 349 -7.96 10.42 2.15
N SER A 350 -6.87 10.75 2.87
CA SER A 350 -5.49 10.61 2.40
C SER A 350 -5.31 11.11 0.98
N PRO A 351 -5.91 12.25 0.61
CA PRO A 351 -5.68 12.79 -0.74
C PRO A 351 -4.55 13.80 -0.76
N ALA A 352 -3.63 13.67 -1.73
CA ALA A 352 -2.54 14.63 -1.87
C ALA A 352 -2.56 15.33 -3.23
N LYS A 353 -2.55 14.58 -4.34
CA LYS A 353 -2.49 15.16 -5.68
C LYS A 353 -2.68 14.07 -6.73
N PRO A 354 -3.27 14.39 -7.88
CA PRO A 354 -3.42 13.40 -8.94
C PRO A 354 -2.09 13.17 -9.66
N ASP A 355 -2.08 12.15 -10.51
CA ASP A 355 -0.88 11.77 -11.26
C ASP A 355 -0.66 12.78 -12.40
N SER A 356 -0.09 13.92 -12.03
CA SER A 356 0.23 14.99 -12.96
C SER A 356 1.73 15.05 -13.24
N SER A 357 2.37 13.89 -13.35
CA SER A 357 3.82 13.85 -13.50
C SER A 357 4.28 14.54 -14.78
N PHE A 358 3.58 14.30 -15.89
CA PHE A 358 3.93 14.94 -17.15
C PHE A 358 2.74 14.90 -18.09
N TYR A 359 2.52 16.01 -18.79
CA TYR A 359 1.48 16.09 -19.81
C TYR A 359 2.11 15.86 -21.19
N LYS A 360 2.47 14.61 -21.43
CA LYS A 360 3.15 14.22 -22.66
C LYS A 360 2.15 13.77 -23.72
N GLY A 361 2.43 14.13 -24.96
CA GLY A 361 1.63 13.68 -26.08
C GLY A 361 2.24 12.47 -26.77
N LEU A 362 3.58 12.45 -26.84
CA LEU A 362 4.40 11.34 -27.31
C LEU A 362 4.26 11.06 -28.80
N ASP A 363 3.39 11.78 -29.52
CA ASP A 363 3.23 11.69 -30.96
C ASP A 363 2.79 10.31 -31.44
N LEU A 364 2.47 9.41 -30.51
CA LEU A 364 2.04 8.06 -30.87
C LEU A 364 1.08 7.57 -29.78
N ASN A 365 -0.22 7.69 -30.04
CA ASN A 365 -1.23 7.30 -29.08
C ASN A 365 -1.59 5.82 -29.26
N GLY A 366 -2.55 5.36 -28.46
CA GLY A 366 -3.01 3.99 -28.51
C GLY A 366 -4.05 3.68 -29.56
N GLY A 367 -4.42 4.65 -30.40
CA GLY A 367 -5.40 4.45 -31.43
C GLY A 367 -5.00 3.36 -32.43
N PRO A 368 -3.83 3.51 -33.06
CA PRO A 368 -3.33 2.42 -33.92
C PRO A 368 -3.00 1.16 -33.17
N ASP A 369 -2.82 1.22 -31.84
CA ASP A 369 -2.47 0.04 -31.05
C ASP A 369 -3.68 -0.81 -30.67
N ASP A 370 -4.88 -0.40 -31.03
CA ASP A 370 -6.07 -1.19 -30.72
C ASP A 370 -6.08 -2.46 -31.57
N PRO A 371 -6.13 -3.64 -30.96
CA PRO A 371 -6.17 -4.87 -31.77
C PRO A 371 -7.38 -4.96 -32.68
N LEU A 372 -8.52 -4.42 -32.26
CA LEU A 372 -9.73 -4.40 -33.05
C LEU A 372 -10.17 -2.97 -33.27
N GLN A 373 -10.36 -2.59 -34.53
CA GLN A 373 -10.72 -1.24 -34.90
C GLN A 373 -11.03 -1.21 -36.39
N GLN A 374 -11.97 -0.35 -36.78
CA GLN A 374 -12.38 -0.22 -38.17
C GLN A 374 -11.32 0.54 -38.95
N THR A 375 -10.81 -0.08 -40.01
CA THR A 375 -9.82 0.55 -40.88
C THR A 375 -10.37 0.61 -42.30
N GLY A 376 -10.33 1.80 -42.90
CA GLY A 376 -10.89 1.99 -44.22
C GLY A 376 -10.17 1.28 -45.35
N GLN A 377 -9.25 0.39 -45.01
CA GLN A 377 -8.52 -0.40 -45.99
C GLN A 377 -8.98 -1.84 -45.92
N LEU A 378 -9.13 -2.47 -47.09
CA LEU A 378 -9.57 -3.85 -47.17
C LEU A 378 -8.52 -4.78 -46.57
N PHE A 379 -8.98 -5.77 -45.80
CA PHE A 379 -8.12 -6.78 -45.17
C PHE A 379 -7.11 -6.15 -44.21
N GLY A 380 -7.49 -5.06 -43.54
CA GLY A 380 -6.55 -4.37 -42.67
C GLY A 380 -6.18 -5.17 -41.44
N GLY A 381 -7.16 -5.83 -40.83
CA GLY A 381 -6.92 -6.53 -39.59
C GLY A 381 -5.89 -7.64 -39.72
N LEU A 382 -5.94 -8.38 -40.83
CA LEU A 382 -5.02 -9.50 -41.00
C LEU A 382 -3.57 -9.03 -41.03
N VAL A 383 -3.27 -8.06 -41.89
CA VAL A 383 -1.90 -7.57 -42.01
C VAL A 383 -1.48 -6.86 -40.72
N ARG A 384 -2.40 -6.16 -40.08
CA ARG A 384 -2.06 -5.49 -38.82
C ARG A 384 -1.66 -6.52 -37.76
N ASP A 385 -2.42 -7.61 -37.62
CA ASP A 385 -2.09 -8.63 -36.64
C ASP A 385 -0.79 -9.33 -37.00
N ILE A 386 -0.57 -9.60 -38.29
CA ILE A 386 0.67 -10.26 -38.71
C ILE A 386 1.88 -9.40 -38.34
N ARG A 387 1.82 -8.11 -38.69
CA ARG A 387 2.95 -7.23 -38.40
C ARG A 387 3.11 -6.99 -36.91
N ARG A 388 2.02 -7.09 -36.14
CA ARG A 388 2.13 -6.90 -34.70
C ARG A 388 2.74 -8.11 -34.01
N ARG A 389 2.45 -9.32 -34.49
CA ARG A 389 2.84 -10.52 -33.77
C ARG A 389 4.11 -11.18 -34.29
N TYR A 390 4.26 -11.34 -35.60
CA TYR A 390 5.35 -12.15 -36.12
C TYR A 390 6.77 -11.69 -35.74
N PRO A 391 7.05 -10.39 -35.50
CA PRO A 391 8.39 -10.02 -35.03
C PRO A 391 8.81 -10.64 -33.71
N TYR A 392 7.92 -11.38 -33.05
CA TYR A 392 8.24 -12.03 -31.78
C TYR A 392 8.49 -13.53 -31.92
N TYR A 393 8.72 -14.00 -33.15
CA TYR A 393 8.75 -15.44 -33.39
C TYR A 393 9.97 -16.11 -32.76
N LEU A 394 11.15 -15.49 -32.91
CA LEU A 394 12.35 -16.06 -32.30
C LEU A 394 12.26 -16.07 -30.79
N SER A 395 11.74 -14.99 -30.20
CA SER A 395 11.56 -14.95 -28.76
C SER A 395 10.58 -16.02 -28.30
N ASP A 396 9.50 -16.23 -29.04
CA ASP A 396 8.53 -17.25 -28.69
C ASP A 396 9.15 -18.64 -28.76
N ILE A 397 9.99 -18.88 -29.77
CA ILE A 397 10.65 -20.18 -29.88
C ILE A 397 11.64 -20.38 -28.73
N THR A 398 12.40 -19.34 -28.39
CA THR A 398 13.47 -19.48 -27.40
C THR A 398 12.92 -19.61 -25.98
N ASP A 399 11.87 -18.85 -25.64
CA ASP A 399 11.40 -18.74 -24.26
C ASP A 399 10.78 -20.04 -23.71
N ALA A 400 10.82 -21.18 -24.39
CA ALA A 400 10.20 -22.42 -23.92
C ALA A 400 11.22 -23.40 -23.35
N PHE A 401 12.28 -22.91 -22.71
CA PHE A 401 13.32 -23.78 -22.16
C PHE A 401 13.16 -24.02 -20.66
N SER A 402 12.07 -23.55 -20.06
CA SER A 402 11.87 -23.76 -18.63
C SER A 402 11.13 -25.07 -18.37
N PRO A 403 11.34 -25.69 -17.21
CA PRO A 403 10.61 -26.94 -16.90
C PRO A 403 9.11 -26.73 -16.71
N GLN A 404 8.68 -25.51 -16.37
CA GLN A 404 7.25 -25.24 -16.26
C GLN A 404 6.54 -25.51 -17.57
N VAL A 405 7.20 -25.28 -18.70
CA VAL A 405 6.62 -25.60 -19.99
C VAL A 405 6.40 -27.10 -20.11
N LEU A 406 7.37 -27.90 -19.65
CA LEU A 406 7.22 -29.35 -19.69
C LEU A 406 6.06 -29.81 -18.81
N ALA A 407 5.94 -29.23 -17.61
CA ALA A 407 4.82 -29.60 -16.74
C ALA A 407 3.48 -29.24 -17.37
N ALA A 408 3.40 -28.05 -17.98
CA ALA A 408 2.16 -27.65 -18.65
C ALA A 408 1.85 -28.58 -19.82
N VAL A 409 2.88 -29.01 -20.55
CA VAL A 409 2.66 -29.95 -21.65
C VAL A 409 2.07 -31.24 -21.12
N ILE A 410 2.66 -31.78 -20.05
CA ILE A 410 2.19 -33.04 -19.50
C ILE A 410 0.75 -32.92 -19.00
N PHE A 411 0.41 -31.76 -18.43
CA PHE A 411 -0.95 -31.54 -17.93
C PHE A 411 -1.96 -31.45 -19.08
N ILE A 412 -1.72 -30.52 -20.02
CA ILE A 412 -2.65 -30.29 -21.11
C ILE A 412 -2.76 -31.50 -22.02
N TYR A 413 -1.75 -32.36 -22.08
CA TYR A 413 -1.85 -33.54 -22.92
C TYR A 413 -3.02 -34.41 -22.49
N PHE A 414 -3.09 -34.76 -21.21
CA PHE A 414 -4.23 -35.53 -20.70
C PHE A 414 -5.51 -34.72 -20.79
N ALA A 415 -5.44 -33.42 -20.40
CA ALA A 415 -6.63 -32.58 -20.39
C ALA A 415 -7.28 -32.49 -21.77
N ALA A 416 -6.49 -32.65 -22.83
CA ALA A 416 -7.02 -32.61 -24.19
C ALA A 416 -7.28 -34.00 -24.77
N LEU A 417 -6.57 -35.02 -24.29
CA LEU A 417 -6.76 -36.37 -24.84
C LEU A 417 -8.06 -36.98 -24.34
N SER A 418 -8.38 -36.82 -23.06
CA SER A 418 -9.57 -37.49 -22.52
C SER A 418 -10.87 -37.03 -23.18
N PRO A 419 -11.20 -35.73 -23.26
CA PRO A 419 -12.46 -35.34 -23.90
C PRO A 419 -12.54 -35.73 -25.36
N ALA A 420 -11.41 -35.74 -26.07
CA ALA A 420 -11.43 -36.14 -27.47
C ALA A 420 -11.90 -37.59 -27.62
N ILE A 421 -11.35 -38.49 -26.78
CA ILE A 421 -11.75 -39.89 -26.84
C ILE A 421 -13.22 -40.04 -26.47
N THR A 422 -13.65 -39.36 -25.39
CA THR A 422 -15.04 -39.50 -24.96
C THR A 422 -16.01 -39.03 -26.05
N PHE A 423 -15.76 -37.84 -26.60
CA PHE A 423 -16.64 -37.30 -27.63
C PHE A 423 -16.60 -38.14 -28.89
N GLY A 424 -15.43 -38.65 -29.27
CA GLY A 424 -15.35 -39.51 -30.43
C GLY A 424 -16.15 -40.78 -30.27
N GLY A 425 -16.06 -41.41 -29.10
CA GLY A 425 -16.87 -42.60 -28.85
C GLY A 425 -18.36 -42.30 -28.89
N LEU A 426 -18.78 -41.19 -28.27
CA LEU A 426 -20.20 -40.86 -28.29
C LEU A 426 -20.68 -40.58 -29.72
N LEU A 427 -19.88 -39.85 -30.50
CA LEU A 427 -20.25 -39.55 -31.88
C LEU A 427 -20.32 -40.84 -32.71
N GLY A 428 -19.38 -41.75 -32.51
CA GLY A 428 -19.42 -43.01 -33.24
C GLY A 428 -20.64 -43.84 -32.89
N GLU A 429 -21.00 -43.90 -31.62
CA GLU A 429 -22.21 -44.64 -31.24
C GLU A 429 -23.48 -43.91 -31.62
N LYS A 430 -23.41 -42.62 -31.95
CA LYS A 430 -24.61 -41.87 -32.32
C LYS A 430 -24.89 -41.85 -33.81
N THR A 431 -23.84 -41.78 -34.65
CA THR A 431 -24.00 -41.61 -36.08
C THR A 431 -23.65 -42.87 -36.87
N ARG A 432 -23.87 -44.04 -36.27
CA ARG A 432 -23.65 -45.33 -36.93
C ARG A 432 -22.23 -45.46 -37.46
N ASN A 433 -21.26 -44.98 -36.67
CA ASN A 433 -19.83 -45.14 -36.93
C ASN A 433 -19.38 -44.49 -38.24
N GLN A 434 -20.14 -43.52 -38.75
CA GLN A 434 -19.63 -42.72 -39.87
C GLN A 434 -18.42 -41.91 -39.45
N MET A 435 -18.45 -41.36 -38.23
CA MET A 435 -17.34 -40.60 -37.68
C MET A 435 -17.04 -41.12 -36.28
N GLY A 436 -15.76 -41.35 -36.00
CA GLY A 436 -15.37 -42.05 -34.78
C GLY A 436 -14.28 -41.29 -34.02
N VAL A 437 -13.38 -42.08 -33.43
CA VAL A 437 -12.33 -41.54 -32.57
C VAL A 437 -11.07 -41.20 -33.36
N SER A 438 -10.68 -42.06 -34.30
CA SER A 438 -9.44 -41.84 -35.05
C SER A 438 -9.51 -40.56 -35.87
N GLU A 439 -10.66 -40.30 -36.51
CA GLU A 439 -10.82 -39.09 -37.29
C GLU A 439 -10.67 -37.86 -36.40
N LEU A 440 -11.31 -37.87 -35.24
CA LEU A 440 -11.22 -36.74 -34.32
C LEU A 440 -9.78 -36.53 -33.85
N LEU A 441 -9.09 -37.61 -33.52
CA LEU A 441 -7.71 -37.49 -33.06
C LEU A 441 -6.81 -36.90 -34.14
N ILE A 442 -6.93 -37.41 -35.37
CA ILE A 442 -6.10 -36.92 -36.46
C ILE A 442 -6.38 -35.46 -36.76
N SER A 443 -7.66 -35.09 -36.81
CA SER A 443 -8.01 -33.69 -37.07
C SER A 443 -7.49 -32.78 -35.96
N THR A 444 -7.64 -33.19 -34.70
CA THR A 444 -7.16 -32.38 -33.60
C THR A 444 -5.65 -32.19 -33.68
N ALA A 445 -4.91 -33.28 -33.96
CA ALA A 445 -3.46 -33.17 -34.05
C ALA A 445 -3.04 -32.24 -35.18
N VAL A 446 -3.65 -32.40 -36.35
CA VAL A 446 -3.24 -31.61 -37.50
C VAL A 446 -3.57 -30.14 -37.29
N GLN A 447 -4.78 -29.83 -36.82
CA GLN A 447 -5.13 -28.43 -36.63
C GLN A 447 -4.47 -27.83 -35.40
N GLY A 448 -3.92 -28.64 -34.51
CA GLY A 448 -3.15 -28.10 -33.41
C GLY A 448 -1.76 -27.74 -33.89
N ILE A 449 -1.15 -28.61 -34.69
CA ILE A 449 0.16 -28.31 -35.24
C ILE A 449 0.08 -27.05 -36.09
N LEU A 450 -0.91 -26.98 -36.98
CA LEU A 450 -1.04 -25.83 -37.87
C LEU A 450 -1.35 -24.55 -37.09
N PHE A 451 -2.23 -24.62 -36.08
CA PHE A 451 -2.57 -23.41 -35.34
C PHE A 451 -1.39 -22.93 -34.51
N ALA A 452 -0.60 -23.86 -33.96
CA ALA A 452 0.58 -23.46 -33.20
C ALA A 452 1.64 -22.85 -34.12
N LEU A 453 1.81 -23.38 -35.33
CA LEU A 453 2.84 -22.86 -36.22
C LEU A 453 2.45 -21.51 -36.81
N LEU A 454 1.20 -21.36 -37.27
CA LEU A 454 0.80 -20.17 -38.02
C LEU A 454 -0.16 -19.26 -37.27
N GLY A 455 -0.44 -19.54 -36.00
CA GLY A 455 -1.41 -18.75 -35.28
C GLY A 455 -0.82 -17.49 -34.67
N ALA A 456 -1.71 -16.57 -34.32
CA ALA A 456 -1.33 -15.33 -33.66
C ALA A 456 -1.30 -15.48 -32.14
N GLN A 457 -2.25 -16.22 -31.59
CA GLN A 457 -2.31 -16.48 -30.15
C GLN A 457 -2.09 -17.96 -29.92
N PRO A 458 -0.86 -18.39 -29.59
CA PRO A 458 -0.57 -19.82 -29.45
C PRO A 458 -0.95 -20.41 -28.10
N LEU A 459 -1.69 -19.69 -27.26
CA LEU A 459 -2.15 -20.23 -25.98
C LEU A 459 -3.53 -20.87 -26.07
N LEU A 460 -4.19 -20.80 -27.23
CA LEU A 460 -5.48 -21.43 -27.40
C LEU A 460 -5.32 -22.92 -27.69
N VAL A 461 -6.32 -23.69 -27.28
CA VAL A 461 -6.37 -25.13 -27.49
C VAL A 461 -7.61 -25.44 -28.31
N VAL A 462 -7.43 -26.08 -29.45
CA VAL A 462 -8.52 -26.42 -30.35
C VAL A 462 -9.00 -27.83 -30.05
N GLY A 463 -10.31 -28.04 -30.15
CA GLY A 463 -10.87 -29.35 -29.91
C GLY A 463 -12.37 -29.35 -30.12
N PHE A 464 -12.95 -30.54 -30.05
CA PHE A 464 -14.39 -30.70 -30.21
C PHE A 464 -15.13 -30.23 -28.97
N SER A 465 -16.39 -29.84 -29.18
CA SER A 465 -17.20 -29.28 -28.10
C SER A 465 -18.57 -29.93 -28.03
N GLY A 466 -19.45 -29.38 -27.21
CA GLY A 466 -20.78 -29.91 -27.01
C GLY A 466 -21.82 -29.44 -28.02
N PRO A 467 -21.92 -28.12 -28.21
CA PRO A 467 -22.86 -27.62 -29.24
C PRO A 467 -22.59 -28.18 -30.63
N LEU A 468 -21.32 -28.38 -30.97
CA LEU A 468 -21.01 -29.03 -32.25
C LEU A 468 -21.57 -30.44 -32.30
N LEU A 469 -21.48 -31.17 -31.19
CA LEU A 469 -22.06 -32.51 -31.14
C LEU A 469 -23.57 -32.46 -31.29
N VAL A 470 -24.23 -31.49 -30.65
CA VAL A 470 -25.68 -31.35 -30.79
C VAL A 470 -26.03 -31.06 -32.24
N PHE A 471 -25.18 -30.29 -32.92
CA PHE A 471 -25.39 -30.00 -34.33
C PHE A 471 -25.30 -31.29 -35.14
N GLU A 472 -24.16 -31.99 -35.03
CA GLU A 472 -23.96 -33.19 -35.84
C GLU A 472 -25.11 -34.17 -35.63
N GLU A 473 -25.61 -34.27 -34.39
CA GLU A 473 -26.77 -35.12 -34.13
C GLU A 473 -27.98 -34.64 -34.92
N ALA A 474 -28.46 -33.43 -34.60
CA ALA A 474 -29.65 -32.90 -35.25
C ALA A 474 -29.57 -33.06 -36.77
N PHE A 475 -28.40 -32.75 -37.35
CA PHE A 475 -28.20 -32.85 -38.79
C PHE A 475 -28.30 -34.29 -39.28
N PHE A 476 -27.73 -35.24 -38.53
CA PHE A 476 -27.84 -36.63 -38.93
C PHE A 476 -29.29 -37.08 -38.90
N SER A 477 -30.03 -36.66 -37.87
CA SER A 477 -31.45 -37.00 -37.80
C SER A 477 -32.22 -36.44 -38.99
N PHE A 478 -31.94 -35.17 -39.34
CA PHE A 478 -32.61 -34.55 -40.47
C PHE A 478 -32.29 -35.28 -41.77
N CYS A 479 -31.02 -35.60 -41.99
CA CYS A 479 -30.62 -36.28 -43.22
C CYS A 479 -31.23 -37.68 -43.30
N GLU A 480 -31.28 -38.39 -42.16
CA GLU A 480 -31.91 -39.70 -42.15
C GLU A 480 -33.40 -39.61 -42.45
N THR A 481 -34.07 -38.59 -41.91
CA THR A 481 -35.49 -38.40 -42.17
C THR A 481 -35.73 -38.11 -43.64
N ASN A 482 -34.93 -37.22 -44.24
CA ASN A 482 -35.17 -36.80 -45.62
C ASN A 482 -34.64 -37.79 -46.64
N GLY A 483 -33.84 -38.77 -46.21
CA GLY A 483 -33.31 -39.78 -47.11
C GLY A 483 -32.06 -39.40 -47.86
N LEU A 484 -31.37 -38.34 -47.44
CA LEU A 484 -30.12 -37.93 -48.06
C LEU A 484 -28.93 -38.46 -47.28
N GLU A 485 -27.77 -38.47 -47.92
CA GLU A 485 -26.55 -38.87 -47.25
C GLU A 485 -26.14 -37.83 -46.22
N TYR A 486 -25.43 -38.28 -45.19
CA TYR A 486 -25.00 -37.42 -44.11
C TYR A 486 -23.58 -36.90 -44.29
N ILE A 487 -22.64 -37.78 -44.66
CA ILE A 487 -21.23 -37.39 -44.71
C ILE A 487 -20.92 -36.51 -45.92
N VAL A 488 -21.84 -36.41 -46.88
CA VAL A 488 -21.58 -35.61 -48.07
C VAL A 488 -21.92 -34.15 -47.82
N GLY A 489 -23.05 -33.87 -47.18
CA GLY A 489 -23.47 -32.50 -46.94
C GLY A 489 -22.50 -31.70 -46.10
N ARG A 490 -21.69 -32.37 -45.28
CA ARG A 490 -20.68 -31.68 -44.49
C ARG A 490 -19.66 -31.00 -45.39
N VAL A 491 -19.37 -31.57 -46.56
CA VAL A 491 -18.46 -30.94 -47.50
C VAL A 491 -19.01 -29.60 -47.97
N TRP A 492 -20.30 -29.58 -48.31
CA TRP A 492 -20.93 -28.34 -48.77
C TRP A 492 -21.00 -27.32 -47.63
N ILE A 493 -21.27 -27.79 -46.42
CA ILE A 493 -21.28 -26.90 -45.26
C ILE A 493 -19.90 -26.28 -45.08
N GLY A 494 -18.84 -27.09 -45.25
CA GLY A 494 -17.49 -26.55 -45.15
C GLY A 494 -17.17 -25.54 -46.24
N PHE A 495 -17.64 -25.80 -47.47
CA PHE A 495 -17.42 -24.85 -48.55
C PHE A 495 -18.09 -23.51 -48.23
N TRP A 496 -19.33 -23.56 -47.76
CA TRP A 496 -20.02 -22.33 -47.39
C TRP A 496 -19.33 -21.64 -46.21
N LEU A 497 -18.81 -22.42 -45.27
CA LEU A 497 -18.06 -21.84 -44.16
C LEU A 497 -16.83 -21.09 -44.65
N ILE A 498 -16.08 -21.70 -45.58
CA ILE A 498 -14.89 -21.06 -46.12
C ILE A 498 -15.27 -19.75 -46.82
N LEU A 499 -16.30 -19.80 -47.66
CA LEU A 499 -16.71 -18.59 -48.37
C LEU A 499 -17.15 -17.50 -47.41
N LEU A 500 -17.95 -17.87 -46.40
CA LEU A 500 -18.47 -16.88 -45.46
C LEU A 500 -17.35 -16.28 -44.61
N VAL A 501 -16.40 -17.10 -44.17
CA VAL A 501 -15.32 -16.57 -43.33
C VAL A 501 -14.41 -15.67 -44.17
N VAL A 502 -14.18 -16.02 -45.44
CA VAL A 502 -13.38 -15.14 -46.30
C VAL A 502 -14.10 -13.80 -46.48
N LEU A 503 -15.41 -13.85 -46.71
CA LEU A 503 -16.17 -12.61 -46.86
C LEU A 503 -16.14 -11.76 -45.60
N VAL A 504 -16.26 -12.41 -44.43
CA VAL A 504 -16.29 -11.67 -43.17
C VAL A 504 -14.94 -11.04 -42.88
N VAL A 505 -13.85 -11.82 -43.02
CA VAL A 505 -12.52 -11.29 -42.77
C VAL A 505 -12.18 -10.19 -43.78
N ALA A 506 -12.77 -10.26 -44.98
CA ALA A 506 -12.52 -9.22 -45.97
C ALA A 506 -13.01 -7.86 -45.48
N PHE A 507 -14.16 -7.82 -44.81
CA PHE A 507 -14.73 -6.58 -44.32
C PHE A 507 -14.51 -6.37 -42.82
N GLU A 508 -13.46 -6.99 -42.26
CA GLU A 508 -13.06 -6.86 -40.86
C GLU A 508 -14.24 -6.84 -39.89
N GLY A 509 -15.22 -7.72 -40.10
CA GLY A 509 -16.43 -7.70 -39.31
C GLY A 509 -16.30 -8.28 -37.92
N SER A 510 -15.08 -8.30 -37.38
CA SER A 510 -14.85 -8.77 -36.02
C SER A 510 -14.90 -7.65 -34.98
N PHE A 511 -14.95 -6.39 -35.42
CA PHE A 511 -14.98 -5.28 -34.47
C PHE A 511 -16.20 -5.32 -33.56
N LEU A 512 -17.24 -6.08 -33.95
CA LEU A 512 -18.40 -6.24 -33.08
C LEU A 512 -18.04 -6.84 -31.73
N VAL A 513 -16.90 -7.54 -31.65
CA VAL A 513 -16.43 -8.07 -30.38
C VAL A 513 -16.22 -6.96 -29.35
N ARG A 514 -16.05 -5.72 -29.82
CA ARG A 514 -15.91 -4.59 -28.90
C ARG A 514 -17.18 -4.39 -28.07
N PHE A 515 -18.34 -4.75 -28.61
CA PHE A 515 -19.59 -4.50 -27.90
C PHE A 515 -19.84 -5.49 -26.76
N ILE A 516 -19.13 -6.61 -26.74
CA ILE A 516 -19.31 -7.59 -25.68
C ILE A 516 -18.55 -7.14 -24.44
N SER A 517 -19.30 -6.86 -23.37
CA SER A 517 -18.72 -6.33 -22.14
C SER A 517 -18.39 -7.47 -21.18
N ARG A 518 -18.07 -7.12 -19.93
CA ARG A 518 -17.75 -8.12 -18.93
C ARG A 518 -18.95 -8.98 -18.56
N TYR A 519 -20.16 -8.42 -18.68
CA TYR A 519 -21.39 -9.13 -18.34
C TYR A 519 -21.45 -10.51 -18.99
N THR A 520 -21.45 -10.53 -20.32
CA THR A 520 -21.61 -11.78 -21.06
C THR A 520 -20.42 -12.71 -20.84
N GLN A 521 -19.21 -12.16 -20.74
CA GLN A 521 -18.04 -13.00 -20.51
C GLN A 521 -18.15 -13.75 -19.19
N GLU A 522 -18.54 -13.04 -18.13
CA GLU A 522 -18.66 -13.69 -16.82
C GLU A 522 -19.78 -14.73 -16.84
N ILE A 523 -20.93 -14.39 -17.43
CA ILE A 523 -22.03 -15.36 -17.49
C ILE A 523 -21.59 -16.62 -18.23
N PHE A 524 -20.94 -16.44 -19.38
CA PHE A 524 -20.51 -17.57 -20.20
C PHE A 524 -19.51 -18.45 -19.45
N SER A 525 -18.49 -17.84 -18.85
CA SER A 525 -17.47 -18.61 -18.15
C SER A 525 -18.07 -19.36 -16.96
N PHE A 526 -18.92 -18.68 -16.18
CA PHE A 526 -19.53 -19.32 -15.02
C PHE A 526 -20.37 -20.53 -15.45
N LEU A 527 -21.20 -20.36 -16.48
CA LEU A 527 -22.05 -21.46 -16.93
C LEU A 527 -21.21 -22.63 -17.44
N ILE A 528 -20.15 -22.34 -18.21
CA ILE A 528 -19.33 -23.41 -18.76
C ILE A 528 -18.66 -24.20 -17.64
N SER A 529 -18.08 -23.50 -16.67
CA SER A 529 -17.42 -24.21 -15.56
C SER A 529 -18.41 -25.03 -14.75
N LEU A 530 -19.60 -24.47 -14.50
CA LEU A 530 -20.60 -25.19 -13.72
C LEU A 530 -21.06 -26.45 -14.44
N ILE A 531 -21.26 -26.37 -15.75
CA ILE A 531 -21.64 -27.55 -16.51
C ILE A 531 -20.52 -28.58 -16.52
N PHE A 532 -19.26 -28.13 -16.60
CA PHE A 532 -18.14 -29.05 -16.53
C PHE A 532 -18.14 -29.85 -15.23
N ILE A 533 -18.30 -29.16 -14.10
CA ILE A 533 -18.32 -29.84 -12.81
C ILE A 533 -19.50 -30.79 -12.72
N TYR A 534 -20.68 -30.35 -13.20
CA TYR A 534 -21.86 -31.20 -13.15
C TYR A 534 -21.65 -32.47 -13.98
N GLU A 535 -21.03 -32.35 -15.15
CA GLU A 535 -20.79 -33.52 -15.99
C GLU A 535 -19.82 -34.49 -15.32
N THR A 536 -18.77 -33.98 -14.67
CA THR A 536 -17.85 -34.86 -13.97
C THR A 536 -18.57 -35.65 -12.88
N PHE A 537 -19.36 -34.95 -12.06
CA PHE A 537 -20.09 -35.65 -11.01
C PHE A 537 -21.12 -36.62 -11.57
N SER A 538 -21.72 -36.29 -12.72
CA SER A 538 -22.65 -37.21 -13.37
C SER A 538 -21.94 -38.48 -13.82
N LYS A 539 -20.72 -38.34 -14.34
CA LYS A 539 -19.93 -39.53 -14.69
C LYS A 539 -19.69 -40.40 -13.48
N LEU A 540 -19.33 -39.78 -12.35
CA LEU A 540 -19.10 -40.56 -11.13
C LEU A 540 -20.38 -41.29 -10.69
N ILE A 541 -21.52 -40.59 -10.74
CA ILE A 541 -22.79 -41.20 -10.34
C ILE A 541 -23.14 -42.35 -11.28
N LYS A 542 -22.85 -42.20 -12.57
CA LYS A 542 -23.07 -43.29 -13.52
C LYS A 542 -22.21 -44.50 -13.17
N ILE A 543 -20.94 -44.27 -12.82
CA ILE A 543 -20.07 -45.37 -12.42
C ILE A 543 -20.65 -46.10 -11.21
N PHE A 544 -21.17 -45.34 -10.23
CA PHE A 544 -21.85 -45.98 -9.11
C PHE A 544 -23.08 -46.76 -9.56
N GLN A 545 -23.86 -46.21 -10.49
CA GLN A 545 -25.09 -46.88 -10.92
C GLN A 545 -24.80 -48.17 -11.66
N ASP A 546 -23.65 -48.28 -12.32
CA ASP A 546 -23.36 -49.49 -13.08
C ASP A 546 -23.02 -50.68 -12.19
N HIS A 547 -22.40 -50.44 -11.04
CA HIS A 547 -21.98 -51.50 -10.11
C HIS A 547 -22.49 -51.19 -8.71
N PRO A 548 -23.74 -51.54 -8.41
CA PRO A 548 -24.31 -51.18 -7.12
C PRO A 548 -23.71 -51.97 -5.96
N LEU A 549 -24.11 -51.64 -4.74
CA LEU A 549 -23.62 -52.30 -3.53
C LEU A 549 -24.65 -53.33 -3.10
N GLN A 550 -24.36 -54.61 -3.31
CA GLN A 550 -25.26 -55.70 -3.01
C GLN A 550 -24.59 -56.68 -2.04
N LYS A 551 -25.31 -57.75 -1.73
CA LYS A 551 -24.80 -58.80 -0.85
C LYS A 551 -24.15 -59.94 -1.61
N THR A 552 -24.64 -60.25 -2.81
CA THR A 552 -24.12 -61.35 -3.62
C THR A 552 -23.86 -60.87 -5.04
N TYR A 553 -22.82 -61.44 -5.65
CA TYR A 553 -22.45 -61.13 -7.03
C TYR A 553 -22.27 -62.42 -7.81
N ASN A 554 -22.62 -62.37 -9.10
CA ASN A 554 -22.35 -63.49 -9.98
C ASN A 554 -20.85 -63.63 -10.22
N TYR A 555 -20.37 -64.87 -10.18
CA TYR A 555 -18.94 -65.14 -10.22
C TYR A 555 -18.48 -65.72 -11.54
N ASN A 556 -19.34 -65.75 -12.55
CA ASN A 556 -18.97 -66.10 -13.93
C ASN A 556 -19.58 -65.03 -14.82
N VAL A 557 -18.86 -63.93 -15.01
CA VAL A 557 -19.32 -62.79 -15.80
C VAL A 557 -18.27 -62.49 -16.85
N LEU A 558 -18.67 -62.55 -18.12
CA LEU A 558 -17.77 -62.21 -19.21
C LEU A 558 -17.60 -60.69 -19.29
N MET A 559 -16.35 -60.25 -19.42
CA MET A 559 -16.05 -58.82 -19.49
C MET A 559 -15.16 -58.47 -20.68
N VAL A 560 -15.17 -59.29 -21.74
CA VAL A 560 -14.31 -59.03 -22.88
C VAL A 560 -14.66 -57.71 -23.58
N PRO A 561 -15.92 -57.46 -23.98
CA PRO A 561 -16.23 -56.14 -24.56
C PRO A 561 -16.45 -55.09 -23.49
N LYS A 562 -17.05 -55.48 -22.38
CA LYS A 562 -17.43 -54.60 -21.28
C LYS A 562 -17.88 -55.46 -20.11
N PRO A 563 -17.58 -55.08 -18.87
CA PRO A 563 -18.02 -55.89 -17.72
C PRO A 563 -19.53 -56.02 -17.64
N GLN A 564 -20.03 -57.25 -17.82
CA GLN A 564 -21.45 -57.53 -17.69
C GLN A 564 -21.79 -57.83 -16.24
N GLY A 565 -22.79 -57.16 -15.71
CA GLY A 565 -23.22 -57.36 -14.34
C GLY A 565 -22.39 -56.57 -13.36
N PRO A 566 -22.84 -56.50 -12.12
CA PRO A 566 -22.11 -55.74 -11.10
C PRO A 566 -20.81 -56.42 -10.70
N LEU A 567 -19.91 -55.62 -10.15
CA LEU A 567 -18.63 -56.07 -9.61
C LEU A 567 -18.47 -55.51 -8.20
N PRO A 568 -17.74 -56.23 -7.34
CA PRO A 568 -17.76 -55.89 -5.90
C PRO A 568 -17.19 -54.53 -5.52
N ASN A 569 -15.93 -54.25 -5.86
CA ASN A 569 -15.19 -53.16 -5.27
C ASN A 569 -14.83 -52.04 -6.24
N THR A 570 -15.47 -51.98 -7.41
CA THR A 570 -15.07 -50.98 -8.40
C THR A 570 -15.51 -49.58 -8.00
N ALA A 571 -16.75 -49.41 -7.56
CA ALA A 571 -17.28 -48.07 -7.32
C ALA A 571 -16.53 -47.35 -6.21
N LEU A 572 -16.25 -48.05 -5.11
CA LEU A 572 -15.57 -47.42 -3.99
C LEU A 572 -14.10 -47.16 -4.30
N LEU A 573 -13.47 -48.07 -5.04
CA LEU A 573 -12.08 -47.84 -5.42
C LEU A 573 -11.97 -46.64 -6.33
N SER A 574 -12.92 -46.48 -7.26
CA SER A 574 -12.94 -45.31 -8.13
C SER A 574 -13.12 -44.03 -7.34
N LEU A 575 -14.05 -44.03 -6.38
CA LEU A 575 -14.26 -42.84 -5.56
C LEU A 575 -13.02 -42.50 -4.75
N VAL A 576 -12.37 -43.53 -4.18
CA VAL A 576 -11.16 -43.32 -3.40
C VAL A 576 -10.06 -42.71 -4.26
N LEU A 577 -9.87 -43.26 -5.47
CA LEU A 577 -8.83 -42.75 -6.36
C LEU A 577 -9.10 -41.29 -6.75
N MET A 578 -10.35 -40.97 -7.08
CA MET A 578 -10.67 -39.60 -7.46
C MET A 578 -10.40 -38.63 -6.30
N ALA A 579 -10.87 -38.97 -5.11
CA ALA A 579 -10.67 -38.10 -3.95
C ALA A 579 -9.18 -37.95 -3.64
N GLY A 580 -8.42 -39.04 -3.72
CA GLY A 580 -7.00 -38.96 -3.46
C GLY A 580 -6.27 -38.08 -4.45
N THR A 581 -6.60 -38.21 -5.73
CA THR A 581 -5.95 -37.37 -6.74
C THR A 581 -6.25 -35.90 -6.50
N PHE A 582 -7.52 -35.57 -6.24
CA PHE A 582 -7.88 -34.18 -5.99
C PHE A 582 -7.18 -33.64 -4.76
N PHE A 583 -7.15 -34.42 -3.68
CA PHE A 583 -6.53 -33.98 -2.43
C PHE A 583 -5.04 -33.74 -2.61
N PHE A 584 -4.35 -34.66 -3.30
CA PHE A 584 -2.91 -34.51 -3.51
C PHE A 584 -2.62 -33.29 -4.38
N ALA A 585 -3.42 -33.07 -5.43
CA ALA A 585 -3.21 -31.91 -6.28
C ALA A 585 -3.36 -30.62 -5.49
N MET A 586 -4.41 -30.54 -4.67
CA MET A 586 -4.63 -29.34 -3.86
C MET A 586 -3.51 -29.13 -2.85
N MET A 587 -3.05 -30.21 -2.21
CA MET A 587 -1.99 -30.07 -1.23
C MET A 587 -0.69 -29.60 -1.86
N LEU A 588 -0.35 -30.13 -3.04
CA LEU A 588 0.86 -29.67 -3.72
C LEU A 588 0.72 -28.23 -4.18
N ARG A 589 -0.47 -27.85 -4.64
CA ARG A 589 -0.71 -26.46 -5.04
C ARG A 589 -0.52 -25.52 -3.86
N LYS A 590 -1.03 -25.89 -2.68
CA LYS A 590 -0.79 -25.08 -1.49
C LYS A 590 0.69 -25.05 -1.12
N PHE A 591 1.36 -26.20 -1.17
CA PHE A 591 2.76 -26.26 -0.78
C PHE A 591 3.66 -25.46 -1.70
N LYS A 592 3.24 -25.22 -2.95
CA LYS A 592 4.04 -24.42 -3.86
C LYS A 592 4.29 -23.02 -3.31
N ASN A 593 3.29 -22.43 -2.66
CA ASN A 593 3.38 -21.09 -2.11
C ASN A 593 3.86 -21.07 -0.66
N SER A 594 4.24 -22.21 -0.10
CA SER A 594 4.64 -22.29 1.29
C SER A 594 6.08 -21.83 1.45
N SER A 595 6.65 -22.05 2.63
CA SER A 595 8.02 -21.69 2.94
C SER A 595 8.72 -22.82 3.68
N TYR A 596 8.59 -24.04 3.17
CA TYR A 596 9.05 -25.23 3.88
C TYR A 596 10.25 -25.91 3.20
N PHE A 597 10.83 -25.29 2.18
CA PHE A 597 11.97 -25.85 1.48
C PHE A 597 12.73 -24.72 0.81
N PRO A 598 13.94 -24.98 0.32
CA PRO A 598 14.62 -23.96 -0.50
C PRO A 598 13.78 -23.59 -1.71
N GLY A 599 13.86 -22.31 -2.09
CA GLY A 599 12.91 -21.77 -3.06
C GLY A 599 12.96 -22.47 -4.40
N LYS A 600 14.16 -22.77 -4.89
CA LYS A 600 14.30 -23.40 -6.20
C LYS A 600 13.63 -24.78 -6.21
N LEU A 601 14.00 -25.63 -5.26
CA LEU A 601 13.43 -26.97 -5.19
C LEU A 601 11.93 -26.91 -4.89
N ARG A 602 11.52 -25.99 -4.01
CA ARG A 602 10.10 -25.86 -3.70
C ARG A 602 9.29 -25.50 -4.93
N ARG A 603 9.78 -24.54 -5.73
CA ARG A 603 9.04 -24.13 -6.92
C ARG A 603 9.04 -25.23 -7.97
N VAL A 604 10.16 -25.94 -8.13
CA VAL A 604 10.20 -27.04 -9.08
C VAL A 604 9.21 -28.13 -8.68
N ILE A 605 9.16 -28.48 -7.40
CA ILE A 605 8.23 -29.50 -6.93
C ILE A 605 6.79 -29.04 -7.11
N GLY A 606 6.50 -27.79 -6.77
CA GLY A 606 5.14 -27.29 -6.90
C GLY A 606 4.69 -27.14 -8.33
N ASP A 607 5.62 -26.95 -9.27
CA ASP A 607 5.26 -26.86 -10.67
C ASP A 607 4.87 -28.20 -11.27
N PHE A 608 5.33 -29.30 -10.68
CA PHE A 608 5.02 -30.66 -11.16
C PHE A 608 3.96 -31.34 -10.31
N GLY A 609 3.03 -30.58 -9.73
CA GLY A 609 2.08 -31.17 -8.80
C GLY A 609 1.16 -32.18 -9.47
N VAL A 610 0.59 -31.80 -10.61
CA VAL A 610 -0.37 -32.68 -11.29
C VAL A 610 0.29 -33.98 -11.77
N PRO A 611 1.42 -33.94 -12.48
CA PRO A 611 2.06 -35.23 -12.85
C PRO A 611 2.47 -36.07 -11.66
N ILE A 612 2.91 -35.44 -10.57
CA ILE A 612 3.31 -36.21 -9.39
C ILE A 612 2.10 -36.92 -8.78
N SER A 613 0.98 -36.20 -8.65
CA SER A 613 -0.22 -36.82 -8.11
C SER A 613 -0.72 -37.94 -9.02
N ILE A 614 -0.69 -37.71 -10.33
CA ILE A 614 -1.12 -38.74 -11.28
C ILE A 614 -0.23 -39.98 -11.15
N LEU A 615 1.08 -39.79 -11.06
CA LEU A 615 1.99 -40.92 -10.94
C LEU A 615 1.75 -41.69 -9.64
N ILE A 616 1.55 -40.96 -8.53
CA ILE A 616 1.31 -41.62 -7.26
C ILE A 616 0.05 -42.48 -7.32
N MET A 617 -1.03 -41.92 -7.88
CA MET A 617 -2.28 -42.66 -7.91
C MET A 617 -2.23 -43.82 -8.89
N VAL A 618 -1.52 -43.66 -10.02
CA VAL A 618 -1.35 -44.76 -10.95
C VAL A 618 -0.57 -45.89 -10.31
N LEU A 619 0.49 -45.56 -9.55
CA LEU A 619 1.25 -46.61 -8.86
C LEU A 619 0.38 -47.31 -7.82
N VAL A 620 -0.43 -46.54 -7.08
CA VAL A 620 -1.30 -47.13 -6.07
C VAL A 620 -2.29 -48.10 -6.71
N ASP A 621 -2.89 -47.70 -7.83
CA ASP A 621 -3.81 -48.60 -8.52
C ASP A 621 -3.07 -49.79 -9.12
N PHE A 622 -1.82 -49.61 -9.54
CA PHE A 622 -1.05 -50.70 -10.12
C PHE A 622 -0.69 -51.76 -9.08
N PHE A 623 -0.49 -51.35 -7.83
CA PHE A 623 -0.16 -52.33 -6.81
C PHE A 623 -1.35 -53.23 -6.48
N ILE A 624 -2.57 -52.71 -6.56
CA ILE A 624 -3.75 -53.53 -6.34
C ILE A 624 -3.96 -54.46 -7.54
N GLN A 625 -4.28 -55.72 -7.26
CA GLN A 625 -4.32 -56.76 -8.28
C GLN A 625 -5.74 -57.15 -8.68
N ASP A 626 -6.55 -57.59 -7.72
CA ASP A 626 -7.80 -58.29 -8.06
C ASP A 626 -8.92 -57.35 -8.46
N THR A 627 -8.98 -56.14 -7.90
CA THR A 627 -10.09 -55.25 -8.20
C THR A 627 -9.99 -54.72 -9.63
N TYR A 628 -11.14 -54.51 -10.25
CA TYR A 628 -11.23 -54.03 -11.62
C TYR A 628 -11.58 -52.55 -11.64
N THR A 629 -10.85 -51.78 -12.43
CA THR A 629 -11.13 -50.37 -12.65
C THR A 629 -11.09 -50.08 -14.14
N GLN A 630 -11.97 -49.19 -14.59
CA GLN A 630 -12.02 -48.84 -16.00
C GLN A 630 -10.77 -48.10 -16.42
N LYS A 631 -10.20 -48.49 -17.56
CA LYS A 631 -8.95 -47.94 -18.06
C LYS A 631 -9.20 -47.20 -19.38
N LEU A 632 -8.18 -46.45 -19.80
CA LEU A 632 -8.25 -45.72 -21.06
C LEU A 632 -8.01 -46.67 -22.23
N SER A 633 -8.70 -46.41 -23.33
CA SER A 633 -8.59 -47.24 -24.53
C SER A 633 -8.51 -46.33 -25.75
N VAL A 634 -7.62 -46.69 -26.68
CA VAL A 634 -7.43 -45.93 -27.91
C VAL A 634 -7.50 -46.89 -29.09
N PRO A 635 -7.86 -46.39 -30.28
CA PRO A 635 -7.94 -47.26 -31.45
C PRO A 635 -6.60 -47.90 -31.78
N ASP A 636 -6.66 -49.08 -32.40
CA ASP A 636 -5.45 -49.86 -32.64
C ASP A 636 -4.54 -49.20 -33.67
N GLY A 637 -5.10 -48.68 -34.76
CA GLY A 637 -4.28 -48.15 -35.84
C GLY A 637 -4.96 -46.98 -36.51
N PHE A 638 -4.24 -46.41 -37.49
CA PHE A 638 -4.72 -45.25 -38.24
C PHE A 638 -5.71 -45.68 -39.33
N LYS A 639 -6.80 -46.28 -38.89
CA LYS A 639 -7.83 -46.78 -39.78
C LYS A 639 -9.13 -46.02 -39.56
N VAL A 640 -9.92 -45.91 -40.64
CA VAL A 640 -11.21 -45.24 -40.52
C VAL A 640 -12.15 -46.07 -39.67
N SER A 641 -13.15 -45.39 -39.08
CA SER A 641 -14.06 -46.06 -38.17
C SER A 641 -14.87 -47.14 -38.87
N ASN A 642 -15.41 -46.83 -40.05
CA ASN A 642 -16.24 -47.76 -40.81
C ASN A 642 -15.70 -47.77 -42.24
N SER A 643 -14.89 -48.79 -42.56
CA SER A 643 -14.31 -48.90 -43.88
C SER A 643 -15.28 -49.46 -44.92
N SER A 644 -16.46 -49.91 -44.50
CA SER A 644 -17.39 -50.50 -45.45
C SER A 644 -18.03 -49.46 -46.36
N ALA A 645 -18.37 -48.28 -45.82
CA ALA A 645 -19.07 -47.26 -46.58
C ALA A 645 -18.38 -45.90 -46.53
N ARG A 646 -17.07 -45.87 -46.28
CA ARG A 646 -16.35 -44.61 -46.17
C ARG A 646 -14.96 -44.76 -46.76
N GLY A 647 -14.35 -43.62 -47.10
CA GLY A 647 -12.99 -43.61 -47.60
C GLY A 647 -12.22 -42.44 -47.00
N TRP A 648 -10.92 -42.42 -47.31
CA TRP A 648 -10.08 -41.32 -46.82
C TRP A 648 -10.40 -40.02 -47.52
N VAL A 649 -10.86 -40.07 -48.77
CA VAL A 649 -11.27 -38.90 -49.53
C VAL A 649 -12.71 -39.11 -49.98
N ILE A 650 -13.52 -38.05 -49.87
CA ILE A 650 -14.95 -38.12 -50.12
C ILE A 650 -15.26 -37.40 -51.42
N HIS A 651 -15.95 -38.09 -52.32
CA HIS A 651 -16.35 -37.47 -53.59
C HIS A 651 -17.51 -36.53 -53.35
N PRO A 652 -17.39 -35.24 -53.70
CA PRO A 652 -18.48 -34.29 -53.40
C PRO A 652 -19.78 -34.59 -54.13
N LEU A 653 -19.73 -35.29 -55.27
CA LEU A 653 -20.95 -35.51 -56.03
C LEU A 653 -21.84 -36.57 -55.38
N GLY A 654 -21.25 -37.61 -54.82
CA GLY A 654 -22.02 -38.65 -54.16
C GLY A 654 -21.32 -39.99 -54.11
N LEU A 655 -21.46 -40.69 -52.99
CA LEU A 655 -20.83 -42.01 -52.84
C LEU A 655 -21.67 -43.10 -53.50
N ARG A 656 -22.90 -43.28 -53.03
CA ARG A 656 -23.81 -44.29 -53.57
C ARG A 656 -24.74 -43.73 -54.63
N SER A 657 -25.46 -42.66 -54.31
CA SER A 657 -26.40 -42.02 -55.23
C SER A 657 -25.99 -40.57 -55.44
N GLU A 658 -26.57 -39.96 -56.48
CA GLU A 658 -26.26 -38.58 -56.80
C GLU A 658 -26.90 -37.63 -55.79
N PHE A 659 -26.20 -36.54 -55.50
CA PHE A 659 -26.63 -35.55 -54.52
C PHE A 659 -27.56 -34.53 -55.16
N PRO A 660 -28.65 -34.19 -54.48
CA PRO A 660 -29.59 -33.21 -55.04
C PRO A 660 -28.98 -31.81 -55.14
N ILE A 661 -29.44 -31.07 -56.14
CA ILE A 661 -28.99 -29.69 -56.34
C ILE A 661 -29.55 -28.77 -55.25
N TRP A 662 -30.82 -28.99 -54.88
CA TRP A 662 -31.48 -28.09 -53.94
C TRP A 662 -30.82 -28.13 -52.57
N MET A 663 -30.30 -29.30 -52.15
CA MET A 663 -29.49 -29.34 -50.94
C MET A 663 -28.21 -28.54 -51.09
N MET A 664 -27.56 -28.61 -52.26
CA MET A 664 -26.35 -27.83 -52.46
C MET A 664 -26.63 -26.34 -52.34
N PHE A 665 -27.78 -25.89 -52.82
CA PHE A 665 -28.09 -24.46 -52.74
C PHE A 665 -28.69 -24.06 -51.40
N ALA A 666 -29.22 -25.01 -50.63
CA ALA A 666 -29.81 -24.72 -49.33
C ALA A 666 -28.90 -25.04 -48.16
N SER A 667 -27.69 -25.55 -48.40
CA SER A 667 -26.77 -25.84 -47.31
C SER A 667 -26.28 -24.59 -46.59
N ALA A 668 -26.60 -23.40 -47.10
CA ALA A 668 -26.15 -22.17 -46.45
C ALA A 668 -26.77 -21.98 -45.08
N LEU A 669 -28.01 -22.45 -44.88
CA LEU A 669 -28.71 -22.22 -43.62
C LEU A 669 -28.00 -22.85 -42.43
N PRO A 670 -27.62 -24.13 -42.43
CA PRO A 670 -26.87 -24.65 -41.28
C PRO A 670 -25.47 -24.06 -41.18
N ALA A 671 -24.89 -23.65 -42.31
CA ALA A 671 -23.55 -23.07 -42.29
C ALA A 671 -23.53 -21.77 -41.50
N LEU A 672 -24.58 -20.96 -41.63
CA LEU A 672 -24.67 -19.71 -40.87
C LEU A 672 -24.71 -19.98 -39.37
N LEU A 673 -25.49 -20.98 -38.95
CA LEU A 673 -25.56 -21.32 -37.52
C LEU A 673 -24.22 -21.84 -37.01
N VAL A 674 -23.57 -22.71 -37.78
CA VAL A 674 -22.26 -23.23 -37.37
C VAL A 674 -21.24 -22.10 -37.26
N PHE A 675 -21.26 -21.18 -38.24
CA PHE A 675 -20.36 -20.03 -38.21
C PHE A 675 -20.63 -19.17 -36.98
N ILE A 676 -21.90 -18.94 -36.65
CA ILE A 676 -22.22 -18.14 -35.47
C ILE A 676 -21.67 -18.81 -34.22
N LEU A 677 -21.90 -20.12 -34.08
CA LEU A 677 -21.41 -20.83 -32.90
C LEU A 677 -19.90 -20.72 -32.78
N ILE A 678 -19.18 -21.05 -33.85
CA ILE A 678 -17.72 -21.06 -33.80
C ILE A 678 -17.19 -19.66 -33.53
N PHE A 679 -17.71 -18.66 -34.25
CA PHE A 679 -17.26 -17.30 -34.08
C PHE A 679 -17.47 -16.82 -32.65
N LEU A 680 -18.68 -17.00 -32.12
CA LEU A 680 -18.98 -16.52 -30.78
C LEU A 680 -18.08 -17.19 -29.75
N GLU A 681 -17.98 -18.53 -29.80
CA GLU A 681 -17.17 -19.23 -28.80
C GLU A 681 -15.71 -18.82 -28.88
N SER A 682 -15.13 -18.81 -30.08
CA SER A 682 -13.71 -18.50 -30.22
C SER A 682 -13.42 -17.06 -29.80
N GLN A 683 -14.26 -16.11 -30.21
CA GLN A 683 -13.99 -14.71 -29.87
C GLN A 683 -14.14 -14.47 -28.38
N ILE A 684 -15.15 -15.07 -27.74
CA ILE A 684 -15.29 -14.87 -26.29
C ILE A 684 -14.13 -15.53 -25.55
N THR A 685 -13.67 -16.69 -26.03
CA THR A 685 -12.51 -17.32 -25.41
C THR A 685 -11.27 -16.45 -25.54
N THR A 686 -11.05 -15.87 -26.72
CA THR A 686 -9.90 -14.99 -26.90
C THR A 686 -10.02 -13.75 -26.02
N LEU A 687 -11.24 -13.23 -25.84
CA LEU A 687 -11.45 -12.10 -24.94
C LEU A 687 -11.08 -12.47 -23.50
N ILE A 688 -11.52 -13.65 -23.05
CA ILE A 688 -11.28 -14.04 -21.66
C ILE A 688 -9.80 -14.30 -21.41
N VAL A 689 -9.14 -15.00 -22.34
CA VAL A 689 -7.75 -15.37 -22.14
C VAL A 689 -6.85 -14.15 -22.12
N SER A 690 -7.07 -13.20 -23.02
CA SER A 690 -6.15 -12.10 -23.26
C SER A 690 -6.62 -10.79 -22.63
N LYS A 691 -7.23 -10.86 -21.45
CA LYS A 691 -7.61 -9.64 -20.76
C LYS A 691 -6.37 -8.89 -20.27
N PRO A 692 -6.44 -7.56 -20.14
CA PRO A 692 -5.25 -6.79 -19.75
C PRO A 692 -4.70 -7.14 -18.37
N GLU A 693 -5.50 -7.78 -17.51
CA GLU A 693 -5.06 -8.05 -16.16
C GLU A 693 -3.96 -9.11 -16.12
N ARG A 694 -3.95 -10.04 -17.06
CA ARG A 694 -3.04 -11.19 -16.97
C ARG A 694 -1.70 -10.91 -17.64
N LYS A 695 -1.12 -9.76 -17.36
CA LYS A 695 0.26 -9.39 -17.74
C LYS A 695 0.65 -9.94 -19.11
N MET A 696 -0.23 -9.75 -20.09
CA MET A 696 0.01 -10.24 -21.44
C MET A 696 0.72 -9.15 -22.24
N VAL A 697 2.01 -9.34 -22.48
CA VAL A 697 2.80 -8.28 -23.11
C VAL A 697 2.67 -8.34 -24.63
N LYS A 698 2.85 -9.52 -25.22
CA LYS A 698 2.75 -9.64 -26.67
C LYS A 698 1.30 -9.58 -27.12
N GLY A 699 1.07 -8.98 -28.28
CA GLY A 699 -0.28 -8.78 -28.75
C GLY A 699 -0.95 -10.06 -29.19
N SER A 700 -2.28 -10.00 -29.28
CA SER A 700 -3.10 -11.12 -29.70
C SER A 700 -3.95 -10.70 -30.90
N GLY A 701 -4.05 -11.58 -31.88
CA GLY A 701 -4.81 -11.31 -33.09
C GLY A 701 -6.18 -11.95 -33.03
N PHE A 702 -7.15 -11.28 -33.67
CA PHE A 702 -8.52 -11.74 -33.70
C PHE A 702 -8.94 -12.29 -35.06
N HIS A 703 -8.66 -11.54 -36.14
CA HIS A 703 -9.07 -11.96 -37.47
C HIS A 703 -8.31 -13.21 -37.92
N LEU A 704 -7.00 -13.26 -37.65
CA LEU A 704 -6.19 -14.37 -38.12
C LEU A 704 -6.61 -15.69 -37.52
N ASP A 705 -6.90 -15.70 -36.22
CA ASP A 705 -7.31 -16.93 -35.55
C ASP A 705 -8.62 -17.45 -36.12
N LEU A 706 -9.60 -16.56 -36.30
CA LEU A 706 -10.89 -16.97 -36.85
C LEU A 706 -10.74 -17.50 -38.26
N LEU A 707 -9.96 -16.80 -39.09
CA LEU A 707 -9.74 -17.25 -40.47
C LEU A 707 -9.11 -18.63 -40.49
N LEU A 708 -8.05 -18.82 -39.70
CA LEU A 708 -7.36 -20.10 -39.69
C LEU A 708 -8.29 -21.21 -39.21
N VAL A 709 -9.03 -20.96 -38.13
CA VAL A 709 -9.89 -22.00 -37.56
C VAL A 709 -10.95 -22.42 -38.58
N VAL A 710 -11.66 -21.45 -39.16
CA VAL A 710 -12.76 -21.80 -40.04
C VAL A 710 -12.25 -22.43 -41.34
N GLY A 711 -11.15 -21.90 -41.89
CA GLY A 711 -10.60 -22.49 -43.10
C GLY A 711 -10.13 -23.92 -42.90
N MET A 712 -9.41 -24.16 -41.79
CA MET A 712 -8.96 -25.52 -41.49
C MET A 712 -10.15 -26.44 -41.23
N GLY A 713 -11.20 -25.93 -40.59
CA GLY A 713 -12.40 -26.73 -40.40
C GLY A 713 -13.04 -27.13 -41.71
N GLY A 714 -13.12 -26.20 -42.66
CA GLY A 714 -13.68 -26.53 -43.97
C GLY A 714 -12.83 -27.55 -44.71
N VAL A 715 -11.51 -27.35 -44.71
CA VAL A 715 -10.63 -28.28 -45.41
C VAL A 715 -10.70 -29.67 -44.78
N ALA A 716 -10.80 -29.74 -43.45
CA ALA A 716 -10.95 -31.02 -42.77
C ALA A 716 -12.29 -31.66 -43.11
N ALA A 717 -13.36 -30.86 -43.19
CA ALA A 717 -14.66 -31.38 -43.60
C ALA A 717 -14.64 -31.89 -45.03
N LEU A 718 -13.73 -31.40 -45.86
CA LEU A 718 -13.55 -31.99 -47.18
C LEU A 718 -13.08 -33.44 -47.08
N PHE A 719 -12.18 -33.73 -46.14
CA PHE A 719 -11.64 -35.08 -45.96
C PHE A 719 -12.51 -35.95 -45.06
N GLY A 720 -13.62 -35.42 -44.55
CA GLY A 720 -14.48 -36.15 -43.64
C GLY A 720 -14.18 -35.96 -42.17
N MET A 721 -13.08 -35.29 -41.82
CA MET A 721 -12.75 -35.04 -40.43
C MET A 721 -13.59 -33.87 -39.90
N PRO A 722 -13.84 -33.83 -38.59
CA PRO A 722 -14.69 -32.78 -38.03
C PRO A 722 -13.96 -31.45 -37.90
N TRP A 723 -14.75 -30.40 -37.79
CA TRP A 723 -14.22 -29.08 -37.50
C TRP A 723 -14.16 -28.86 -35.99
N LEU A 724 -13.31 -27.92 -35.58
CA LEU A 724 -13.04 -27.68 -34.18
C LEU A 724 -13.23 -26.21 -33.86
N SER A 725 -13.11 -25.87 -32.58
CA SER A 725 -13.19 -24.50 -32.11
C SER A 725 -12.39 -24.37 -30.83
N ALA A 726 -12.09 -23.14 -30.46
CA ALA A 726 -11.34 -22.89 -29.23
C ALA A 726 -12.18 -23.25 -28.01
N THR A 727 -11.58 -23.97 -27.08
CA THR A 727 -12.25 -24.40 -25.86
C THR A 727 -11.92 -23.45 -24.72
N THR A 728 -12.93 -23.14 -23.90
CA THR A 728 -12.74 -22.16 -22.84
C THR A 728 -11.91 -22.73 -21.69
N VAL A 729 -12.35 -23.86 -21.13
CA VAL A 729 -11.70 -24.40 -19.94
C VAL A 729 -10.27 -24.81 -20.24
N ARG A 730 -10.05 -25.50 -21.36
CA ARG A 730 -8.70 -25.94 -21.71
C ARG A 730 -7.77 -24.76 -21.92
N SER A 731 -8.23 -23.73 -22.63
CA SER A 731 -7.40 -22.55 -22.86
C SER A 731 -7.08 -21.82 -21.57
N VAL A 732 -8.08 -21.67 -20.69
CA VAL A 732 -7.85 -20.99 -19.41
C VAL A 732 -6.85 -21.77 -18.57
N THR A 733 -6.98 -23.10 -18.53
CA THR A 733 -6.03 -23.90 -17.77
C THR A 733 -4.63 -23.82 -18.36
N HIS A 734 -4.53 -23.83 -19.69
CA HIS A 734 -3.22 -23.71 -20.34
C HIS A 734 -2.57 -22.37 -20.01
N ALA A 735 -3.35 -21.29 -20.04
CA ALA A 735 -2.81 -19.98 -19.69
C ALA A 735 -2.39 -19.93 -18.22
N ASN A 736 -3.20 -20.51 -17.33
CA ASN A 736 -2.89 -20.48 -15.91
C ASN A 736 -1.64 -21.29 -15.58
N ALA A 737 -1.41 -22.40 -16.29
CA ALA A 737 -0.23 -23.21 -16.03
C ALA A 737 1.05 -22.45 -16.35
N LEU A 738 1.03 -21.62 -17.38
CA LEU A 738 2.21 -20.86 -17.81
C LEU A 738 2.18 -19.46 -17.22
N THR A 739 2.13 -19.38 -15.89
CA THR A 739 2.09 -18.11 -15.18
C THR A 739 3.09 -18.14 -14.04
N VAL A 740 4.02 -17.19 -14.03
CA VAL A 740 4.99 -17.03 -12.95
C VAL A 740 4.47 -15.95 -12.01
N MET A 741 4.28 -16.34 -10.75
CA MET A 741 3.62 -15.55 -9.72
C MET A 741 4.64 -14.87 -8.81
N GLY A 742 4.18 -13.86 -8.09
CA GLY A 742 5.00 -13.15 -7.13
C GLY A 742 4.51 -13.34 -5.69
N LYS A 743 5.37 -12.96 -4.76
CA LYS A 743 5.07 -13.08 -3.34
C LYS A 743 4.13 -11.99 -2.88
N ALA A 751 -1.29 -12.47 -3.73
CA ALA A 751 -0.14 -12.67 -4.61
C ALA A 751 -0.19 -11.69 -5.79
N GLN A 752 0.85 -11.73 -6.62
CA GLN A 752 0.97 -10.86 -7.77
C GLN A 752 1.33 -11.68 -9.00
N ILE A 753 0.68 -11.36 -10.12
CA ILE A 753 0.98 -11.97 -11.41
C ILE A 753 2.23 -11.29 -11.95
N GLN A 754 3.38 -11.96 -11.81
CA GLN A 754 4.62 -11.37 -12.33
C GLN A 754 4.66 -11.42 -13.85
N GLU A 755 4.53 -12.61 -14.43
CA GLU A 755 4.65 -12.73 -15.88
C GLU A 755 3.92 -13.96 -16.37
N VAL A 756 3.75 -14.03 -17.68
CA VAL A 756 3.15 -15.18 -18.35
C VAL A 756 4.10 -15.62 -19.46
N LYS A 757 4.49 -16.89 -19.43
CA LYS A 757 5.41 -17.43 -20.43
C LYS A 757 4.62 -17.78 -21.69
N GLU A 758 4.86 -17.02 -22.76
CA GLU A 758 4.19 -17.22 -24.04
C GLU A 758 5.15 -17.87 -25.02
N GLN A 759 4.71 -18.97 -25.62
CA GLN A 759 5.55 -19.69 -26.57
C GLN A 759 4.65 -20.56 -27.45
N ARG A 760 5.23 -21.08 -28.53
CA ARG A 760 4.53 -21.96 -29.45
C ARG A 760 4.95 -23.41 -29.30
N ILE A 761 5.91 -23.71 -28.43
CA ILE A 761 6.39 -25.08 -28.29
C ILE A 761 5.34 -25.95 -27.60
N SER A 762 4.65 -25.39 -26.59
CA SER A 762 3.72 -26.18 -25.80
C SER A 762 2.58 -26.73 -26.66
N GLY A 763 1.94 -25.88 -27.45
CA GLY A 763 0.85 -26.33 -28.29
C GLY A 763 1.29 -27.36 -29.32
N LEU A 764 2.45 -27.12 -29.95
CA LEU A 764 2.96 -28.06 -30.93
C LEU A 764 3.24 -29.42 -30.30
N LEU A 765 3.87 -29.43 -29.12
CA LEU A 765 4.16 -30.70 -28.45
C LEU A 765 2.88 -31.41 -28.05
N VAL A 766 1.88 -30.67 -27.56
CA VAL A 766 0.61 -31.29 -27.20
C VAL A 766 -0.06 -31.91 -28.42
N ALA A 767 -0.05 -31.20 -29.54
CA ALA A 767 -0.65 -31.73 -30.77
C ALA A 767 0.09 -32.98 -31.24
N VAL A 768 1.42 -32.96 -31.19
CA VAL A 768 2.19 -34.12 -31.63
C VAL A 768 1.92 -35.32 -30.74
N LEU A 769 1.84 -35.09 -29.42
CA LEU A 769 1.54 -36.19 -28.50
C LEU A 769 0.14 -36.75 -28.75
N VAL A 770 -0.84 -35.87 -29.00
CA VAL A 770 -2.20 -36.35 -29.28
C VAL A 770 -2.20 -37.17 -30.56
N GLY A 771 -1.44 -36.74 -31.57
CA GLY A 771 -1.35 -37.52 -32.79
C GLY A 771 -0.69 -38.87 -32.59
N LEU A 772 0.37 -38.91 -31.79
CA LEU A 772 1.12 -40.14 -31.57
C LEU A 772 0.52 -41.03 -30.49
N SER A 773 -0.56 -40.59 -29.83
CA SER A 773 -1.16 -41.36 -28.74
C SER A 773 -1.52 -42.78 -29.17
N ILE A 774 -1.84 -43.00 -30.44
CA ILE A 774 -2.19 -44.35 -30.90
C ILE A 774 -0.99 -45.28 -30.79
N LEU A 775 0.23 -44.76 -30.85
CA LEU A 775 1.44 -45.57 -30.76
C LEU A 775 1.90 -45.80 -29.33
N MET A 776 1.16 -45.32 -28.33
CA MET A 776 1.55 -45.49 -26.93
C MET A 776 0.51 -46.28 -26.16
N GLU A 777 0.06 -47.40 -26.73
CA GLU A 777 -0.91 -48.26 -26.04
C GLU A 777 -0.40 -48.78 -24.70
N PRO A 778 0.82 -49.32 -24.58
CA PRO A 778 1.22 -49.87 -23.27
C PRO A 778 1.23 -48.86 -22.14
N ILE A 779 1.59 -47.61 -22.42
CA ILE A 779 1.64 -46.61 -21.35
C ILE A 779 0.22 -46.17 -20.97
N LEU A 780 -0.63 -45.91 -21.96
CA LEU A 780 -1.97 -45.39 -21.67
C LEU A 780 -2.91 -46.46 -21.13
N SER A 781 -2.66 -47.73 -21.43
CA SER A 781 -3.57 -48.78 -21.00
C SER A 781 -3.53 -49.04 -19.50
N ARG A 782 -2.56 -48.47 -18.78
CA ARG A 782 -2.42 -48.68 -17.34
C ARG A 782 -2.82 -47.46 -16.53
N ILE A 783 -3.49 -46.48 -17.14
CA ILE A 783 -3.95 -45.29 -16.44
C ILE A 783 -5.45 -45.43 -16.20
N PRO A 784 -5.89 -45.57 -14.95
CA PRO A 784 -7.32 -45.72 -14.69
C PRO A 784 -8.09 -44.45 -15.03
N LEU A 785 -9.35 -44.65 -15.45
CA LEU A 785 -10.18 -43.53 -15.85
C LEU A 785 -10.66 -42.70 -14.66
N ALA A 786 -10.70 -43.28 -13.46
CA ALA A 786 -11.19 -42.55 -12.29
C ALA A 786 -10.19 -41.53 -11.78
N VAL A 787 -8.91 -41.69 -12.10
CA VAL A 787 -7.91 -40.72 -11.65
C VAL A 787 -8.12 -39.38 -12.34
N LEU A 788 -8.43 -39.41 -13.63
CA LEU A 788 -8.61 -38.17 -14.38
C LEU A 788 -9.83 -37.37 -13.93
N PHE A 789 -10.78 -38.00 -13.24
CA PHE A 789 -11.91 -37.25 -12.70
C PHE A 789 -11.46 -36.24 -11.67
N GLY A 790 -10.49 -36.60 -10.82
CA GLY A 790 -9.94 -35.64 -9.88
C GLY A 790 -9.27 -34.47 -10.56
N ILE A 791 -8.54 -34.75 -11.65
CA ILE A 791 -7.90 -33.68 -12.41
C ILE A 791 -8.96 -32.77 -13.04
N PHE A 792 -10.03 -33.36 -13.56
CA PHE A 792 -11.10 -32.55 -14.14
C PHE A 792 -11.76 -31.66 -13.09
N LEU A 793 -12.01 -32.20 -11.90
CA LEU A 793 -12.59 -31.40 -10.83
C LEU A 793 -11.63 -30.29 -10.41
N TYR A 794 -10.34 -30.58 -10.35
CA TYR A 794 -9.35 -29.57 -10.04
C TYR A 794 -9.35 -28.45 -11.07
N MET A 795 -9.42 -28.81 -12.35
CA MET A 795 -9.48 -27.79 -13.40
C MET A 795 -10.74 -26.95 -13.28
N GLY A 796 -11.88 -27.59 -13.05
CA GLY A 796 -13.13 -26.85 -12.93
C GLY A 796 -13.13 -25.90 -11.74
N VAL A 797 -12.54 -26.33 -10.63
CA VAL A 797 -12.47 -25.47 -9.45
C VAL A 797 -11.50 -24.31 -9.69
N THR A 798 -10.36 -24.58 -10.31
CA THR A 798 -9.33 -23.55 -10.46
C THR A 798 -9.72 -22.53 -11.53
N SER A 799 -10.49 -22.94 -12.55
CA SER A 799 -10.89 -22.01 -13.59
C SER A 799 -11.92 -21.00 -13.10
N LEU A 800 -12.47 -21.18 -11.91
CA LEU A 800 -13.53 -20.33 -11.38
C LEU A 800 -12.98 -19.22 -10.46
N SER A 801 -11.70 -18.88 -10.60
CA SER A 801 -11.07 -17.96 -9.67
C SER A 801 -11.32 -16.51 -10.05
N GLY A 802 -10.90 -16.10 -11.25
CA GLY A 802 -10.94 -14.70 -11.64
C GLY A 802 -12.33 -14.15 -11.89
N ILE A 803 -13.36 -15.01 -11.90
CA ILE A 803 -14.72 -14.53 -12.15
C ILE A 803 -15.13 -13.56 -11.06
N GLN A 804 -15.71 -12.43 -11.47
CA GLN A 804 -16.19 -11.42 -10.55
C GLN A 804 -17.61 -11.70 -10.06
N LEU A 805 -18.43 -12.32 -10.92
CA LEU A 805 -19.77 -12.72 -10.51
C LEU A 805 -19.72 -13.73 -9.37
N PHE A 806 -18.72 -14.61 -9.38
CA PHE A 806 -18.56 -15.56 -8.29
C PHE A 806 -18.29 -14.84 -6.96
N ASP A 807 -17.43 -13.82 -6.98
CA ASP A 807 -17.17 -13.06 -5.78
C ASP A 807 -18.43 -12.33 -5.31
N ARG A 808 -19.17 -11.73 -6.24
CA ARG A 808 -20.40 -11.04 -5.86
C ARG A 808 -21.44 -12.00 -5.31
N ILE A 809 -21.46 -13.25 -5.80
CA ILE A 809 -22.37 -14.25 -5.25
C ILE A 809 -21.93 -14.65 -3.85
N LEU A 810 -20.62 -14.81 -3.64
CA LEU A 810 -20.12 -15.14 -2.31
C LEU A 810 -20.46 -14.04 -1.31
N LEU A 811 -20.43 -12.77 -1.76
CA LEU A 811 -20.77 -11.66 -0.88
C LEU A 811 -22.24 -11.64 -0.48
N LEU A 812 -23.09 -12.45 -1.10
CA LEU A 812 -24.49 -12.52 -0.68
C LEU A 812 -24.66 -13.07 0.72
N PHE A 813 -23.69 -13.83 1.22
CA PHE A 813 -23.80 -14.48 2.52
C PHE A 813 -23.08 -13.74 3.63
N LYS A 814 -21.94 -13.11 3.34
CA LYS A 814 -21.24 -12.34 4.36
C LYS A 814 -22.08 -11.14 4.78
N PRO A 815 -22.02 -10.76 6.04
CA PRO A 815 -22.63 -9.50 6.47
C PRO A 815 -21.85 -8.32 5.91
N PRO A 816 -22.48 -7.15 5.78
CA PRO A 816 -21.79 -6.01 5.16
C PRO A 816 -20.57 -5.53 5.92
N LYS A 817 -20.35 -6.01 7.14
CA LYS A 817 -19.20 -5.58 7.92
C LYS A 817 -17.89 -6.08 7.31
N TYR A 818 -17.90 -7.28 6.73
CA TYR A 818 -16.69 -7.91 6.21
C TYR A 818 -16.52 -7.77 4.71
N HIS A 819 -17.28 -6.88 4.07
CA HIS A 819 -17.17 -6.70 2.63
C HIS A 819 -15.80 -6.10 2.28
N PRO A 820 -15.28 -6.40 1.09
CA PRO A 820 -13.91 -5.96 0.75
C PRO A 820 -13.82 -4.47 0.45
N ASP A 821 -12.63 -4.03 0.03
CA ASP A 821 -12.34 -2.63 -0.24
C ASP A 821 -12.35 -2.31 -1.74
N VAL A 822 -13.04 -3.11 -2.53
CA VAL A 822 -13.12 -2.89 -3.98
C VAL A 822 -14.05 -1.71 -4.25
N PRO A 823 -13.92 -1.03 -5.39
CA PRO A 823 -14.77 0.14 -5.65
C PRO A 823 -16.26 -0.17 -5.66
N TYR A 824 -16.66 -1.33 -6.17
CA TYR A 824 -18.08 -1.59 -6.33
C TYR A 824 -18.77 -1.90 -5.00
N VAL A 825 -18.07 -1.79 -3.88
CA VAL A 825 -18.69 -1.89 -2.57
C VAL A 825 -18.85 -0.51 -1.92
N LYS A 826 -17.82 0.32 -2.00
CA LYS A 826 -17.88 1.66 -1.41
C LYS A 826 -18.73 2.62 -2.25
N ARG A 827 -18.67 2.50 -3.57
CA ARG A 827 -19.35 3.49 -4.41
C ARG A 827 -20.85 3.30 -4.42
N VAL A 828 -21.34 2.07 -4.26
CA VAL A 828 -22.76 1.79 -4.39
C VAL A 828 -23.26 1.10 -3.12
N LYS A 829 -24.57 1.19 -2.91
CA LYS A 829 -25.20 0.58 -1.74
C LYS A 829 -25.34 -0.93 -1.93
N THR A 830 -25.48 -1.63 -0.81
CA THR A 830 -25.39 -3.09 -0.82
C THR A 830 -26.58 -3.73 -1.52
N TRP A 831 -27.81 -3.26 -1.26
CA TRP A 831 -28.95 -3.93 -1.87
C TRP A 831 -29.08 -3.62 -3.35
N ARG A 832 -28.31 -2.68 -3.87
CA ARG A 832 -28.26 -2.51 -5.33
C ARG A 832 -27.30 -3.52 -5.94
N MET A 833 -26.17 -3.76 -5.26
CA MET A 833 -25.32 -4.89 -5.62
C MET A 833 -26.12 -6.18 -5.66
N HIS A 834 -26.96 -6.39 -4.63
CA HIS A 834 -27.71 -7.63 -4.55
C HIS A 834 -28.77 -7.71 -5.65
N LEU A 835 -29.40 -6.59 -6.00
CA LEU A 835 -30.34 -6.60 -7.12
C LEU A 835 -29.64 -6.93 -8.42
N PHE A 836 -28.45 -6.35 -8.64
CA PHE A 836 -27.67 -6.67 -9.83
C PHE A 836 -27.34 -8.15 -9.90
N THR A 837 -26.85 -8.71 -8.79
CA THR A 837 -26.49 -10.13 -8.76
C THR A 837 -27.71 -11.01 -8.99
N GLY A 838 -28.86 -10.62 -8.42
CA GLY A 838 -30.07 -11.39 -8.65
C GLY A 838 -30.52 -11.38 -10.11
N ILE A 839 -30.42 -10.22 -10.76
CA ILE A 839 -30.74 -10.15 -12.19
C ILE A 839 -29.83 -11.08 -12.99
N GLN A 840 -28.54 -11.04 -12.70
CA GLN A 840 -27.60 -11.87 -13.45
C GLN A 840 -27.83 -13.36 -13.18
N ILE A 841 -28.20 -13.71 -11.95
CA ILE A 841 -28.49 -15.10 -11.61
C ILE A 841 -29.76 -15.57 -12.33
N ILE A 842 -30.76 -14.69 -12.43
CA ILE A 842 -31.97 -15.03 -13.18
C ILE A 842 -31.63 -15.29 -14.64
N CYS A 843 -30.76 -14.45 -15.21
CA CYS A 843 -30.32 -14.69 -16.59
C CYS A 843 -29.62 -16.05 -16.72
N LEU A 844 -28.76 -16.38 -15.75
CA LEU A 844 -28.08 -17.68 -15.76
C LEU A 844 -29.09 -18.83 -15.73
N ALA A 845 -30.10 -18.72 -14.85
CA ALA A 845 -31.10 -19.77 -14.73
C ALA A 845 -31.89 -19.94 -16.02
N VAL A 846 -32.25 -18.82 -16.66
CA VAL A 846 -32.95 -18.89 -17.94
C VAL A 846 -32.09 -19.57 -18.99
N LEU A 847 -30.79 -19.24 -19.02
CA LEU A 847 -29.89 -19.89 -19.97
C LEU A 847 -29.83 -21.40 -19.72
N TRP A 848 -29.75 -21.81 -18.45
CA TRP A 848 -29.69 -23.24 -18.14
C TRP A 848 -30.97 -23.94 -18.58
N VAL A 849 -32.13 -23.34 -18.29
CA VAL A 849 -33.40 -23.96 -18.66
C VAL A 849 -33.51 -24.07 -20.17
N VAL A 850 -33.04 -23.06 -20.90
CA VAL A 850 -33.02 -23.14 -22.36
C VAL A 850 -32.08 -24.25 -22.82
N LYS A 851 -30.95 -24.42 -22.13
CA LYS A 851 -30.01 -25.48 -22.50
C LYS A 851 -30.65 -26.86 -22.34
N SER A 852 -31.40 -27.06 -21.25
CA SER A 852 -32.10 -28.33 -21.08
C SER A 852 -33.30 -28.47 -22.01
N THR A 853 -33.82 -27.34 -22.51
CA THR A 853 -34.94 -27.38 -23.43
C THR A 853 -34.55 -28.09 -24.72
N PRO A 854 -35.45 -28.86 -25.34
CA PRO A 854 -35.12 -29.50 -26.62
C PRO A 854 -34.76 -28.51 -27.72
N ALA A 855 -35.14 -27.25 -27.61
CA ALA A 855 -34.74 -26.23 -28.56
C ALA A 855 -33.39 -25.63 -28.16
N SER A 856 -32.40 -26.52 -28.03
CA SER A 856 -31.07 -26.11 -27.59
C SER A 856 -30.30 -25.36 -28.67
N LEU A 857 -30.61 -25.61 -29.94
CA LEU A 857 -29.89 -24.96 -31.03
C LEU A 857 -30.05 -23.45 -31.00
N ALA A 858 -31.15 -22.94 -30.43
CA ALA A 858 -31.36 -21.52 -30.29
C ALA A 858 -30.71 -20.95 -29.04
N LEU A 859 -29.79 -21.70 -28.43
CA LEU A 859 -29.12 -21.22 -27.22
C LEU A 859 -28.23 -20.00 -27.47
N PRO A 860 -27.32 -19.98 -28.46
CA PRO A 860 -26.42 -18.82 -28.59
C PRO A 860 -27.14 -17.50 -28.78
N PHE A 861 -28.24 -17.48 -29.53
CA PHE A 861 -28.96 -16.24 -29.77
C PHE A 861 -29.37 -15.59 -28.46
N VAL A 862 -29.94 -16.38 -27.54
CA VAL A 862 -30.32 -15.85 -26.23
C VAL A 862 -29.13 -15.16 -25.59
N LEU A 863 -27.94 -15.76 -25.71
CA LEU A 863 -26.75 -15.18 -25.09
C LEU A 863 -26.49 -13.78 -25.64
N ILE A 864 -26.57 -13.60 -26.96
CA ILE A 864 -26.30 -12.26 -27.48
C ILE A 864 -27.44 -11.32 -27.15
N LEU A 865 -28.64 -11.86 -26.88
CA LEU A 865 -29.73 -11.04 -26.40
C LEU A 865 -29.45 -10.47 -25.02
N THR A 866 -28.43 -10.99 -24.32
CA THR A 866 -27.98 -10.36 -23.09
C THR A 866 -27.40 -8.99 -23.35
N VAL A 867 -26.79 -8.78 -24.53
CA VAL A 867 -26.15 -7.49 -24.81
C VAL A 867 -27.13 -6.32 -24.78
N PRO A 868 -28.30 -6.38 -25.43
CA PRO A 868 -29.25 -5.27 -25.27
C PRO A 868 -29.71 -5.04 -23.84
N LEU A 869 -29.81 -6.11 -23.04
CA LEU A 869 -30.27 -5.96 -21.66
C LEU A 869 -29.36 -5.02 -20.88
N ARG A 870 -28.05 -5.14 -21.06
CA ARG A 870 -27.13 -4.19 -20.43
C ARG A 870 -27.15 -2.83 -21.12
N ARG A 871 -27.48 -2.80 -22.40
CA ARG A 871 -27.39 -1.56 -23.17
C ARG A 871 -28.62 -0.68 -23.01
N VAL A 872 -29.79 -1.28 -22.77
CA VAL A 872 -31.05 -0.51 -22.79
C VAL A 872 -31.77 -0.61 -21.45
N LEU A 873 -32.11 -1.84 -21.05
CA LEU A 873 -33.01 -2.02 -19.90
C LEU A 873 -32.36 -1.56 -18.59
N LEU A 874 -31.12 -2.00 -18.34
CA LEU A 874 -30.48 -1.69 -17.06
C LEU A 874 -30.34 -0.20 -16.78
N PRO A 875 -29.96 0.67 -17.74
CA PRO A 875 -29.92 2.11 -17.43
C PRO A 875 -31.27 2.70 -17.07
N LEU A 876 -32.37 1.98 -17.26
CA LEU A 876 -33.69 2.44 -16.83
C LEU A 876 -33.98 2.09 -15.37
N ILE A 877 -33.07 1.40 -14.69
CA ILE A 877 -33.26 1.00 -13.30
C ILE A 877 -32.14 1.54 -12.41
N PHE A 878 -30.90 1.36 -12.82
CA PHE A 878 -29.74 1.82 -12.06
C PHE A 878 -29.38 3.25 -12.48
N ARG A 879 -28.23 3.72 -12.02
CA ARG A 879 -27.70 5.02 -12.40
C ARG A 879 -26.35 4.82 -13.08
N ASN A 880 -25.88 5.89 -13.74
CA ASN A 880 -24.69 5.77 -14.58
C ASN A 880 -23.45 5.45 -13.76
N VAL A 881 -23.30 6.08 -12.59
CA VAL A 881 -22.13 5.83 -11.76
C VAL A 881 -22.12 4.39 -11.25
N GLU A 882 -23.27 3.90 -10.80
CA GLU A 882 -23.35 2.52 -10.31
C GLU A 882 -23.05 1.53 -11.43
N LEU A 883 -23.63 1.75 -12.61
CA LEU A 883 -23.43 0.82 -13.72
C LEU A 883 -21.98 0.84 -14.22
N GLN A 884 -21.35 2.02 -14.19
CA GLN A 884 -19.96 2.10 -14.62
C GLN A 884 -19.01 1.52 -13.58
N CYS A 885 -19.36 1.62 -12.29
CA CYS A 885 -18.50 1.06 -11.26
C CYS A 885 -18.62 -0.45 -11.17
N LEU A 886 -19.82 -0.99 -11.39
CA LEU A 886 -20.01 -2.43 -11.30
C LEU A 886 -19.49 -3.14 -12.55
N ASP A 887 -19.92 -2.70 -13.72
CA ASP A 887 -19.53 -3.35 -14.98
C ASP A 887 -18.32 -2.63 -15.57
N ALA A 888 -17.20 -2.75 -14.85
CA ALA A 888 -15.96 -2.10 -15.25
C ALA A 888 -15.23 -2.97 -16.27
N ASP A 889 -14.82 -2.35 -17.38
CA ASP A 889 -14.08 -3.07 -18.41
C ASP A 889 -12.63 -3.35 -18.01
N ASP A 890 -12.10 -2.61 -17.05
CA ASP A 890 -10.74 -2.81 -16.57
C ASP A 890 -10.77 -3.32 -15.13
N ALA A 891 -9.75 -4.10 -14.77
CA ALA A 891 -9.74 -4.75 -13.47
C ALA A 891 -9.63 -3.75 -12.33
N LYS A 892 -8.68 -2.82 -12.41
CA LYS A 892 -8.39 -1.91 -11.31
C LYS A 892 -8.91 -0.50 -11.54
N ALA A 893 -9.51 -0.22 -12.71
CA ALA A 893 -10.02 1.11 -12.98
C ALA A 893 -11.41 1.29 -12.35
N THR A 894 -11.75 2.55 -12.09
CA THR A 894 -13.05 2.89 -11.53
C THR A 894 -13.42 4.34 -11.83
N HIS B 55 -24.44 14.80 46.74
CA HIS B 55 -23.33 13.94 46.39
C HIS B 55 -23.47 13.49 44.93
N LYS B 56 -24.65 13.70 44.36
CA LYS B 56 -24.91 13.38 42.97
C LYS B 56 -26.14 14.16 42.53
N VAL B 57 -26.15 14.56 41.26
CA VAL B 57 -27.19 15.42 40.71
C VAL B 57 -27.64 14.86 39.36
N TYR B 58 -28.62 15.55 38.77
CA TYR B 58 -29.19 15.18 37.48
C TYR B 58 -28.96 16.32 36.50
N VAL B 59 -28.58 15.98 35.28
CA VAL B 59 -28.29 16.96 34.23
C VAL B 59 -29.07 16.58 32.98
N GLU B 60 -29.77 17.54 32.39
CA GLU B 60 -30.58 17.30 31.21
C GLU B 60 -30.18 18.28 30.11
N LEU B 61 -29.92 17.76 28.92
CA LEU B 61 -29.48 18.54 27.77
C LEU B 61 -30.55 18.51 26.69
N GLN B 62 -30.93 19.68 26.19
CA GLN B 62 -31.98 19.81 25.20
C GLN B 62 -31.49 20.65 24.02
N GLU B 63 -31.96 20.31 22.83
CA GLU B 63 -31.62 21.01 21.61
C GLU B 63 -32.88 21.56 20.96
N LEU B 64 -32.71 22.67 20.23
CA LEU B 64 -33.79 23.26 19.45
C LEU B 64 -33.84 22.58 18.09
N VAL B 65 -34.86 21.76 17.86
CA VAL B 65 -34.98 20.99 16.64
C VAL B 65 -36.35 21.23 16.01
N MET B 66 -36.59 20.57 14.89
CA MET B 66 -37.85 20.67 14.16
C MET B 66 -38.43 19.29 13.94
N ASP B 67 -39.76 19.22 13.89
CA ASP B 67 -40.46 17.96 13.67
C ASP B 67 -40.70 17.71 12.19
N GLU B 68 -40.53 16.46 11.77
CA GLU B 68 -40.59 16.12 10.35
C GLU B 68 -42.00 16.20 9.80
N LYS B 69 -43.02 15.85 10.60
CA LYS B 69 -44.38 15.77 10.09
C LYS B 69 -44.85 17.12 9.54
N ASN B 70 -44.94 18.12 10.40
CA ASN B 70 -45.30 19.47 10.00
C ASN B 70 -44.25 20.44 10.53
N GLN B 71 -43.80 21.35 9.69
CA GLN B 71 -42.66 22.20 10.02
C GLN B 71 -42.96 23.09 11.23
N GLU B 72 -42.29 22.82 12.34
CA GLU B 72 -42.44 23.59 13.57
C GLU B 72 -41.18 23.40 14.40
N LEU B 73 -40.98 24.29 15.36
CA LEU B 73 -39.80 24.28 16.21
C LEU B 73 -40.17 23.84 17.62
N ARG B 74 -39.30 23.05 18.24
CA ARG B 74 -39.52 22.64 19.62
C ARG B 74 -38.22 22.13 20.22
N TRP B 75 -38.21 22.04 21.54
CA TRP B 75 -37.07 21.54 22.29
C TRP B 75 -37.18 20.03 22.47
N MET B 76 -36.10 19.32 22.15
CA MET B 76 -36.04 17.87 22.33
C MET B 76 -34.81 17.52 23.16
N GLU B 77 -35.00 16.67 24.16
CA GLU B 77 -33.86 16.22 24.95
C GLU B 77 -32.99 15.28 24.13
N ALA B 78 -31.69 15.30 24.41
CA ALA B 78 -30.73 14.51 23.65
C ALA B 78 -29.77 13.70 24.49
N ALA B 79 -29.61 14.00 25.77
CA ALA B 79 -28.69 13.25 26.62
C ALA B 79 -29.02 13.52 28.08
N ARG B 80 -28.74 12.54 28.92
CA ARG B 80 -28.98 12.64 30.35
C ARG B 80 -27.73 12.22 31.11
N TRP B 81 -27.54 12.82 32.29
CA TRP B 81 -26.33 12.62 33.08
C TRP B 81 -26.70 12.34 34.53
N VAL B 82 -26.44 11.11 34.98
CA VAL B 82 -26.40 10.78 36.40
C VAL B 82 -25.07 10.06 36.62
N GLN B 83 -24.02 10.84 36.87
CA GLN B 83 -22.65 10.34 37.06
C GLN B 83 -22.14 9.63 35.80
N LEU B 84 -22.98 9.55 34.77
CA LEU B 84 -22.65 8.88 33.52
C LEU B 84 -23.56 9.46 32.44
N GLU B 85 -23.14 9.30 31.19
CA GLU B 85 -23.84 9.88 30.06
C GLU B 85 -24.68 8.82 29.36
N GLU B 86 -25.94 9.15 29.08
CA GLU B 86 -26.83 8.28 28.32
C GLU B 86 -27.45 9.08 27.19
N ASN B 87 -27.35 8.55 25.97
CA ASN B 87 -27.90 9.17 24.77
C ASN B 87 -29.09 8.36 24.26
N LEU B 88 -29.85 8.97 23.36
CA LEU B 88 -30.96 8.31 22.71
C LEU B 88 -30.84 8.47 21.20
N GLY B 89 -31.16 7.39 20.47
CA GLY B 89 -31.15 7.41 19.03
C GLY B 89 -32.48 7.82 18.44
N GLU B 90 -32.60 7.67 17.12
CA GLU B 90 -33.83 8.02 16.43
C GLU B 90 -34.98 7.07 16.77
N ASN B 91 -34.67 5.83 17.18
CA ASN B 91 -35.72 4.89 17.53
C ASN B 91 -36.50 5.36 18.76
N GLY B 92 -35.80 5.92 19.75
CA GLY B 92 -36.42 6.35 20.97
C GLY B 92 -36.03 5.55 22.21
N ALA B 93 -35.03 4.69 22.11
CA ALA B 93 -34.57 3.88 23.23
C ALA B 93 -33.16 4.33 23.62
N TRP B 94 -32.94 4.55 24.91
CA TRP B 94 -31.67 5.05 25.39
C TRP B 94 -30.57 4.00 25.22
N GLY B 95 -29.36 4.48 24.92
CA GLY B 95 -28.20 3.62 24.81
C GLY B 95 -27.63 3.26 26.17
N ARG B 96 -26.59 2.43 26.13
CA ARG B 96 -25.97 1.99 27.38
C ARG B 96 -25.16 3.13 27.99
N PRO B 97 -25.16 3.26 29.32
CA PRO B 97 -24.38 4.32 29.96
C PRO B 97 -22.89 4.15 29.70
N HIS B 98 -22.19 5.28 29.64
CA HIS B 98 -20.75 5.27 29.38
C HIS B 98 -20.16 6.56 29.93
N LEU B 99 -18.83 6.57 30.05
CA LEU B 99 -18.14 7.78 30.46
C LEU B 99 -18.13 8.80 29.32
N SER B 100 -17.85 10.05 29.67
CA SER B 100 -17.89 11.16 28.72
C SER B 100 -16.49 11.48 28.23
N HIS B 101 -16.35 11.61 26.91
CA HIS B 101 -15.07 11.92 26.27
C HIS B 101 -15.31 13.10 25.33
N LEU B 102 -14.86 14.28 25.75
CA LEU B 102 -15.10 15.52 25.00
C LEU B 102 -14.10 15.62 23.85
N THR B 103 -14.07 16.79 23.21
CA THR B 103 -13.15 17.07 22.11
C THR B 103 -12.45 18.40 22.36
N PHE B 104 -11.35 18.61 21.64
CA PHE B 104 -10.55 19.81 21.84
C PHE B 104 -11.32 21.07 21.48
N TRP B 105 -12.01 21.04 20.33
CA TRP B 105 -12.70 22.23 19.86
C TRP B 105 -13.82 22.65 20.81
N SER B 106 -14.57 21.67 21.32
CA SER B 106 -15.67 21.99 22.23
C SER B 106 -15.16 22.68 23.48
N LEU B 107 -14.09 22.15 24.08
CA LEU B 107 -13.53 22.76 25.28
C LEU B 107 -12.97 24.15 24.99
N LEU B 108 -12.26 24.30 23.87
CA LEU B 108 -11.68 25.60 23.53
C LEU B 108 -12.77 26.65 23.35
N GLU B 109 -13.81 26.33 22.57
CA GLU B 109 -14.87 27.30 22.35
C GLU B 109 -15.68 27.56 23.62
N LEU B 110 -15.88 26.53 24.45
CA LEU B 110 -16.56 26.73 25.72
C LEU B 110 -15.78 27.71 26.60
N ARG B 111 -14.47 27.54 26.70
CA ARG B 111 -13.66 28.47 27.49
C ARG B 111 -13.74 29.88 26.90
N ARG B 112 -13.63 30.01 25.58
CA ARG B 112 -13.67 31.32 24.95
C ARG B 112 -14.99 32.03 25.22
N VAL B 113 -16.11 31.32 25.09
CA VAL B 113 -17.41 31.94 25.28
C VAL B 113 -17.74 32.14 26.76
N PHE B 114 -17.13 31.35 27.65
CA PHE B 114 -17.42 31.48 29.07
C PHE B 114 -16.55 32.53 29.76
N THR B 115 -15.42 32.89 29.16
CA THR B 115 -14.59 33.94 29.75
C THR B 115 -15.27 35.30 29.75
N LYS B 116 -16.25 35.52 28.88
CA LYS B 116 -16.95 36.79 28.80
C LYS B 116 -18.46 36.67 28.95
N GLY B 117 -18.98 35.46 29.14
CA GLY B 117 -20.41 35.29 29.31
C GLY B 117 -20.91 35.87 30.62
N THR B 118 -22.19 36.22 30.64
CA THR B 118 -22.79 36.83 31.81
C THR B 118 -23.30 35.77 32.77
N VAL B 119 -23.30 36.12 34.06
CA VAL B 119 -23.67 35.20 35.13
C VAL B 119 -24.65 35.92 36.04
N LEU B 120 -25.80 35.29 36.31
CA LEU B 120 -26.80 35.81 37.23
C LEU B 120 -26.87 34.87 38.43
N LEU B 121 -26.51 35.40 39.60
CA LEU B 121 -26.48 34.63 40.83
C LEU B 121 -27.59 35.08 41.77
N ASP B 122 -28.19 34.12 42.47
CA ASP B 122 -29.25 34.38 43.44
C ASP B 122 -30.43 35.08 42.79
N LEU B 123 -30.82 34.62 41.61
CA LEU B 123 -31.97 35.19 40.92
C LEU B 123 -33.26 34.80 41.63
N GLN B 124 -34.13 35.78 41.85
CA GLN B 124 -35.37 35.54 42.58
C GLN B 124 -36.53 35.37 41.60
N GLU B 125 -36.55 34.20 40.95
CA GLU B 125 -37.59 33.83 40.02
C GLU B 125 -37.95 32.37 40.21
N THR B 126 -39.17 32.02 39.81
CA THR B 126 -39.68 30.66 39.94
C THR B 126 -40.08 30.03 38.62
N SER B 127 -40.57 30.81 37.67
CA SER B 127 -41.03 30.31 36.38
C SER B 127 -39.99 30.57 35.30
N LEU B 128 -40.16 29.85 34.18
CA LEU B 128 -39.23 29.97 33.06
C LEU B 128 -39.30 31.37 32.44
N ALA B 129 -40.50 31.95 32.37
CA ALA B 129 -40.65 33.25 31.73
C ALA B 129 -39.87 34.34 32.45
N GLY B 130 -39.92 34.37 33.79
CA GLY B 130 -39.18 35.38 34.53
C GLY B 130 -37.67 35.22 34.38
N VAL B 131 -37.21 33.98 34.30
CA VAL B 131 -35.78 33.74 34.09
C VAL B 131 -35.37 34.19 32.71
N ALA B 132 -36.19 33.88 31.70
CA ALA B 132 -35.85 34.28 30.34
C ALA B 132 -35.85 35.80 30.20
N ASN B 133 -36.81 36.46 30.84
CA ASN B 133 -36.88 37.91 30.81
C ASN B 133 -35.63 38.54 31.44
N GLN B 134 -35.26 38.07 32.63
CA GLN B 134 -34.07 38.62 33.28
C GLN B 134 -32.81 38.33 32.49
N LEU B 135 -32.70 37.13 31.91
CA LEU B 135 -31.53 36.78 31.12
C LEU B 135 -31.42 37.67 29.89
N LEU B 136 -32.54 37.91 29.20
CA LEU B 136 -32.51 38.77 28.02
C LEU B 136 -32.20 40.22 28.39
N ASP B 137 -32.73 40.69 29.52
CA ASP B 137 -32.39 42.03 29.98
C ASP B 137 -30.91 42.15 30.27
N ARG B 138 -30.32 41.13 30.90
CA ARG B 138 -28.89 41.17 31.19
C ARG B 138 -28.06 41.07 29.90
N PHE B 139 -28.53 40.30 28.92
CA PHE B 139 -27.89 40.27 27.62
C PHE B 139 -27.89 41.65 26.98
N ILE B 140 -29.03 42.35 27.06
CA ILE B 140 -29.14 43.67 26.47
C ILE B 140 -28.20 44.65 27.18
N PHE B 141 -28.15 44.58 28.51
CA PHE B 141 -27.36 45.54 29.27
C PHE B 141 -25.87 45.43 28.94
N GLU B 142 -25.36 44.21 28.81
CA GLU B 142 -23.94 43.98 28.57
C GLU B 142 -23.57 43.99 27.10
N ASP B 143 -24.41 44.57 26.23
CA ASP B 143 -24.14 44.71 24.81
C ASP B 143 -23.85 43.36 24.15
N GLN B 144 -24.54 42.32 24.61
CA GLN B 144 -24.36 40.99 24.02
C GLN B 144 -25.23 40.82 22.78
N ILE B 145 -26.46 41.31 22.81
CA ILE B 145 -27.38 41.24 21.68
C ILE B 145 -27.98 42.61 21.44
N ARG B 146 -28.40 42.84 20.20
CA ARG B 146 -29.02 44.10 19.83
C ARG B 146 -30.47 44.15 20.34
N PRO B 147 -30.99 45.35 20.60
CA PRO B 147 -32.37 45.46 21.11
C PRO B 147 -33.43 44.90 20.17
N GLN B 148 -33.15 44.82 18.87
CA GLN B 148 -34.11 44.31 17.91
C GLN B 148 -34.15 42.78 17.87
N ASP B 149 -33.44 42.10 18.77
CA ASP B 149 -33.40 40.64 18.79
C ASP B 149 -34.12 40.03 19.99
N ARG B 150 -34.52 40.84 20.98
CA ARG B 150 -35.15 40.30 22.17
C ARG B 150 -36.51 39.68 21.85
N GLU B 151 -37.28 40.31 20.96
CA GLU B 151 -38.64 39.86 20.70
C GLU B 151 -38.66 38.45 20.10
N GLU B 152 -37.68 38.10 19.28
CA GLU B 152 -37.64 36.77 18.70
C GLU B 152 -37.09 35.74 19.68
N LEU B 153 -36.05 36.10 20.44
CA LEU B 153 -35.48 35.17 21.40
C LEU B 153 -36.46 34.82 22.51
N LEU B 154 -37.23 35.80 22.97
CA LEU B 154 -38.21 35.54 24.02
C LEU B 154 -39.25 34.53 23.56
N ARG B 155 -39.73 34.66 22.33
CA ARG B 155 -40.67 33.68 21.79
C ARG B 155 -40.00 32.33 21.55
N ALA B 156 -38.72 32.33 21.19
CA ALA B 156 -38.02 31.07 20.97
C ALA B 156 -37.85 30.29 22.25
N LEU B 157 -37.49 30.97 23.35
CA LEU B 157 -37.26 30.27 24.61
C LEU B 157 -38.58 29.79 25.23
N LEU B 158 -39.60 30.64 25.24
CA LEU B 158 -40.90 30.27 25.81
C LEU B 158 -41.67 29.43 24.79
N LEU B 159 -41.28 28.17 24.70
CA LEU B 159 -41.83 27.25 23.71
C LEU B 159 -42.07 25.90 24.36
N LYS B 160 -42.90 25.08 23.72
CA LYS B 160 -43.24 23.78 24.26
C LYS B 160 -42.03 22.85 24.24
N HIS B 161 -41.86 22.09 25.32
CA HIS B 161 -40.78 21.12 25.44
C HIS B 161 -41.37 19.71 25.34
N SER B 162 -40.80 18.90 24.45
CA SER B 162 -41.25 17.54 24.23
C SER B 162 -40.11 16.58 24.56
N HIS B 163 -40.43 15.54 25.34
CA HIS B 163 -39.44 14.56 25.74
C HIS B 163 -39.43 13.38 24.76
N ALA B 164 -38.74 12.30 25.13
CA ALA B 164 -38.60 11.17 24.23
C ALA B 164 -39.91 10.41 24.06
N GLY B 165 -40.76 10.39 25.09
CA GLY B 165 -41.99 9.63 25.04
C GLY B 165 -42.94 10.06 23.95
N GLU B 166 -42.78 11.28 23.42
CA GLU B 166 -43.61 11.79 22.35
C GLU B 166 -42.91 11.72 20.99
N LEU B 167 -41.86 10.91 20.87
CA LEU B 167 -41.10 10.89 19.63
C LEU B 167 -41.89 10.22 18.51
N GLU B 168 -42.31 8.97 18.72
CA GLU B 168 -42.95 8.20 17.66
C GLU B 168 -44.25 8.83 17.19
N ALA B 169 -44.91 9.61 18.04
CA ALA B 169 -46.14 10.26 17.64
C ALA B 169 -45.91 11.33 16.56
N LEU B 170 -44.69 11.84 16.45
CA LEU B 170 -44.38 12.86 15.45
C LEU B 170 -43.61 12.33 14.25
N GLY B 171 -42.85 11.25 14.42
CA GLY B 171 -42.13 10.65 13.32
C GLY B 171 -40.66 10.97 13.22
N GLY B 172 -40.09 11.60 14.24
CA GLY B 172 -38.68 11.95 14.24
C GLY B 172 -38.47 13.45 14.13
N VAL B 173 -37.24 13.85 14.43
CA VAL B 173 -36.85 15.26 14.42
C VAL B 173 -35.57 15.41 13.62
N LYS B 174 -35.34 16.62 13.11
CA LYS B 174 -34.15 16.97 12.37
C LYS B 174 -33.58 18.28 12.89
N PRO B 175 -32.27 18.49 12.76
CA PRO B 175 -31.69 19.75 13.21
C PRO B 175 -32.27 20.93 12.45
N ALA B 176 -32.49 22.03 13.18
CA ALA B 176 -33.12 23.21 12.61
C ALA B 176 -32.37 24.45 13.07
N VAL B 177 -32.50 25.53 12.30
CA VAL B 177 -31.84 26.78 12.57
C VAL B 177 -32.89 27.89 12.58
N LEU B 178 -32.97 28.62 13.69
CA LEU B 178 -33.89 29.75 13.79
C LEU B 178 -33.40 30.90 12.92
N THR B 179 -34.35 31.66 12.39
CA THR B 179 -34.06 32.83 11.56
C THR B 179 -34.76 34.06 12.14
N ARG B 180 -34.58 35.20 11.46
CA ARG B 180 -35.19 36.44 11.91
C ARG B 180 -36.71 36.36 11.86
N SER B 181 -37.27 35.79 10.79
CA SER B 181 -38.72 35.67 10.68
C SER B 181 -39.28 34.75 11.75
N GLY B 182 -38.61 33.63 12.03
CA GLY B 182 -39.04 32.68 13.02
C GLY B 182 -39.35 31.30 12.50
N ASP B 183 -39.21 31.05 11.20
CA ASP B 183 -39.49 29.75 10.59
C ASP B 183 -38.20 28.93 10.50
N PRO B 184 -38.30 27.60 10.56
CA PRO B 184 -37.09 26.78 10.48
C PRO B 184 -36.49 26.80 9.09
N SER B 185 -35.20 26.47 9.03
CA SER B 185 -34.48 26.39 7.78
C SER B 185 -33.29 25.47 7.96
N GLN B 186 -32.80 24.91 6.85
CA GLN B 186 -31.68 24.00 6.92
C GLN B 186 -30.37 24.77 7.10
N PRO B 187 -29.41 24.18 7.80
CA PRO B 187 -28.11 24.85 7.97
C PRO B 187 -27.37 24.96 6.65
N LEU B 188 -26.59 26.05 6.53
CA LEU B 188 -25.82 26.27 5.32
C LEU B 188 -24.52 25.48 5.34
N LEU B 189 -23.80 25.51 6.46
CA LEU B 189 -22.55 24.79 6.57
C LEU B 189 -22.80 23.28 6.58
N PRO B 190 -21.83 22.48 6.12
CA PRO B 190 -22.02 21.03 6.08
C PRO B 190 -22.16 20.44 7.48
N GLN B 191 -22.92 19.36 7.56
CA GLN B 191 -23.16 18.64 8.81
C GLN B 191 -22.61 17.23 8.72
N HIS B 192 -22.39 16.62 9.88
CA HIS B 192 -21.87 15.27 9.97
C HIS B 192 -22.66 14.48 10.99
N SER B 193 -22.65 13.16 10.83
CA SER B 193 -23.33 12.27 11.76
C SER B 193 -22.65 12.32 13.13
N SER B 194 -23.45 12.27 14.19
CA SER B 194 -22.92 12.31 15.54
C SER B 194 -22.12 11.06 15.84
N LEU B 195 -21.13 11.18 16.73
CA LEU B 195 -20.24 10.09 17.06
C LEU B 195 -20.80 9.19 18.16
N GLU B 196 -21.32 9.79 19.23
CA GLU B 196 -21.79 8.99 20.36
C GLU B 196 -23.02 8.15 19.98
N THR B 197 -23.96 8.73 19.23
CA THR B 197 -25.15 8.00 18.84
C THR B 197 -24.85 6.91 17.81
N GLN B 198 -23.70 6.97 17.16
CA GLN B 198 -23.30 5.94 16.21
C GLN B 198 -22.60 4.76 16.89
N LEU B 199 -21.95 5.01 18.02
CA LEU B 199 -21.18 3.99 18.71
C LEU B 199 -21.94 3.34 19.86
N PHE B 200 -22.56 4.14 20.74
CA PHE B 200 -23.20 3.59 21.91
C PHE B 200 -24.68 3.28 21.70
N CYS B 201 -25.38 4.10 20.92
CA CYS B 201 -26.79 3.83 20.67
C CYS B 201 -27.00 2.64 19.73
N GLU B 202 -26.02 2.32 18.91
CA GLU B 202 -26.15 1.20 17.98
C GLU B 202 -25.07 0.15 18.23
N HIS B 211 -36.94 -1.21 33.59
CA HIS B 211 -35.82 -1.01 32.67
C HIS B 211 -35.05 0.26 32.99
N SER B 212 -34.80 1.06 31.96
CA SER B 212 -34.09 2.33 32.15
C SER B 212 -34.80 3.30 33.09
N PRO B 213 -36.12 3.52 32.98
CA PRO B 213 -36.75 4.46 33.94
C PRO B 213 -36.60 4.05 35.40
N SER B 214 -36.68 2.76 35.71
CA SER B 214 -36.53 2.32 37.10
C SER B 214 -35.12 2.61 37.61
N GLY B 215 -34.11 2.31 36.81
CA GLY B 215 -32.74 2.62 37.20
C GLY B 215 -32.51 4.11 37.34
N ILE B 216 -33.11 4.90 36.44
CA ILE B 216 -32.95 6.35 36.50
C ILE B 216 -33.56 6.89 37.79
N LEU B 217 -34.77 6.44 38.13
CA LEU B 217 -35.42 6.90 39.35
C LEU B 217 -34.74 6.36 40.60
N GLU B 218 -34.01 5.25 40.49
CA GLU B 218 -33.31 4.71 41.66
C GLU B 218 -31.98 5.41 41.90
N LYS B 219 -31.27 5.76 40.82
CA LYS B 219 -29.92 6.31 40.97
C LYS B 219 -29.95 7.71 41.59
N ILE B 220 -30.93 8.52 41.21
CA ILE B 220 -31.01 9.89 41.74
C ILE B 220 -31.30 9.84 43.23
N PRO B 221 -30.53 10.54 44.07
CA PRO B 221 -30.83 10.55 45.50
C PRO B 221 -32.19 11.18 45.75
N PRO B 222 -32.84 10.81 46.85
CA PRO B 222 -34.20 11.35 47.10
C PRO B 222 -34.26 12.86 47.20
N ASP B 223 -33.21 13.50 47.71
CA ASP B 223 -33.17 14.95 47.87
C ASP B 223 -31.96 15.47 47.09
N SER B 224 -32.21 16.01 45.90
CA SER B 224 -31.15 16.55 45.07
C SER B 224 -31.76 17.55 44.10
N GLU B 225 -30.89 18.35 43.48
CA GLU B 225 -31.27 19.35 42.49
C GLU B 225 -30.81 18.92 41.11
N ALA B 226 -31.35 19.58 40.09
CA ALA B 226 -31.08 19.23 38.71
C ALA B 226 -30.69 20.47 37.93
N THR B 227 -29.95 20.24 36.83
CA THR B 227 -29.50 21.29 35.95
C THR B 227 -30.02 21.05 34.53
N LEU B 228 -30.31 22.14 33.84
CA LEU B 228 -30.86 22.09 32.49
C LEU B 228 -29.98 22.91 31.56
N VAL B 229 -29.62 22.34 30.42
CA VAL B 229 -28.80 22.98 29.42
C VAL B 229 -29.58 23.01 28.11
N LEU B 230 -29.64 24.18 27.48
CA LEU B 230 -30.38 24.38 26.24
C LEU B 230 -29.43 24.87 25.16
N VAL B 231 -29.47 24.24 23.98
CA VAL B 231 -28.66 24.67 22.85
C VAL B 231 -29.53 24.87 21.63
N GLY B 232 -29.08 25.75 20.74
CA GLY B 232 -29.81 26.06 19.53
C GLY B 232 -29.15 27.18 18.75
N ARG B 233 -29.24 27.14 17.43
CA ARG B 233 -28.58 28.11 16.57
C ARG B 233 -29.56 29.20 16.14
N ALA B 234 -29.04 30.42 16.01
CA ALA B 234 -29.83 31.57 15.60
C ALA B 234 -29.01 32.39 14.60
N ASP B 235 -29.55 32.58 13.39
CA ASP B 235 -28.81 33.23 12.33
C ASP B 235 -28.74 34.74 12.48
N PHE B 236 -29.63 35.34 13.28
CA PHE B 236 -29.64 36.79 13.46
C PHE B 236 -28.69 37.25 14.56
N LEU B 237 -27.70 36.44 14.91
CA LEU B 237 -26.73 36.76 15.95
C LEU B 237 -25.35 36.93 15.33
N GLU B 238 -24.47 37.59 16.09
CA GLU B 238 -23.11 37.86 15.64
C GLU B 238 -22.10 36.86 16.19
N GLN B 239 -22.05 36.73 17.52
CA GLN B 239 -21.14 35.81 18.19
C GLN B 239 -21.92 34.98 19.21
N PRO B 240 -21.43 33.79 19.55
CA PRO B 240 -22.12 32.96 20.54
C PRO B 240 -22.17 33.65 21.89
N VAL B 241 -23.23 33.35 22.65
CA VAL B 241 -23.43 33.89 23.99
C VAL B 241 -23.74 32.76 24.94
N LEU B 242 -23.19 32.87 26.16
CA LEU B 242 -23.39 31.90 27.22
C LEU B 242 -24.03 32.59 28.41
N GLY B 243 -25.11 32.01 28.92
CA GLY B 243 -25.76 32.50 30.11
C GLY B 243 -25.89 31.43 31.17
N PHE B 244 -25.33 31.71 32.35
CA PHE B 244 -25.33 30.76 33.47
C PHE B 244 -26.06 31.43 34.63
N VAL B 245 -27.22 30.87 35.00
CA VAL B 245 -28.04 31.47 36.04
C VAL B 245 -28.36 30.44 37.11
N ARG B 246 -28.17 30.81 38.37
CA ARG B 246 -28.45 29.96 39.52
C ARG B 246 -29.60 30.56 40.31
N LEU B 247 -30.67 29.79 40.49
CA LEU B 247 -31.84 30.28 41.20
C LEU B 247 -31.53 30.44 42.68
N GLN B 248 -32.16 31.45 43.30
CA GLN B 248 -31.98 31.67 44.72
C GLN B 248 -32.53 30.50 45.53
N GLU B 249 -33.70 29.98 45.14
CA GLU B 249 -34.31 28.83 45.78
C GLU B 249 -34.82 27.88 44.71
N ALA B 250 -34.52 26.60 44.86
CA ALA B 250 -34.89 25.62 43.85
C ALA B 250 -36.41 25.55 43.70
N ALA B 251 -36.86 25.55 42.44
CA ALA B 251 -38.28 25.54 42.14
C ALA B 251 -38.54 24.60 40.97
N GLU B 252 -39.76 24.08 40.91
CA GLU B 252 -40.16 23.21 39.81
C GLU B 252 -40.25 24.00 38.50
N LEU B 253 -39.99 23.30 37.40
CA LEU B 253 -40.05 23.89 36.07
C LEU B 253 -40.83 23.00 35.14
N GLU B 254 -41.50 23.62 34.16
CA GLU B 254 -42.30 22.89 33.19
C GLU B 254 -41.46 22.18 32.13
N ALA B 255 -40.18 22.52 32.01
CA ALA B 255 -39.35 21.92 30.97
C ALA B 255 -39.03 20.47 31.27
N VAL B 256 -38.78 20.15 32.53
CA VAL B 256 -38.38 18.81 32.95
C VAL B 256 -39.59 18.08 33.52
N GLU B 257 -39.89 16.90 32.99
CA GLU B 257 -41.00 16.10 33.48
C GLU B 257 -40.69 15.40 34.79
N LEU B 258 -39.41 15.18 35.10
CA LEU B 258 -39.03 14.55 36.34
C LEU B 258 -39.38 15.45 37.53
N PRO B 259 -39.75 14.87 38.67
CA PRO B 259 -40.14 15.69 39.83
C PRO B 259 -38.98 16.37 40.53
N VAL B 260 -37.75 16.19 40.06
CA VAL B 260 -36.59 16.80 40.72
C VAL B 260 -36.60 18.30 40.46
N PRO B 261 -36.36 19.14 41.48
CA PRO B 261 -36.32 20.58 41.26
C PRO B 261 -35.07 21.00 40.51
N ILE B 262 -35.10 22.23 39.99
CA ILE B 262 -34.05 22.77 39.14
C ILE B 262 -33.39 23.93 39.87
N ARG B 263 -32.06 23.95 39.87
CA ARG B 263 -31.27 25.00 40.51
C ARG B 263 -30.42 25.80 39.54
N PHE B 264 -29.73 25.14 38.61
CA PHE B 264 -28.86 25.81 37.66
C PHE B 264 -29.48 25.79 36.27
N LEU B 265 -29.09 26.76 35.44
CA LEU B 265 -29.57 26.84 34.08
C LEU B 265 -28.47 27.36 33.17
N PHE B 266 -28.20 26.61 32.10
CA PHE B 266 -27.28 27.00 31.04
C PHE B 266 -28.06 27.36 29.79
N VAL B 267 -27.66 28.45 29.13
CA VAL B 267 -28.24 28.86 27.86
C VAL B 267 -27.10 29.16 26.91
N LEU B 268 -27.03 28.45 25.80
CA LEU B 268 -25.97 28.61 24.82
C LEU B 268 -26.59 28.96 23.48
N LEU B 269 -26.33 30.17 23.00
CA LEU B 269 -26.89 30.66 21.75
C LEU B 269 -25.76 31.11 20.82
N GLY B 270 -26.10 31.29 19.54
CA GLY B 270 -25.15 31.81 18.59
C GLY B 270 -25.42 31.38 17.17
N PRO B 271 -24.70 31.99 16.23
CA PRO B 271 -24.85 31.61 14.82
C PRO B 271 -23.91 30.48 14.40
N GLU B 272 -24.00 30.06 13.15
CA GLU B 272 -23.11 29.03 12.64
C GLU B 272 -21.72 29.61 12.40
N ALA B 273 -20.70 28.82 12.72
CA ALA B 273 -19.31 29.24 12.54
C ALA B 273 -18.45 27.99 12.45
N PRO B 274 -17.31 28.06 11.77
CA PRO B 274 -16.42 26.89 11.70
C PRO B 274 -15.81 26.57 13.06
N HIS B 275 -15.51 25.29 13.25
CA HIS B 275 -14.89 24.77 14.47
C HIS B 275 -15.78 24.95 15.70
N ILE B 276 -17.09 25.10 15.49
CA ILE B 276 -18.05 25.18 16.59
C ILE B 276 -19.16 24.18 16.32
N ASP B 277 -19.33 23.22 17.22
CA ASP B 277 -20.43 22.27 17.20
C ASP B 277 -21.21 22.44 18.50
N TYR B 278 -22.49 22.79 18.39
CA TYR B 278 -23.26 23.15 19.57
C TYR B 278 -23.64 21.94 20.40
N THR B 279 -23.85 20.79 19.77
CA THR B 279 -24.13 19.57 20.53
C THR B 279 -22.94 19.19 21.41
N GLN B 280 -21.74 19.21 20.83
CA GLN B 280 -20.54 18.88 21.59
C GLN B 280 -20.26 19.93 22.66
N LEU B 281 -20.54 21.19 22.37
CA LEU B 281 -20.33 22.25 23.36
C LEU B 281 -21.30 22.08 24.54
N GLY B 282 -22.55 21.75 24.26
CA GLY B 282 -23.48 21.44 25.34
C GLY B 282 -23.06 20.23 26.14
N ARG B 283 -22.53 19.21 25.45
CA ARG B 283 -22.01 18.04 26.16
C ARG B 283 -20.86 18.42 27.08
N ALA B 284 -19.96 19.29 26.61
CA ALA B 284 -18.87 19.75 27.44
C ALA B 284 -19.37 20.52 28.66
N ALA B 285 -20.37 21.39 28.46
CA ALA B 285 -20.93 22.13 29.59
C ALA B 285 -21.56 21.19 30.60
N ALA B 286 -22.31 20.20 30.13
CA ALA B 286 -22.92 19.24 31.04
C ALA B 286 -21.87 18.43 31.80
N THR B 287 -20.80 18.02 31.10
CA THR B 287 -19.72 17.29 31.77
C THR B 287 -19.04 18.15 32.83
N LEU B 288 -18.83 19.43 32.53
CA LEU B 288 -18.24 20.33 33.52
C LEU B 288 -19.16 20.47 34.73
N MET B 289 -20.47 20.57 34.51
CA MET B 289 -21.40 20.70 35.61
C MET B 289 -21.51 19.40 36.42
N SER B 290 -21.24 18.26 35.79
CA SER B 290 -21.41 16.98 36.48
C SER B 290 -20.33 16.74 37.54
N GLU B 291 -19.15 17.34 37.37
CA GLU B 291 -18.07 17.12 38.31
C GLU B 291 -18.39 17.74 39.67
N ARG B 292 -17.93 17.07 40.74
CA ARG B 292 -18.23 17.52 42.09
C ARG B 292 -17.55 18.83 42.44
N VAL B 293 -16.27 18.97 42.05
CA VAL B 293 -15.50 20.14 42.46
C VAL B 293 -16.08 21.42 41.86
N PHE B 294 -16.39 21.39 40.56
CA PHE B 294 -16.99 22.56 39.93
C PHE B 294 -18.36 22.87 40.50
N ARG B 295 -19.13 21.83 40.82
CA ARG B 295 -20.45 22.04 41.42
C ARG B 295 -20.33 22.72 42.78
N ILE B 296 -19.38 22.28 43.60
CA ILE B 296 -19.17 22.91 44.91
C ILE B 296 -18.70 24.36 44.73
N ASP B 297 -17.81 24.59 43.76
CA ASP B 297 -17.34 25.95 43.51
C ASP B 297 -18.50 26.85 43.09
N ALA B 298 -19.40 26.34 42.25
CA ALA B 298 -20.55 27.14 41.84
C ALA B 298 -21.49 27.36 43.01
N TYR B 299 -21.60 26.36 43.89
CA TYR B 299 -22.44 26.49 45.07
C TYR B 299 -21.91 27.54 46.03
N MET B 300 -20.61 27.87 45.94
CA MET B 300 -20.06 28.91 46.81
C MET B 300 -19.55 30.13 46.06
N ALA B 301 -19.56 30.12 44.74
CA ALA B 301 -19.06 31.25 43.97
C ALA B 301 -19.97 32.47 44.16
N GLN B 302 -19.36 33.65 44.22
CA GLN B 302 -20.08 34.90 44.34
C GLN B 302 -19.98 35.79 43.11
N SER B 303 -19.04 35.50 42.20
CA SER B 303 -18.88 36.27 40.98
C SER B 303 -18.37 35.34 39.89
N ARG B 304 -17.98 35.92 38.76
CA ARG B 304 -17.49 35.13 37.64
C ARG B 304 -16.04 34.70 37.81
N GLY B 305 -15.26 35.40 38.64
CA GLY B 305 -13.86 35.05 38.81
C GLY B 305 -13.66 33.67 39.38
N GLU B 306 -14.48 33.29 40.37
CA GLU B 306 -14.35 31.97 40.97
C GLU B 306 -14.68 30.88 39.97
N LEU B 307 -15.73 31.08 39.15
CA LEU B 307 -16.07 30.10 38.13
C LEU B 307 -14.96 30.00 37.08
N LEU B 308 -14.38 31.14 36.70
CA LEU B 308 -13.26 31.10 35.75
C LEU B 308 -12.07 30.34 36.33
N HIS B 309 -11.75 30.57 37.61
CA HIS B 309 -10.65 29.85 38.24
C HIS B 309 -10.92 28.36 38.29
N SER B 310 -12.16 27.98 38.63
CA SER B 310 -12.52 26.56 38.66
C SER B 310 -12.42 25.94 37.27
N LEU B 311 -12.84 26.67 36.23
CA LEU B 311 -12.72 26.15 34.87
C LEU B 311 -11.27 25.98 34.46
N GLU B 312 -10.41 26.94 34.83
CA GLU B 312 -8.98 26.80 34.53
C GLU B 312 -8.39 25.60 35.25
N GLY B 313 -8.79 25.39 36.51
CA GLY B 313 -8.35 24.19 37.22
C GLY B 313 -8.81 22.91 36.56
N PHE B 314 -10.06 22.89 36.08
CA PHE B 314 -10.58 21.73 35.39
C PHE B 314 -9.82 21.45 34.10
N LEU B 315 -9.49 22.51 33.34
CA LEU B 315 -8.73 22.33 32.12
C LEU B 315 -7.30 21.89 32.40
N ASP B 316 -6.73 22.33 33.53
CA ASP B 316 -5.35 21.98 33.85
C ASP B 316 -5.19 20.48 34.06
N CYS B 317 -6.17 19.85 34.72
CA CYS B 317 -6.08 18.44 35.08
C CYS B 317 -6.66 17.52 34.01
N SER B 318 -6.71 17.95 32.76
CA SER B 318 -7.22 17.15 31.67
C SER B 318 -6.07 16.49 30.91
N LEU B 319 -6.33 15.29 30.40
CA LEU B 319 -5.31 14.50 29.70
C LEU B 319 -5.78 14.29 28.27
N VAL B 320 -5.13 14.97 27.33
CA VAL B 320 -5.46 14.88 25.91
C VAL B 320 -4.44 13.97 25.23
N LEU B 321 -4.92 13.06 24.40
CA LEU B 321 -4.05 12.14 23.68
C LEU B 321 -4.20 12.31 22.18
N PRO B 322 -3.11 12.34 21.44
CA PRO B 322 -3.19 12.63 20.00
C PRO B 322 -3.46 11.36 19.21
N PRO B 323 -3.83 11.50 17.93
CA PRO B 323 -4.01 10.30 17.09
C PRO B 323 -2.69 9.58 16.86
N THR B 324 -2.81 8.28 16.63
CA THR B 324 -1.64 7.43 16.39
C THR B 324 -1.81 6.67 15.07
N ASP B 325 -0.92 5.70 14.82
CA ASP B 325 -1.00 4.87 13.63
C ASP B 325 -1.50 3.46 13.92
N ALA B 326 -0.90 2.79 14.92
CA ALA B 326 -1.28 1.43 15.30
C ALA B 326 -1.54 1.42 16.81
N PRO B 327 -2.74 1.82 17.23
CA PRO B 327 -3.04 1.83 18.66
C PRO B 327 -3.04 0.42 19.24
N SER B 328 -2.62 0.33 20.50
CA SER B 328 -2.54 -0.94 21.21
C SER B 328 -3.09 -0.78 22.62
N GLU B 329 -3.68 -1.85 23.13
CA GLU B 329 -4.20 -1.86 24.50
C GLU B 329 -3.10 -1.99 25.54
N GLN B 330 -1.87 -2.28 25.13
CA GLN B 330 -0.75 -2.37 26.05
C GLN B 330 -0.07 -1.03 26.25
N ALA B 331 0.19 -0.30 25.16
CA ALA B 331 0.76 1.03 25.28
C ALA B 331 -0.19 1.98 25.99
N LEU B 332 -1.49 1.89 25.68
CA LEU B 332 -2.48 2.77 26.32
C LEU B 332 -2.56 2.54 27.81
N LEU B 333 -2.10 1.40 28.31
CA LEU B 333 -2.09 1.11 29.74
C LEU B 333 -0.81 1.60 30.42
N SER B 334 0.08 2.25 29.68
CA SER B 334 1.26 2.84 30.29
C SER B 334 1.00 4.22 30.88
N LEU B 335 -0.20 4.77 30.67
CA LEU B 335 -0.58 6.07 31.21
C LEU B 335 -1.38 5.95 32.50
N VAL B 336 -1.48 4.74 33.08
CA VAL B 336 -2.29 4.56 34.28
C VAL B 336 -1.83 5.42 35.44
N PRO B 337 -0.53 5.47 35.80
CA PRO B 337 -0.14 6.34 36.92
C PRO B 337 -0.44 7.81 36.68
N VAL B 338 -0.13 8.31 35.47
CA VAL B 338 -0.25 9.74 35.21
C VAL B 338 -1.66 10.22 35.50
N GLN B 339 -2.66 9.53 34.94
CA GLN B 339 -4.05 9.88 35.20
C GLN B 339 -4.31 9.98 36.70
N ARG B 340 -3.89 8.97 37.46
CA ARG B 340 -4.07 8.99 38.91
C ARG B 340 -3.52 10.29 39.49
N GLU B 341 -2.28 10.62 39.14
CA GLU B 341 -1.67 11.84 39.66
C GLU B 341 -2.54 13.05 39.38
N LEU B 342 -3.03 13.16 38.13
CA LEU B 342 -3.85 14.30 37.77
C LEU B 342 -5.07 14.38 38.67
N LEU B 343 -5.73 13.24 38.90
CA LEU B 343 -6.90 13.23 39.78
C LEU B 343 -6.55 13.81 41.13
N ARG B 344 -5.43 13.38 41.71
CA ARG B 344 -5.04 13.88 43.02
C ARG B 344 -4.91 15.39 42.99
N ARG B 345 -4.27 15.93 41.94
CA ARG B 345 -4.10 17.37 41.85
C ARG B 345 -5.44 18.07 41.81
N ARG B 346 -6.41 17.49 41.11
CA ARG B 346 -7.73 18.12 41.03
C ARG B 346 -8.36 18.24 42.40
N TYR B 347 -8.07 17.31 43.31
CA TYR B 347 -8.60 17.34 44.65
C TYR B 347 -7.64 17.95 45.65
N GLN B 348 -6.50 18.47 45.19
CA GLN B 348 -5.48 18.97 46.11
C GLN B 348 -5.98 20.17 46.91
N SER B 349 -6.69 21.08 46.25
CA SER B 349 -7.14 22.33 46.85
C SER B 349 -8.66 22.41 46.95
N SER B 350 -9.30 21.30 47.30
CA SER B 350 -10.75 21.28 47.43
C SER B 350 -11.13 20.58 48.73
N PRO B 351 -12.22 21.03 49.37
CA PRO B 351 -12.68 20.33 50.59
C PRO B 351 -13.13 18.90 50.35
N ALA B 352 -13.52 18.55 49.13
CA ALA B 352 -13.96 17.20 48.83
C ALA B 352 -12.77 16.24 48.81
N LYS B 353 -13.08 14.95 48.71
CA LYS B 353 -12.07 13.90 48.67
C LYS B 353 -12.43 12.90 47.59
N PRO B 354 -11.44 12.25 46.99
CA PRO B 354 -11.73 11.25 45.96
C PRO B 354 -12.46 10.05 46.53
N ASP B 355 -13.25 9.40 45.68
CA ASP B 355 -14.01 8.23 46.07
C ASP B 355 -13.21 6.94 45.89
N SER B 356 -12.57 6.78 44.73
CA SER B 356 -11.77 5.58 44.46
C SER B 356 -10.30 5.85 44.74
N SER B 357 -10.01 6.08 46.01
CA SER B 357 -8.63 6.33 46.43
C SER B 357 -7.77 5.10 46.24
N PHE B 358 -8.26 3.93 46.65
CA PHE B 358 -7.52 2.68 46.50
C PHE B 358 -8.45 1.57 46.04
N TYR B 359 -9.39 1.91 45.15
CA TYR B 359 -10.36 0.95 44.62
C TYR B 359 -9.97 0.43 43.24
N LYS B 360 -8.79 0.79 42.74
CA LYS B 360 -8.34 0.36 41.42
C LYS B 360 -7.29 -0.75 41.48
N GLY B 361 -6.77 -1.08 42.66
CA GLY B 361 -5.78 -2.13 42.77
C GLY B 361 -6.03 -2.97 44.00
N LEU B 362 -5.70 -4.26 43.89
CA LEU B 362 -5.87 -5.20 44.99
C LEU B 362 -4.69 -5.11 45.95
N ASP B 363 -5.00 -4.97 47.24
CA ASP B 363 -3.97 -4.89 48.27
C ASP B 363 -3.55 -6.30 48.69
N LEU B 364 -2.92 -6.99 47.76
CA LEU B 364 -2.44 -8.35 47.98
C LEU B 364 -1.18 -8.55 47.15
N ASN B 365 -0.75 -9.81 47.01
CA ASN B 365 0.43 -10.16 46.26
C ASN B 365 0.14 -11.33 45.34
N GLY B 366 0.75 -11.31 44.16
CA GLY B 366 0.69 -12.41 43.23
C GLY B 366 1.96 -13.23 43.25
N GLY B 367 2.66 -13.20 44.37
CA GLY B 367 3.95 -13.84 44.51
C GLY B 367 3.90 -15.12 45.32
N PRO B 368 4.23 -15.01 46.62
CA PRO B 368 4.32 -16.20 47.48
C PRO B 368 3.09 -17.10 47.47
N ASP B 369 1.95 -16.59 46.97
CA ASP B 369 0.74 -17.41 46.84
C ASP B 369 0.93 -18.33 45.64
N ASP B 370 1.47 -19.52 45.90
CA ASP B 370 1.70 -20.51 44.87
C ASP B 370 0.94 -21.79 45.19
N PRO B 371 0.44 -22.51 44.17
CA PRO B 371 -0.34 -23.72 44.45
C PRO B 371 0.46 -24.79 45.18
N LEU B 372 1.76 -24.91 44.91
CA LEU B 372 2.61 -25.91 45.54
C LEU B 372 3.75 -25.21 46.27
N GLN B 373 3.93 -25.54 47.55
CA GLN B 373 4.92 -24.91 48.39
C GLN B 373 5.03 -25.69 49.69
N GLN B 374 6.24 -25.79 50.22
CA GLN B 374 6.46 -26.48 51.49
C GLN B 374 5.85 -25.68 52.62
N THR B 375 5.08 -26.35 53.47
CA THR B 375 4.38 -25.71 54.58
C THR B 375 4.78 -26.36 55.89
N GLY B 376 4.95 -25.54 56.93
CA GLY B 376 5.45 -26.02 58.21
C GLY B 376 4.48 -26.87 59.01
N GLN B 377 3.24 -27.02 58.55
CA GLN B 377 2.25 -27.81 59.26
C GLN B 377 1.75 -28.95 58.39
N LEU B 378 1.32 -30.03 59.05
CA LEU B 378 0.84 -31.21 58.36
C LEU B 378 -0.45 -30.91 57.59
N PHE B 379 -0.60 -31.54 56.43
CA PHE B 379 -1.80 -31.43 55.60
C PHE B 379 -2.08 -29.99 55.17
N GLY B 380 -1.03 -29.19 55.01
CA GLY B 380 -1.24 -27.81 54.61
C GLY B 380 -1.78 -27.68 53.20
N GLY B 381 -1.28 -28.49 52.27
CA GLY B 381 -1.72 -28.38 50.89
C GLY B 381 -3.19 -28.67 50.72
N LEU B 382 -3.71 -29.68 51.44
CA LEU B 382 -5.11 -30.06 51.31
C LEU B 382 -6.03 -28.91 51.73
N VAL B 383 -5.80 -28.34 52.90
CA VAL B 383 -6.66 -27.27 53.39
C VAL B 383 -6.48 -26.03 52.53
N ARG B 384 -5.26 -25.76 52.06
CA ARG B 384 -5.04 -24.61 51.19
C ARG B 384 -5.84 -24.74 49.90
N ASP B 385 -5.79 -25.92 49.28
CA ASP B 385 -6.54 -26.13 48.05
C ASP B 385 -8.04 -26.05 48.28
N ILE B 386 -8.52 -26.62 49.39
CA ILE B 386 -9.95 -26.55 49.69
C ILE B 386 -10.39 -25.10 49.84
N ARG B 387 -9.65 -24.32 50.64
CA ARG B 387 -10.02 -22.93 50.86
C ARG B 387 -9.89 -22.11 49.58
N ARG B 388 -8.97 -22.47 48.70
CA ARG B 388 -8.80 -21.73 47.46
C ARG B 388 -9.91 -22.04 46.45
N ARG B 389 -10.41 -23.27 46.42
CA ARG B 389 -11.32 -23.68 45.36
C ARG B 389 -12.79 -23.64 45.77
N TYR B 390 -13.15 -24.20 46.93
CA TYR B 390 -14.56 -24.39 47.26
C TYR B 390 -15.40 -23.11 47.26
N PRO B 391 -14.90 -21.92 47.63
CA PRO B 391 -15.73 -20.72 47.53
C PRO B 391 -16.27 -20.43 46.12
N TYR B 392 -15.84 -21.16 45.10
CA TYR B 392 -16.31 -20.94 43.73
C TYR B 392 -17.35 -21.97 43.30
N TYR B 393 -17.99 -22.64 44.26
CA TYR B 393 -18.83 -23.79 43.92
C TYR B 393 -20.12 -23.32 43.23
N LEU B 394 -20.72 -22.23 43.70
CA LEU B 394 -21.92 -21.71 43.06
C LEU B 394 -21.63 -21.22 41.65
N SER B 395 -20.49 -20.55 41.45
CA SER B 395 -20.09 -20.14 40.12
C SER B 395 -19.88 -21.35 39.21
N ASP B 396 -19.25 -22.40 39.75
CA ASP B 396 -19.04 -23.62 38.96
C ASP B 396 -20.37 -24.22 38.53
N ILE B 397 -21.35 -24.23 39.44
CA ILE B 397 -22.67 -24.75 39.08
C ILE B 397 -23.34 -23.88 38.02
N THR B 398 -23.26 -22.56 38.19
CA THR B 398 -24.04 -21.65 37.34
C THR B 398 -23.47 -21.54 35.93
N ASP B 399 -22.13 -21.50 35.81
CA ASP B 399 -21.48 -21.19 34.54
C ASP B 399 -21.72 -22.23 33.44
N ALA B 400 -22.51 -23.26 33.71
CA ALA B 400 -22.74 -24.35 32.77
C ALA B 400 -24.08 -24.22 32.03
N PHE B 401 -24.54 -23.00 31.77
CA PHE B 401 -25.80 -22.79 31.09
C PHE B 401 -25.65 -22.45 29.61
N SER B 402 -24.42 -22.53 29.07
CA SER B 402 -24.23 -22.26 27.65
C SER B 402 -24.35 -23.54 26.83
N PRO B 403 -24.78 -23.43 25.57
CA PRO B 403 -24.84 -24.63 24.71
C PRO B 403 -23.49 -25.25 24.40
N GLN B 404 -22.40 -24.47 24.54
CA GLN B 404 -21.07 -25.05 24.36
C GLN B 404 -20.81 -26.16 25.36
N VAL B 405 -21.34 -26.03 26.57
CA VAL B 405 -21.22 -27.10 27.56
C VAL B 405 -21.90 -28.36 27.06
N LEU B 406 -23.09 -28.22 26.48
CA LEU B 406 -23.80 -29.38 25.94
C LEU B 406 -23.02 -30.03 24.80
N ALA B 407 -22.46 -29.22 23.90
CA ALA B 407 -21.67 -29.76 22.80
C ALA B 407 -20.44 -30.50 23.32
N ALA B 408 -19.75 -29.93 24.30
CA ALA B 408 -18.59 -30.59 24.89
C ALA B 408 -19.00 -31.89 25.56
N VAL B 409 -20.16 -31.90 26.24
CA VAL B 409 -20.63 -33.13 26.87
C VAL B 409 -20.85 -34.21 25.83
N ILE B 410 -21.50 -33.86 24.71
CA ILE B 410 -21.78 -34.85 23.68
C ILE B 410 -20.48 -35.39 23.09
N PHE B 411 -19.52 -34.51 22.83
CA PHE B 411 -18.24 -34.95 22.27
C PHE B 411 -17.50 -35.87 23.23
N ILE B 412 -17.33 -35.43 24.48
CA ILE B 412 -16.56 -36.22 25.44
C ILE B 412 -17.26 -37.52 25.80
N TYR B 413 -18.58 -37.61 25.63
CA TYR B 413 -19.27 -38.87 25.89
C TYR B 413 -18.71 -39.98 25.02
N PHE B 414 -18.67 -39.77 23.70
CA PHE B 414 -18.07 -40.77 22.81
C PHE B 414 -16.58 -40.91 23.06
N ALA B 415 -15.89 -39.76 23.24
CA ALA B 415 -14.43 -39.79 23.42
C ALA B 415 -14.02 -40.62 24.62
N ALA B 416 -14.87 -40.71 25.63
CA ALA B 416 -14.58 -41.51 26.83
C ALA B 416 -15.22 -42.89 26.79
N LEU B 417 -16.31 -43.06 26.05
CA LEU B 417 -16.97 -44.36 26.00
C LEU B 417 -16.19 -45.35 25.14
N SER B 418 -15.68 -44.92 23.99
CA SER B 418 -15.02 -45.87 23.09
C SER B 418 -13.80 -46.55 23.70
N PRO B 419 -12.80 -45.82 24.23
CA PRO B 419 -11.63 -46.50 24.81
C PRO B 419 -11.98 -47.40 25.98
N ALA B 420 -12.99 -47.03 26.78
CA ALA B 420 -13.40 -47.88 27.89
C ALA B 420 -13.87 -49.24 27.39
N ILE B 421 -14.70 -49.23 26.34
CA ILE B 421 -15.20 -50.48 25.79
C ILE B 421 -14.06 -51.32 25.22
N THR B 422 -13.16 -50.68 24.47
CA THR B 422 -12.07 -51.42 23.85
C THR B 422 -11.17 -52.05 24.91
N PHE B 423 -10.77 -51.27 25.92
CA PHE B 423 -9.89 -51.78 26.96
C PHE B 423 -10.58 -52.84 27.81
N GLY B 424 -11.88 -52.67 28.07
CA GLY B 424 -12.60 -53.69 28.81
C GLY B 424 -12.66 -55.01 28.07
N GLY B 425 -12.92 -54.96 26.76
CA GLY B 425 -12.92 -56.18 25.98
C GLY B 425 -11.56 -56.85 25.95
N LEU B 426 -10.50 -56.06 25.76
CA LEU B 426 -9.16 -56.63 25.72
C LEU B 426 -8.78 -57.25 27.06
N LEU B 427 -9.10 -56.56 28.16
CA LEU B 427 -8.80 -57.09 29.48
C LEU B 427 -9.61 -58.35 29.77
N GLY B 428 -10.87 -58.40 29.33
CA GLY B 428 -11.65 -59.60 29.51
C GLY B 428 -11.10 -60.78 28.74
N GLU B 429 -10.65 -60.55 27.50
CA GLU B 429 -10.05 -61.63 26.73
C GLU B 429 -8.63 -61.96 27.17
N LYS B 430 -8.01 -61.11 28.00
CA LYS B 430 -6.64 -61.35 28.45
C LYS B 430 -6.56 -62.12 29.77
N THR B 431 -7.44 -61.82 30.73
CA THR B 431 -7.39 -62.43 32.05
C THR B 431 -8.44 -63.50 32.25
N ARG B 432 -8.88 -64.15 31.18
CA ARG B 432 -9.90 -65.20 31.25
C ARG B 432 -11.18 -64.70 31.91
N ASN B 433 -11.56 -63.46 31.57
CA ASN B 433 -12.83 -62.86 31.98
C ASN B 433 -12.95 -62.68 33.49
N GLN B 434 -11.83 -62.54 34.19
CA GLN B 434 -11.90 -62.13 35.59
C GLN B 434 -12.42 -60.71 35.72
N MET B 435 -11.99 -59.82 34.83
CA MET B 435 -12.50 -58.45 34.78
C MET B 435 -12.77 -58.08 33.34
N GLY B 436 -13.95 -57.51 33.09
CA GLY B 436 -14.42 -57.29 31.74
C GLY B 436 -14.80 -55.85 31.43
N VAL B 437 -15.97 -55.67 30.83
CA VAL B 437 -16.41 -54.37 30.35
C VAL B 437 -17.33 -53.68 31.35
N SER B 438 -18.28 -54.43 31.92
CA SER B 438 -19.25 -53.84 32.83
C SER B 438 -18.57 -53.28 34.07
N GLU B 439 -17.59 -54.01 34.61
CA GLU B 439 -16.87 -53.53 35.79
C GLU B 439 -16.16 -52.21 35.50
N LEU B 440 -15.49 -52.13 34.35
CA LEU B 440 -14.78 -50.91 33.98
C LEU B 440 -15.75 -49.76 33.77
N LEU B 441 -16.89 -50.03 33.13
CA LEU B 441 -17.88 -48.99 32.92
C LEU B 441 -18.41 -48.45 34.25
N ILE B 442 -18.75 -49.35 35.17
CA ILE B 442 -19.29 -48.93 36.47
C ILE B 442 -18.25 -48.14 37.25
N SER B 443 -17.00 -48.62 37.24
CA SER B 443 -15.94 -47.91 37.95
C SER B 443 -15.73 -46.52 37.38
N THR B 444 -15.70 -46.41 36.04
CA THR B 444 -15.52 -45.12 35.41
C THR B 444 -16.66 -44.17 35.78
N ALA B 445 -17.91 -44.66 35.74
CA ALA B 445 -19.05 -43.82 36.07
C ALA B 445 -18.98 -43.32 37.51
N VAL B 446 -18.71 -44.22 38.45
CA VAL B 446 -18.71 -43.83 39.87
C VAL B 446 -17.57 -42.88 40.16
N GLN B 447 -16.36 -43.21 39.69
CA GLN B 447 -15.20 -42.37 39.94
C GLN B 447 -15.22 -41.09 39.13
N GLY B 448 -16.10 -40.96 38.15
CA GLY B 448 -16.29 -39.69 37.49
C GLY B 448 -17.30 -38.83 38.23
N ILE B 449 -18.40 -39.44 38.67
CA ILE B 449 -19.43 -38.68 39.39
C ILE B 449 -18.87 -38.12 40.69
N LEU B 450 -18.21 -38.97 41.48
CA LEU B 450 -17.67 -38.50 42.76
C LEU B 450 -16.56 -37.47 42.55
N PHE B 451 -15.68 -37.71 41.57
CA PHE B 451 -14.58 -36.78 41.34
C PHE B 451 -15.08 -35.43 40.81
N ALA B 452 -16.18 -35.42 40.06
CA ALA B 452 -16.74 -34.15 39.62
C ALA B 452 -17.45 -33.44 40.76
N LEU B 453 -18.07 -34.19 41.67
CA LEU B 453 -18.80 -33.55 42.77
C LEU B 453 -17.85 -32.99 43.84
N LEU B 454 -16.76 -33.70 44.15
CA LEU B 454 -15.90 -33.32 45.26
C LEU B 454 -14.47 -33.01 44.81
N GLY B 455 -14.23 -32.83 43.52
CA GLY B 455 -12.89 -32.59 43.04
C GLY B 455 -12.49 -31.12 43.02
N ALA B 456 -11.18 -30.88 42.90
CA ALA B 456 -10.65 -29.54 42.82
C ALA B 456 -10.53 -29.04 41.38
N GLN B 457 -10.15 -29.91 40.46
CA GLN B 457 -10.04 -29.58 39.04
C GLN B 457 -11.05 -30.40 38.27
N PRO B 458 -12.22 -29.85 37.95
CA PRO B 458 -13.27 -30.63 37.27
C PRO B 458 -13.10 -30.77 35.78
N LEU B 459 -11.96 -30.37 35.21
CA LEU B 459 -11.71 -30.53 33.78
C LEU B 459 -10.94 -31.81 33.46
N LEU B 460 -10.54 -32.58 34.47
CA LEU B 460 -9.86 -33.84 34.23
C LEU B 460 -10.86 -34.94 33.91
N VAL B 461 -10.42 -35.90 33.10
CA VAL B 461 -11.23 -37.05 32.72
C VAL B 461 -10.51 -38.31 33.18
N VAL B 462 -11.16 -39.08 34.03
CA VAL B 462 -10.59 -40.31 34.57
C VAL B 462 -10.96 -41.48 33.65
N GLY B 463 -10.06 -42.45 33.56
CA GLY B 463 -10.31 -43.62 32.75
C GLY B 463 -9.09 -44.52 32.71
N PHE B 464 -9.32 -45.71 32.17
CA PHE B 464 -8.26 -46.71 32.08
C PHE B 464 -7.22 -46.31 31.04
N SER B 465 -5.98 -46.76 31.26
CA SER B 465 -4.87 -46.40 30.39
C SER B 465 -4.11 -47.64 29.93
N GLY B 466 -2.97 -47.42 29.25
CA GLY B 466 -2.17 -48.50 28.72
C GLY B 466 -1.21 -49.12 29.72
N PRO B 467 -0.40 -48.30 30.40
CA PRO B 467 0.51 -48.85 31.41
C PRO B 467 -0.20 -49.64 32.49
N LEU B 468 -1.42 -49.23 32.88
CA LEU B 468 -2.19 -50.00 33.84
C LEU B 468 -2.52 -51.38 33.27
N LEU B 469 -2.88 -51.44 31.99
CA LEU B 469 -3.13 -52.73 31.34
C LEU B 469 -1.87 -53.60 31.33
N VAL B 470 -0.72 -52.99 31.03
CA VAL B 470 0.54 -53.74 31.04
C VAL B 470 0.82 -54.31 32.43
N PHE B 471 0.61 -53.49 33.47
CA PHE B 471 0.80 -53.97 34.83
C PHE B 471 -0.17 -55.10 35.17
N GLU B 472 -1.42 -54.98 34.72
CA GLU B 472 -2.39 -56.03 34.99
C GLU B 472 -1.98 -57.34 34.32
N GLU B 473 -1.51 -57.26 33.08
CA GLU B 473 -1.04 -58.46 32.38
C GLU B 473 0.14 -59.09 33.11
N ALA B 474 1.10 -58.27 33.53
CA ALA B 474 2.27 -58.80 34.22
C ALA B 474 1.88 -59.45 35.55
N PHE B 475 0.99 -58.79 36.30
CA PHE B 475 0.55 -59.34 37.58
C PHE B 475 -0.20 -60.65 37.39
N PHE B 476 -1.06 -60.72 36.38
CA PHE B 476 -1.80 -61.95 36.12
C PHE B 476 -0.86 -63.07 35.73
N SER B 477 0.15 -62.78 34.89
CA SER B 477 1.11 -63.80 34.51
C SER B 477 1.90 -64.29 35.73
N PHE B 478 2.32 -63.36 36.60
CA PHE B 478 3.06 -63.75 37.78
C PHE B 478 2.22 -64.61 38.71
N CYS B 479 0.96 -64.23 38.92
CA CYS B 479 0.09 -65.00 39.81
C CYS B 479 -0.21 -66.38 39.23
N GLU B 480 -0.39 -66.46 37.90
CA GLU B 480 -0.61 -67.75 37.26
C GLU B 480 0.62 -68.64 37.39
N THR B 481 1.82 -68.06 37.25
CA THR B 481 3.03 -68.86 37.37
C THR B 481 3.24 -69.35 38.80
N ASN B 482 3.04 -68.47 39.79
CA ASN B 482 3.31 -68.83 41.18
C ASN B 482 2.20 -69.69 41.78
N GLY B 483 1.04 -69.77 41.16
CA GLY B 483 -0.04 -70.60 41.68
C GLY B 483 -0.98 -69.91 42.64
N LEU B 484 -0.99 -68.58 42.67
CA LEU B 484 -1.85 -67.82 43.55
C LEU B 484 -3.04 -67.25 42.78
N GLU B 485 -4.03 -66.77 43.53
CA GLU B 485 -5.17 -66.13 42.91
C GLU B 485 -4.78 -64.76 42.35
N TYR B 486 -5.68 -64.19 41.55
CA TYR B 486 -5.44 -62.91 40.90
C TYR B 486 -6.29 -61.78 41.47
N ILE B 487 -7.59 -62.01 41.66
CA ILE B 487 -8.49 -60.96 42.11
C ILE B 487 -8.33 -60.63 43.58
N VAL B 488 -7.62 -61.45 44.34
CA VAL B 488 -7.49 -61.25 45.78
C VAL B 488 -6.29 -60.36 46.10
N GLY B 489 -5.15 -60.58 45.43
CA GLY B 489 -3.98 -59.76 45.68
C GLY B 489 -4.19 -58.29 45.36
N ARG B 490 -5.10 -58.00 44.41
CA ARG B 490 -5.39 -56.61 44.07
C ARG B 490 -6.00 -55.86 45.26
N VAL B 491 -6.72 -56.57 46.13
CA VAL B 491 -7.26 -55.94 47.33
C VAL B 491 -6.12 -55.45 48.23
N TRP B 492 -5.10 -56.28 48.43
CA TRP B 492 -3.98 -55.89 49.27
C TRP B 492 -3.14 -54.80 48.61
N ILE B 493 -3.01 -54.86 47.29
CA ILE B 493 -2.34 -53.77 46.57
C ILE B 493 -3.09 -52.46 46.79
N GLY B 494 -4.43 -52.51 46.75
CA GLY B 494 -5.21 -51.31 47.01
C GLY B 494 -5.04 -50.81 48.44
N PHE B 495 -5.00 -51.73 49.41
CA PHE B 495 -4.78 -51.32 50.80
C PHE B 495 -3.43 -50.61 50.96
N TRP B 496 -2.39 -51.18 50.36
CA TRP B 496 -1.07 -50.54 50.42
C TRP B 496 -1.09 -49.19 49.70
N LEU B 497 -1.84 -49.09 48.61
CA LEU B 497 -1.99 -47.80 47.93
C LEU B 497 -2.64 -46.77 48.83
N ILE B 498 -3.69 -47.17 49.57
CA ILE B 498 -4.36 -46.26 50.49
C ILE B 498 -3.37 -45.76 51.55
N LEU B 499 -2.64 -46.69 52.16
CA LEU B 499 -1.68 -46.30 53.18
C LEU B 499 -0.61 -45.38 52.62
N LEU B 500 -0.08 -45.71 51.44
CA LEU B 500 0.98 -44.92 50.85
C LEU B 500 0.51 -43.51 50.49
N VAL B 501 -0.69 -43.39 49.92
CA VAL B 501 -1.17 -42.06 49.55
C VAL B 501 -1.48 -41.23 50.78
N VAL B 502 -1.99 -41.85 51.84
CA VAL B 502 -2.21 -41.11 53.08
C VAL B 502 -0.88 -40.60 53.62
N LEU B 503 0.14 -41.47 53.63
CA LEU B 503 1.45 -41.05 54.13
C LEU B 503 2.04 -39.92 53.29
N VAL B 504 1.91 -40.01 51.95
CA VAL B 504 2.50 -39.00 51.08
C VAL B 504 1.78 -37.66 51.23
N VAL B 505 0.44 -37.68 51.22
CA VAL B 505 -0.32 -36.44 51.34
C VAL B 505 -0.11 -35.80 52.70
N ALA B 506 0.06 -36.62 53.75
CA ALA B 506 0.28 -36.08 55.08
C ALA B 506 1.55 -35.23 55.15
N PHE B 507 2.55 -35.55 54.34
CA PHE B 507 3.81 -34.82 54.32
C PHE B 507 3.97 -33.93 53.09
N GLU B 508 2.86 -33.59 52.42
CA GLU B 508 2.80 -32.69 51.27
C GLU B 508 3.92 -32.93 50.27
N GLY B 509 4.25 -34.20 50.02
CA GLY B 509 5.36 -34.54 49.15
C GLY B 509 5.12 -34.32 47.67
N SER B 510 4.17 -33.45 47.33
CA SER B 510 3.89 -33.13 45.94
C SER B 510 4.72 -31.98 45.41
N PHE B 511 5.50 -31.30 46.26
CA PHE B 511 6.30 -30.16 45.81
C PHE B 511 7.35 -30.57 44.79
N LEU B 512 7.67 -31.87 44.69
CA LEU B 512 8.58 -32.35 43.66
C LEU B 512 8.06 -32.03 42.26
N VAL B 513 6.74 -31.86 42.12
CA VAL B 513 6.17 -31.47 40.83
C VAL B 513 6.79 -30.18 40.33
N ARG B 514 7.29 -29.33 41.24
CA ARG B 514 7.93 -28.10 40.83
C ARG B 514 9.18 -28.35 39.99
N PHE B 515 9.88 -29.46 40.23
CA PHE B 515 11.13 -29.73 39.54
C PHE B 515 10.93 -30.18 38.10
N ILE B 516 9.72 -30.54 37.70
CA ILE B 516 9.45 -30.97 36.33
C ILE B 516 9.26 -29.73 35.46
N SER B 517 10.16 -29.54 34.50
CA SER B 517 10.14 -28.35 33.66
C SER B 517 9.35 -28.62 32.39
N ARG B 518 9.44 -27.71 31.43
CA ARG B 518 8.71 -27.85 30.16
C ARG B 518 9.27 -28.99 29.32
N TYR B 519 10.55 -29.31 29.49
CA TYR B 519 11.21 -30.38 28.75
C TYR B 519 10.40 -31.68 28.81
N THR B 520 10.23 -32.22 30.01
CA THR B 520 9.56 -33.49 30.19
C THR B 520 8.09 -33.41 29.78
N GLN B 521 7.43 -32.29 30.06
CA GLN B 521 6.03 -32.14 29.70
C GLN B 521 5.85 -32.25 28.18
N GLU B 522 6.67 -31.53 27.42
CA GLU B 522 6.56 -31.59 25.97
C GLU B 522 6.89 -32.98 25.45
N ILE B 523 7.94 -33.61 25.99
CA ILE B 523 8.29 -34.96 25.54
C ILE B 523 7.12 -35.91 25.77
N PHE B 524 6.54 -35.88 26.96
CA PHE B 524 5.46 -36.79 27.33
C PHE B 524 4.24 -36.56 26.44
N SER B 525 3.83 -35.30 26.28
CA SER B 525 2.64 -35.00 25.48
C SER B 525 2.84 -35.40 24.01
N PHE B 526 4.01 -35.10 23.45
CA PHE B 526 4.27 -35.44 22.06
C PHE B 526 4.24 -36.96 21.86
N LEU B 527 4.89 -37.70 22.75
CA LEU B 527 4.90 -39.16 22.60
C LEU B 527 3.50 -39.75 22.79
N ILE B 528 2.68 -39.16 23.66
CA ILE B 528 1.33 -39.67 23.85
C ILE B 528 0.50 -39.45 22.59
N SER B 529 0.54 -38.23 22.04
CA SER B 529 -0.26 -37.95 20.85
C SER B 529 0.18 -38.81 19.68
N LEU B 530 1.50 -38.96 19.50
CA LEU B 530 2.01 -39.75 18.38
C LEU B 530 1.59 -41.21 18.50
N ILE B 531 1.66 -41.77 19.71
CA ILE B 531 1.23 -43.16 19.90
C ILE B 531 -0.26 -43.29 19.65
N PHE B 532 -1.05 -42.29 20.05
CA PHE B 532 -2.49 -42.31 19.78
C PHE B 532 -2.77 -42.41 18.29
N ILE B 533 -2.13 -41.53 17.50
CA ILE B 533 -2.35 -41.55 16.05
C ILE B 533 -1.90 -42.88 15.45
N TYR B 534 -0.76 -43.40 15.90
CA TYR B 534 -0.27 -44.67 15.40
C TYR B 534 -1.26 -45.79 15.67
N GLU B 535 -1.84 -45.82 16.87
CA GLU B 535 -2.81 -46.86 17.21
C GLU B 535 -4.06 -46.75 16.36
N THR B 536 -4.53 -45.53 16.08
CA THR B 536 -5.70 -45.37 15.22
C THR B 536 -5.43 -45.93 13.83
N PHE B 537 -4.29 -45.57 13.24
CA PHE B 537 -3.97 -46.09 11.92
C PHE B 537 -3.77 -47.61 11.94
N SER B 538 -3.24 -48.14 13.05
CA SER B 538 -3.11 -49.58 13.19
C SER B 538 -4.47 -50.27 13.20
N LYS B 539 -5.45 -49.66 13.87
CA LYS B 539 -6.80 -50.22 13.84
C LYS B 539 -7.35 -50.24 12.41
N LEU B 540 -7.13 -49.16 11.66
CA LEU B 540 -7.62 -49.14 10.29
C LEU B 540 -6.97 -50.21 9.44
N ILE B 541 -5.65 -50.39 9.59
CA ILE B 541 -4.96 -51.42 8.82
C ILE B 541 -5.41 -52.81 9.22
N LYS B 542 -5.72 -53.02 10.50
CA LYS B 542 -6.30 -54.30 10.92
C LYS B 542 -7.64 -54.55 10.25
N ILE B 543 -8.48 -53.52 10.16
CA ILE B 543 -9.76 -53.66 9.47
C ILE B 543 -9.54 -54.05 8.02
N PHE B 544 -8.55 -53.43 7.36
CA PHE B 544 -8.22 -53.85 5.99
C PHE B 544 -7.78 -55.31 5.95
N GLN B 545 -6.96 -55.73 6.92
CA GLN B 545 -6.42 -57.09 6.90
C GLN B 545 -7.50 -58.14 7.11
N ASP B 546 -8.54 -57.82 7.88
CA ASP B 546 -9.58 -58.80 8.15
C ASP B 546 -10.40 -59.15 6.91
N HIS B 547 -10.63 -58.19 6.02
CA HIS B 547 -11.44 -58.39 4.82
C HIS B 547 -10.67 -57.90 3.61
N PRO B 548 -9.78 -58.74 3.06
CA PRO B 548 -8.93 -58.30 1.95
C PRO B 548 -9.75 -58.04 0.69
N LEU B 549 -9.05 -57.52 -0.32
CA LEU B 549 -9.64 -57.21 -1.62
C LEU B 549 -9.28 -58.33 -2.59
N GLN B 550 -10.23 -59.21 -2.85
CA GLN B 550 -10.00 -60.39 -3.67
C GLN B 550 -10.90 -60.35 -4.90
N LYS B 551 -10.82 -61.42 -5.69
CA LYS B 551 -11.72 -61.63 -6.82
C LYS B 551 -12.92 -62.49 -6.47
N THR B 552 -12.78 -63.36 -5.46
CA THR B 552 -13.83 -64.28 -5.06
C THR B 552 -14.07 -64.17 -3.57
N TYR B 553 -15.36 -64.16 -3.18
CA TYR B 553 -15.77 -64.16 -1.79
C TYR B 553 -16.85 -65.20 -1.60
N ASN B 554 -16.71 -66.03 -0.57
CA ASN B 554 -17.75 -66.99 -0.25
C ASN B 554 -18.94 -66.31 0.41
N TYR B 555 -20.14 -66.64 -0.05
CA TYR B 555 -21.37 -66.22 0.59
C TYR B 555 -21.90 -67.32 1.50
N ASN B 556 -23.03 -67.03 2.16
CA ASN B 556 -23.62 -67.87 3.20
C ASN B 556 -22.71 -68.02 4.41
N VAL B 557 -21.77 -67.08 4.58
CA VAL B 557 -20.91 -67.09 5.75
C VAL B 557 -21.71 -66.70 7.00
N LEU B 558 -21.33 -67.29 8.12
CA LEU B 558 -22.03 -67.04 9.38
C LEU B 558 -21.45 -65.80 10.05
N MET B 559 -22.33 -64.85 10.37
CA MET B 559 -21.92 -63.59 10.99
C MET B 559 -22.50 -63.39 12.38
N VAL B 560 -23.16 -64.41 12.93
CA VAL B 560 -23.85 -64.23 14.22
C VAL B 560 -22.87 -63.89 15.35
N PRO B 561 -21.80 -64.69 15.60
CA PRO B 561 -20.84 -64.26 16.62
C PRO B 561 -19.92 -63.16 16.12
N LYS B 562 -19.44 -63.32 14.89
CA LYS B 562 -18.49 -62.41 14.24
C LYS B 562 -18.36 -62.84 12.79
N PRO B 563 -18.25 -61.91 11.85
CA PRO B 563 -18.16 -62.29 10.43
C PRO B 563 -16.95 -63.15 10.14
N GLN B 564 -17.22 -64.39 9.74
CA GLN B 564 -16.17 -65.33 9.35
C GLN B 564 -15.85 -65.15 7.86
N GLY B 565 -14.57 -64.94 7.57
CA GLY B 565 -14.13 -64.78 6.20
C GLY B 565 -14.32 -63.36 5.69
N PRO B 566 -13.75 -63.07 4.52
CA PRO B 566 -13.85 -61.71 3.97
C PRO B 566 -15.25 -61.38 3.51
N LEU B 567 -15.49 -60.07 3.37
CA LEU B 567 -16.74 -59.52 2.88
C LEU B 567 -16.45 -58.51 1.77
N PRO B 568 -17.39 -58.32 0.83
CA PRO B 568 -17.08 -57.57 -0.39
C PRO B 568 -16.70 -56.10 -0.20
N ASN B 569 -17.56 -55.30 0.43
CA ASN B 569 -17.43 -53.86 0.41
C ASN B 569 -17.29 -53.25 1.80
N THR B 570 -16.54 -53.90 2.68
CA THR B 570 -16.43 -53.41 4.05
C THR B 570 -15.27 -52.42 4.22
N ALA B 571 -14.07 -52.80 3.79
CA ALA B 571 -12.87 -52.01 4.07
C ALA B 571 -12.93 -50.64 3.42
N LEU B 572 -13.29 -50.59 2.14
CA LEU B 572 -13.35 -49.32 1.43
C LEU B 572 -14.42 -48.42 2.01
N LEU B 573 -15.57 -48.98 2.39
CA LEU B 573 -16.61 -48.18 3.02
C LEU B 573 -16.14 -47.61 4.35
N SER B 574 -15.43 -48.41 5.14
CA SER B 574 -14.90 -47.91 6.41
C SER B 574 -13.92 -46.76 6.20
N LEU B 575 -13.01 -46.93 5.23
CA LEU B 575 -12.05 -45.86 4.95
C LEU B 575 -12.76 -44.59 4.47
N VAL B 576 -13.78 -44.76 3.63
CA VAL B 576 -14.53 -43.61 3.12
C VAL B 576 -15.22 -42.89 4.27
N LEU B 577 -15.86 -43.65 5.17
CA LEU B 577 -16.55 -43.04 6.29
C LEU B 577 -15.58 -42.27 7.20
N MET B 578 -14.42 -42.87 7.49
CA MET B 578 -13.44 -42.18 8.33
C MET B 578 -12.97 -40.89 7.68
N ALA B 579 -12.64 -40.94 6.39
CA ALA B 579 -12.17 -39.75 5.70
C ALA B 579 -13.25 -38.68 5.66
N GLY B 580 -14.50 -39.07 5.42
CA GLY B 580 -15.58 -38.10 5.39
C GLY B 580 -15.80 -37.44 6.73
N THR B 581 -15.77 -38.23 7.82
CA THR B 581 -15.92 -37.65 9.15
C THR B 581 -14.82 -36.65 9.44
N PHE B 582 -13.57 -37.03 9.16
CA PHE B 582 -12.45 -36.12 9.41
C PHE B 582 -12.58 -34.84 8.58
N PHE B 583 -12.92 -34.98 7.29
CA PHE B 583 -13.03 -33.82 6.42
C PHE B 583 -14.13 -32.89 6.88
N PHE B 584 -15.30 -33.43 7.23
CA PHE B 584 -16.40 -32.59 7.68
C PHE B 584 -16.06 -31.89 8.99
N ALA B 585 -15.42 -32.60 9.92
CA ALA B 585 -15.04 -31.96 11.17
C ALA B 585 -14.08 -30.81 10.94
N MET B 586 -13.06 -31.02 10.08
CA MET B 586 -12.11 -29.95 9.80
C MET B 586 -12.77 -28.78 9.09
N MET B 587 -13.69 -29.06 8.17
CA MET B 587 -14.38 -27.97 7.47
C MET B 587 -15.23 -27.14 8.41
N LEU B 588 -15.97 -27.78 9.32
CA LEU B 588 -16.75 -27.04 10.29
C LEU B 588 -15.85 -26.26 11.24
N ARG B 589 -14.71 -26.84 11.62
CA ARG B 589 -13.75 -26.10 12.45
C ARG B 589 -13.25 -24.85 11.76
N LYS B 590 -12.95 -24.95 10.47
CA LYS B 590 -12.54 -23.76 9.71
C LYS B 590 -13.67 -22.75 9.60
N PHE B 591 -14.90 -23.23 9.36
CA PHE B 591 -16.04 -22.34 9.22
C PHE B 591 -16.35 -21.60 10.51
N LYS B 592 -15.99 -22.18 11.65
CA LYS B 592 -16.23 -21.51 12.93
C LYS B 592 -15.54 -20.15 12.98
N ASN B 593 -14.32 -20.06 12.44
CA ASN B 593 -13.55 -18.83 12.44
C ASN B 593 -13.81 -17.97 11.19
N SER B 594 -14.76 -18.37 10.34
CA SER B 594 -15.01 -17.66 9.10
C SER B 594 -15.83 -16.40 9.35
N SER B 595 -16.27 -15.77 8.27
CA SER B 595 -17.11 -14.58 8.34
C SER B 595 -18.24 -14.67 7.32
N TYR B 596 -18.88 -15.84 7.26
CA TYR B 596 -19.83 -16.15 6.20
C TYR B 596 -21.28 -16.16 6.66
N PHE B 597 -21.55 -15.82 7.92
CA PHE B 597 -22.90 -15.84 8.45
C PHE B 597 -22.97 -14.87 9.60
N PRO B 598 -24.17 -14.57 10.11
CA PRO B 598 -24.26 -13.79 11.35
C PRO B 598 -23.50 -14.47 12.48
N GLY B 599 -22.87 -13.64 13.31
CA GLY B 599 -21.92 -14.18 14.28
C GLY B 599 -22.53 -15.17 15.24
N LYS B 600 -23.73 -14.87 15.75
CA LYS B 600 -24.36 -15.75 16.74
C LYS B 600 -24.64 -17.13 16.14
N LEU B 601 -25.32 -17.16 14.99
CA LEU B 601 -25.64 -18.44 14.35
C LEU B 601 -24.37 -19.14 13.89
N ARG B 602 -23.38 -18.39 13.40
CA ARG B 602 -22.13 -18.99 12.98
C ARG B 602 -21.44 -19.70 14.13
N ARG B 603 -21.37 -19.05 15.29
CA ARG B 603 -20.71 -19.66 16.44
C ARG B 603 -21.53 -20.82 16.99
N VAL B 604 -22.85 -20.72 16.97
CA VAL B 604 -23.68 -21.82 17.43
C VAL B 604 -23.48 -23.05 16.54
N ILE B 605 -23.44 -22.85 15.23
CA ILE B 605 -23.20 -23.97 14.31
C ILE B 605 -21.81 -24.55 14.51
N GLY B 606 -20.79 -23.67 14.62
CA GLY B 606 -19.43 -24.14 14.75
C GLY B 606 -19.14 -24.83 16.07
N ASP B 607 -19.88 -24.50 17.13
CA ASP B 607 -19.71 -25.20 18.40
C ASP B 607 -20.19 -26.64 18.36
N PHE B 608 -21.11 -26.96 17.44
CA PHE B 608 -21.66 -28.30 17.32
C PHE B 608 -21.10 -29.05 16.11
N GLY B 609 -19.85 -28.77 15.74
CA GLY B 609 -19.30 -29.36 14.53
C GLY B 609 -19.16 -30.87 14.62
N VAL B 610 -18.61 -31.37 15.71
CA VAL B 610 -18.34 -32.79 15.87
C VAL B 610 -19.64 -33.59 15.91
N PRO B 611 -20.64 -33.23 16.74
CA PRO B 611 -21.91 -33.97 16.68
C PRO B 611 -22.59 -33.89 15.33
N ILE B 612 -22.50 -32.75 14.64
CA ILE B 612 -23.12 -32.63 13.33
C ILE B 612 -22.48 -33.58 12.34
N SER B 613 -21.15 -33.64 12.32
CA SER B 613 -20.45 -34.56 11.43
C SER B 613 -20.77 -36.01 11.77
N ILE B 614 -20.82 -36.33 13.07
CA ILE B 614 -21.15 -37.69 13.49
C ILE B 614 -22.55 -38.06 13.00
N LEU B 615 -23.51 -37.17 13.18
CA LEU B 615 -24.88 -37.44 12.74
C LEU B 615 -24.96 -37.61 11.23
N ILE B 616 -24.25 -36.75 10.49
CA ILE B 616 -24.27 -36.84 9.03
C ILE B 616 -23.74 -38.19 8.56
N MET B 617 -22.60 -38.60 9.10
CA MET B 617 -22.01 -39.86 8.67
C MET B 617 -22.84 -41.07 9.15
N VAL B 618 -23.44 -40.97 10.33
CA VAL B 618 -24.32 -42.05 10.79
C VAL B 618 -25.52 -42.20 9.88
N LEU B 619 -26.12 -41.08 9.47
CA LEU B 619 -27.24 -41.15 8.53
C LEU B 619 -26.80 -41.72 7.19
N VAL B 620 -25.62 -41.32 6.71
CA VAL B 620 -25.12 -41.83 5.44
C VAL B 620 -24.94 -43.34 5.50
N ASP B 621 -24.37 -43.84 6.60
CA ASP B 621 -24.24 -45.28 6.77
C ASP B 621 -25.59 -45.96 6.90
N PHE B 622 -26.54 -45.31 7.57
CA PHE B 622 -27.86 -45.90 7.80
C PHE B 622 -28.63 -46.07 6.49
N PHE B 623 -28.47 -45.13 5.56
CA PHE B 623 -29.20 -45.24 4.29
C PHE B 623 -28.77 -46.45 3.48
N ILE B 624 -27.48 -46.82 3.54
CA ILE B 624 -27.01 -48.01 2.86
C ILE B 624 -27.55 -49.24 3.57
N GLN B 625 -27.98 -50.24 2.80
CA GLN B 625 -28.70 -51.39 3.34
C GLN B 625 -27.86 -52.66 3.36
N ASP B 626 -27.31 -53.07 2.21
CA ASP B 626 -26.77 -54.42 2.09
C ASP B 626 -25.37 -54.56 2.67
N THR B 627 -24.58 -53.48 2.70
CA THR B 627 -23.19 -53.59 3.12
C THR B 627 -23.11 -53.69 4.64
N TYR B 628 -22.11 -54.44 5.12
CA TYR B 628 -21.90 -54.67 6.54
C TYR B 628 -20.75 -53.80 7.06
N THR B 629 -20.99 -53.11 8.16
CA THR B 629 -19.97 -52.34 8.86
C THR B 629 -20.07 -52.64 10.34
N GLN B 630 -18.92 -52.68 11.01
CA GLN B 630 -18.89 -53.02 12.43
C GLN B 630 -19.55 -51.91 13.25
N LYS B 631 -20.29 -52.32 14.28
CA LYS B 631 -21.05 -51.40 15.11
C LYS B 631 -20.61 -51.52 16.56
N LEU B 632 -21.02 -50.54 17.36
CA LEU B 632 -20.70 -50.53 18.78
C LEU B 632 -21.58 -51.53 19.54
N SER B 633 -20.99 -52.19 20.52
CA SER B 633 -21.69 -53.18 21.33
C SER B 633 -21.40 -52.94 22.81
N VAL B 634 -22.43 -53.08 23.63
CA VAL B 634 -22.29 -52.96 25.09
C VAL B 634 -22.95 -54.17 25.72
N PRO B 635 -22.56 -54.51 26.95
CA PRO B 635 -23.15 -55.68 27.61
C PRO B 635 -24.66 -55.52 27.83
N ASP B 636 -25.33 -56.66 28.03
CA ASP B 636 -26.78 -56.65 28.09
C ASP B 636 -27.29 -56.01 29.38
N GLY B 637 -26.63 -56.26 30.51
CA GLY B 637 -27.10 -55.75 31.77
C GLY B 637 -25.98 -55.60 32.77
N PHE B 638 -26.35 -55.19 33.99
CA PHE B 638 -25.39 -54.98 35.07
C PHE B 638 -25.02 -56.31 35.73
N LYS B 639 -24.40 -57.17 34.95
CA LYS B 639 -23.97 -58.48 35.41
C LYS B 639 -22.44 -58.57 35.39
N VAL B 640 -21.90 -59.35 36.33
CA VAL B 640 -20.47 -59.58 36.36
C VAL B 640 -20.07 -60.42 35.15
N SER B 641 -18.83 -60.21 34.68
CA SER B 641 -18.39 -60.86 33.44
C SER B 641 -18.38 -62.37 33.58
N ASN B 642 -17.86 -62.88 34.69
CA ASN B 642 -17.78 -64.33 34.95
C ASN B 642 -18.39 -64.59 36.32
N SER B 643 -19.63 -65.10 36.33
CA SER B 643 -20.33 -65.40 37.57
C SER B 643 -19.90 -66.73 38.18
N SER B 644 -19.10 -67.53 37.47
CA SER B 644 -18.74 -68.85 37.97
C SER B 644 -17.72 -68.76 39.10
N ALA B 645 -16.72 -67.89 38.98
CA ALA B 645 -15.63 -67.83 39.95
C ALA B 645 -15.42 -66.42 40.50
N ARG B 646 -16.42 -65.54 40.43
CA ARG B 646 -16.27 -64.18 40.93
C ARG B 646 -17.58 -63.75 41.60
N GLY B 647 -17.47 -62.75 42.47
CA GLY B 647 -18.62 -62.18 43.11
C GLY B 647 -18.52 -60.66 43.14
N TRP B 648 -19.60 -60.03 43.60
CA TRP B 648 -19.62 -58.58 43.68
C TRP B 648 -18.65 -58.05 44.73
N VAL B 649 -18.45 -58.80 45.81
CA VAL B 649 -17.50 -58.45 46.84
C VAL B 649 -16.52 -59.60 47.03
N ILE B 650 -15.24 -59.28 47.14
CA ILE B 650 -14.18 -60.28 47.21
C ILE B 650 -13.73 -60.40 48.66
N HIS B 651 -13.72 -61.63 49.18
CA HIS B 651 -13.26 -61.88 50.54
C HIS B 651 -11.74 -61.78 50.59
N PRO B 652 -11.18 -60.88 51.39
CA PRO B 652 -9.71 -60.72 51.41
C PRO B 652 -8.97 -61.96 51.88
N LEU B 653 -9.56 -62.73 52.80
CA LEU B 653 -8.85 -63.89 53.35
C LEU B 653 -8.64 -64.96 52.29
N GLY B 654 -9.64 -65.18 51.43
CA GLY B 654 -9.52 -66.18 50.39
C GLY B 654 -10.83 -66.48 49.71
N LEU B 655 -10.79 -66.67 48.38
CA LEU B 655 -11.99 -66.96 47.62
C LEU B 655 -12.28 -68.46 47.58
N ARG B 656 -11.33 -69.24 47.06
CA ARG B 656 -11.43 -70.70 47.08
C ARG B 656 -10.37 -71.36 47.94
N SER B 657 -9.17 -70.80 47.99
CA SER B 657 -8.10 -71.28 48.86
C SER B 657 -7.57 -70.12 49.68
N GLU B 658 -6.98 -70.46 50.83
CA GLU B 658 -6.47 -69.44 51.74
C GLU B 658 -5.30 -68.69 51.11
N PHE B 659 -5.16 -67.42 51.48
CA PHE B 659 -4.12 -66.56 50.93
C PHE B 659 -2.88 -66.60 51.82
N PRO B 660 -1.70 -66.78 51.26
CA PRO B 660 -0.49 -66.87 52.09
C PRO B 660 -0.17 -65.55 52.77
N ILE B 661 0.55 -65.66 53.89
CA ILE B 661 0.91 -64.48 54.67
C ILE B 661 2.06 -63.72 54.01
N TRP B 662 3.00 -64.46 53.39
CA TRP B 662 4.13 -63.81 52.76
C TRP B 662 3.69 -62.90 51.62
N MET B 663 2.67 -63.31 50.87
CA MET B 663 2.13 -62.44 49.82
C MET B 663 1.49 -61.19 50.42
N MET B 664 0.73 -61.33 51.50
CA MET B 664 0.12 -60.17 52.14
C MET B 664 1.18 -59.18 52.63
N PHE B 665 2.31 -59.69 53.12
CA PHE B 665 3.35 -58.79 53.60
C PHE B 665 4.23 -58.24 52.47
N ALA B 666 4.33 -58.95 51.34
CA ALA B 666 5.20 -58.53 50.26
C ALA B 666 4.46 -57.87 49.10
N SER B 667 3.14 -57.69 49.20
CA SER B 667 2.40 -57.04 48.13
C SER B 667 2.69 -55.55 48.02
N ALA B 668 3.52 -54.99 48.91
CA ALA B 668 3.81 -53.56 48.84
C ALA B 668 4.64 -53.19 47.62
N LEU B 669 5.47 -54.11 47.13
CA LEU B 669 6.37 -53.80 46.03
C LEU B 669 5.64 -53.37 44.75
N PRO B 670 4.64 -54.11 44.26
CA PRO B 670 3.90 -53.60 43.08
C PRO B 670 3.07 -52.36 43.39
N ALA B 671 2.68 -52.19 44.66
CA ALA B 671 1.90 -51.00 45.03
C ALA B 671 2.72 -49.74 44.82
N LEU B 672 4.01 -49.78 45.12
CA LEU B 672 4.87 -48.62 44.91
C LEU B 672 4.96 -48.27 43.43
N LEU B 673 5.10 -49.28 42.57
CA LEU B 673 5.16 -49.03 41.12
C LEU B 673 3.86 -48.44 40.61
N VAL B 674 2.72 -48.99 41.05
CA VAL B 674 1.43 -48.45 40.64
C VAL B 674 1.27 -47.01 41.11
N PHE B 675 1.69 -46.73 42.35
CA PHE B 675 1.64 -45.38 42.88
C PHE B 675 2.49 -44.43 42.05
N ILE B 676 3.70 -44.86 41.69
CA ILE B 676 4.57 -44.01 40.87
C ILE B 676 3.91 -43.70 39.54
N LEU B 677 3.38 -44.73 38.87
CA LEU B 677 2.74 -44.53 37.58
C LEU B 677 1.58 -43.54 37.67
N ILE B 678 0.65 -43.80 38.59
CA ILE B 678 -0.54 -42.97 38.70
C ILE B 678 -0.17 -41.54 39.07
N PHE B 679 0.72 -41.38 40.08
CA PHE B 679 1.12 -40.06 40.52
C PHE B 679 1.77 -39.28 39.39
N LEU B 680 2.74 -39.90 38.71
CA LEU B 680 3.44 -39.19 37.64
C LEU B 680 2.49 -38.76 36.53
N GLU B 681 1.65 -39.69 36.07
CA GLU B 681 0.74 -39.36 34.97
C GLU B 681 -0.23 -38.26 35.36
N SER B 682 -0.83 -38.38 36.55
CA SER B 682 -1.82 -37.39 36.97
C SER B 682 -1.18 -36.02 37.17
N GLN B 683 -0.01 -35.96 37.81
CA GLN B 683 0.63 -34.67 38.04
C GLN B 683 1.06 -34.00 36.74
N ILE B 684 1.61 -34.79 35.81
CA ILE B 684 2.02 -34.19 34.53
C ILE B 684 0.80 -33.72 33.75
N THR B 685 -0.30 -34.48 33.79
CA THR B 685 -1.51 -34.05 33.11
C THR B 685 -2.05 -32.76 33.71
N THR B 686 -2.05 -32.65 35.04
CA THR B 686 -2.52 -31.43 35.69
C THR B 686 -1.61 -30.25 35.36
N LEU B 687 -0.30 -30.49 35.28
CA LEU B 687 0.62 -29.43 34.88
C LEU B 687 0.33 -28.95 33.47
N ILE B 688 0.10 -29.88 32.54
CA ILE B 688 -0.14 -29.49 31.16
C ILE B 688 -1.46 -28.76 31.01
N VAL B 689 -2.51 -29.25 31.66
CA VAL B 689 -3.84 -28.67 31.49
C VAL B 689 -3.90 -27.26 32.09
N SER B 690 -3.29 -27.07 33.26
CA SER B 690 -3.45 -25.84 34.03
C SER B 690 -2.25 -24.90 33.90
N LYS B 691 -1.65 -24.81 32.72
CA LYS B 691 -0.57 -23.87 32.51
C LYS B 691 -1.11 -22.43 32.55
N PRO B 692 -0.27 -21.47 32.95
CA PRO B 692 -0.76 -20.08 33.08
C PRO B 692 -1.23 -19.47 31.77
N GLU B 693 -0.80 -20.00 30.61
CA GLU B 693 -1.14 -19.38 29.35
C GLU B 693 -2.62 -19.54 29.00
N ARG B 694 -3.24 -20.65 29.39
CA ARG B 694 -4.61 -20.93 28.97
C ARG B 694 -5.65 -20.30 29.89
N LYS B 695 -5.46 -19.02 30.19
CA LYS B 695 -6.44 -18.17 30.87
C LYS B 695 -7.24 -18.92 31.93
N MET B 696 -6.51 -19.57 32.84
CA MET B 696 -7.11 -20.33 33.92
C MET B 696 -7.19 -19.43 35.15
N VAL B 697 -8.38 -18.90 35.44
CA VAL B 697 -8.52 -17.90 36.49
C VAL B 697 -8.60 -18.55 37.86
N LYS B 698 -9.45 -19.57 38.01
CA LYS B 698 -9.58 -20.25 39.29
C LYS B 698 -8.41 -21.20 39.52
N GLY B 699 -8.05 -21.38 40.79
CA GLY B 699 -6.91 -22.19 41.13
C GLY B 699 -7.17 -23.67 40.93
N SER B 700 -6.08 -24.41 40.75
CA SER B 700 -6.12 -25.85 40.58
C SER B 700 -5.33 -26.52 41.69
N GLY B 701 -5.96 -27.47 42.37
CA GLY B 701 -5.32 -28.18 43.45
C GLY B 701 -4.56 -29.40 42.98
N PHE B 702 -3.52 -29.76 43.74
CA PHE B 702 -2.67 -30.90 43.41
C PHE B 702 -2.79 -32.05 44.41
N HIS B 703 -2.82 -31.75 45.71
CA HIS B 703 -2.87 -32.81 46.70
C HIS B 703 -4.26 -33.48 46.75
N LEU B 704 -5.32 -32.68 46.66
CA LEU B 704 -6.67 -33.22 46.76
C LEU B 704 -6.96 -34.20 45.62
N ASP B 705 -6.55 -33.85 44.40
CA ASP B 705 -6.80 -34.73 43.25
C ASP B 705 -6.08 -36.06 43.42
N LEU B 706 -4.80 -36.03 43.81
CA LEU B 706 -4.05 -37.27 44.01
C LEU B 706 -4.68 -38.12 45.10
N LEU B 707 -5.04 -37.48 46.22
CA LEU B 707 -5.67 -38.23 47.32
C LEU B 707 -6.95 -38.89 46.84
N LEU B 708 -7.80 -38.14 46.15
CA LEU B 708 -9.07 -38.68 45.69
C LEU B 708 -8.85 -39.84 44.73
N VAL B 709 -7.95 -39.68 43.76
CA VAL B 709 -7.74 -40.71 42.74
C VAL B 709 -7.23 -41.99 43.37
N VAL B 710 -6.19 -41.89 44.22
CA VAL B 710 -5.62 -43.11 44.78
C VAL B 710 -6.57 -43.76 45.77
N GLY B 711 -7.28 -42.97 46.58
CA GLY B 711 -8.26 -43.53 47.49
C GLY B 711 -9.38 -44.24 46.75
N MET B 712 -9.88 -43.61 45.69
CA MET B 712 -10.94 -44.19 44.89
C MET B 712 -10.46 -45.47 44.23
N GLY B 713 -9.19 -45.49 43.80
CA GLY B 713 -8.62 -46.70 43.23
C GLY B 713 -8.56 -47.84 44.22
N GLY B 714 -8.14 -47.55 45.45
CA GLY B 714 -8.11 -48.59 46.47
C GLY B 714 -9.51 -49.12 46.78
N VAL B 715 -10.47 -48.21 46.95
CA VAL B 715 -11.84 -48.62 47.27
C VAL B 715 -12.42 -49.46 46.13
N ALA B 716 -12.15 -49.07 44.87
CA ALA B 716 -12.61 -49.86 43.74
C ALA B 716 -11.93 -51.23 43.69
N ALA B 717 -10.63 -51.27 44.03
CA ALA B 717 -9.94 -52.55 44.10
C ALA B 717 -10.52 -53.46 45.17
N LEU B 718 -11.10 -52.87 46.22
CA LEU B 718 -11.82 -53.69 47.20
C LEU B 718 -13.01 -54.39 46.57
N PHE B 719 -13.75 -53.69 45.71
CA PHE B 719 -14.96 -54.25 45.11
C PHE B 719 -14.69 -55.07 43.85
N GLY B 720 -13.44 -55.12 43.39
CA GLY B 720 -13.08 -55.86 42.20
C GLY B 720 -12.98 -55.03 40.94
N MET B 721 -13.52 -53.80 40.94
CA MET B 721 -13.38 -52.93 39.79
C MET B 721 -11.96 -52.38 39.74
N PRO B 722 -11.46 -52.08 38.54
CA PRO B 722 -10.08 -51.58 38.43
C PRO B 722 -9.94 -50.14 38.88
N TRP B 723 -8.71 -49.77 39.22
CA TRP B 723 -8.38 -48.39 39.48
C TRP B 723 -8.06 -47.65 38.17
N LEU B 724 -8.26 -46.34 38.19
CA LEU B 724 -8.12 -45.49 37.03
C LEU B 724 -7.13 -44.36 37.32
N SER B 725 -6.92 -43.53 36.31
CA SER B 725 -6.02 -42.38 36.43
C SER B 725 -6.42 -41.35 35.38
N ALA B 726 -5.90 -40.14 35.56
CA ALA B 726 -6.21 -39.05 34.63
C ALA B 726 -5.58 -39.32 33.26
N THR B 727 -6.34 -39.03 32.21
CA THR B 727 -5.90 -39.24 30.85
C THR B 727 -5.51 -37.90 30.21
N THR B 728 -4.39 -37.90 29.50
CA THR B 728 -3.88 -36.65 28.95
C THR B 728 -4.71 -36.16 27.77
N VAL B 729 -4.90 -37.02 26.75
CA VAL B 729 -5.57 -36.58 25.53
C VAL B 729 -7.01 -36.19 25.80
N ARG B 730 -7.73 -37.01 26.58
CA ARG B 730 -9.12 -36.71 26.88
C ARG B 730 -9.25 -35.41 27.67
N SER B 731 -8.38 -35.19 28.66
CA SER B 731 -8.42 -33.97 29.44
C SER B 731 -8.12 -32.75 28.58
N VAL B 732 -7.12 -32.85 27.71
CA VAL B 732 -6.78 -31.73 26.83
C VAL B 732 -7.92 -31.42 25.89
N THR B 733 -8.56 -32.46 25.33
CA THR B 733 -9.71 -32.24 24.45
C THR B 733 -10.87 -31.60 25.20
N HIS B 734 -11.13 -32.05 26.43
CA HIS B 734 -12.20 -31.45 27.21
C HIS B 734 -11.91 -29.98 27.52
N ALA B 735 -10.66 -29.66 27.86
CA ALA B 735 -10.30 -28.28 28.11
C ALA B 735 -10.43 -27.43 26.86
N ASN B 736 -10.00 -27.94 25.71
CA ASN B 736 -10.08 -27.18 24.47
C ASN B 736 -11.51 -26.98 24.01
N ALA B 737 -12.39 -27.92 24.31
CA ALA B 737 -13.80 -27.77 23.94
C ALA B 737 -14.44 -26.60 24.68
N LEU B 738 -14.11 -26.43 25.95
CA LEU B 738 -14.67 -25.36 26.77
C LEU B 738 -13.78 -24.11 26.76
N THR B 739 -13.47 -23.61 25.57
CA THR B 739 -12.61 -22.45 25.41
C THR B 739 -13.28 -21.45 24.50
N VAL B 740 -13.53 -20.24 25.00
CA VAL B 740 -14.11 -19.16 24.22
C VAL B 740 -12.98 -18.29 23.68
N MET B 741 -12.89 -18.20 22.36
CA MET B 741 -11.81 -17.51 21.68
C MET B 741 -12.28 -16.16 21.19
N GLY B 742 -11.38 -15.16 21.23
CA GLY B 742 -11.68 -13.82 20.79
C GLY B 742 -11.04 -13.52 19.45
N LYS B 743 -11.67 -12.63 18.68
CA LYS B 743 -11.16 -12.25 17.36
C LYS B 743 -9.82 -11.52 17.47
N ALA B 751 -5.22 -15.92 16.82
CA ALA B 751 -6.21 -15.24 17.66
C ALA B 751 -5.79 -15.26 19.12
N GLN B 752 -6.70 -14.85 20.00
CA GLN B 752 -6.45 -14.78 21.43
C GLN B 752 -7.45 -15.66 22.17
N ILE B 753 -6.96 -16.41 23.15
CA ILE B 753 -7.81 -17.22 24.01
C ILE B 753 -8.49 -16.27 24.99
N GLN B 754 -9.76 -15.94 24.73
CA GLN B 754 -10.44 -14.94 25.55
C GLN B 754 -10.71 -15.48 26.96
N GLU B 755 -11.27 -16.68 27.06
CA GLU B 755 -11.55 -17.26 28.37
C GLU B 755 -11.75 -18.75 28.23
N VAL B 756 -11.80 -19.42 29.38
CA VAL B 756 -12.08 -20.85 29.46
C VAL B 756 -13.20 -21.06 30.47
N LYS B 757 -14.25 -21.77 30.05
CA LYS B 757 -15.41 -21.98 30.91
C LYS B 757 -15.15 -23.17 31.84
N GLU B 758 -15.11 -22.89 33.15
CA GLU B 758 -14.86 -23.90 34.16
C GLU B 758 -16.16 -24.22 34.89
N GLN B 759 -16.50 -25.50 34.97
CA GLN B 759 -17.72 -25.93 35.62
C GLN B 759 -17.60 -27.40 35.97
N ARG B 760 -18.54 -27.89 36.78
CA ARG B 760 -18.57 -29.27 37.21
C ARG B 760 -19.70 -30.08 36.59
N ILE B 761 -20.60 -29.43 35.83
CA ILE B 761 -21.74 -30.13 35.26
C ILE B 761 -21.30 -31.07 34.15
N SER B 762 -20.32 -30.67 33.34
CA SER B 762 -19.94 -31.45 32.17
C SER B 762 -19.41 -32.82 32.58
N GLY B 763 -18.49 -32.86 33.54
CA GLY B 763 -17.97 -34.15 33.99
C GLY B 763 -19.03 -35.05 34.60
N LEU B 764 -19.91 -34.46 35.41
CA LEU B 764 -20.98 -35.24 36.03
C LEU B 764 -21.91 -35.83 34.97
N LEU B 765 -22.28 -35.03 33.97
CA LEU B 765 -23.14 -35.53 32.91
C LEU B 765 -22.45 -36.62 32.11
N VAL B 766 -21.16 -36.45 31.82
CA VAL B 766 -20.42 -37.48 31.08
C VAL B 766 -20.40 -38.78 31.88
N ALA B 767 -20.13 -38.69 33.18
CA ALA B 767 -20.09 -39.89 34.01
C ALA B 767 -21.46 -40.56 34.07
N VAL B 768 -22.53 -39.78 34.22
CA VAL B 768 -23.88 -40.34 34.27
C VAL B 768 -24.21 -41.04 32.96
N LEU B 769 -23.86 -40.42 31.83
CA LEU B 769 -24.13 -41.04 30.54
C LEU B 769 -23.34 -42.32 30.36
N VAL B 770 -22.08 -42.34 30.78
CA VAL B 770 -21.28 -43.56 30.70
C VAL B 770 -21.89 -44.66 31.56
N GLY B 771 -22.38 -44.31 32.75
CA GLY B 771 -23.03 -45.29 33.59
C GLY B 771 -24.31 -45.83 32.99
N LEU B 772 -25.11 -44.96 32.37
CA LEU B 772 -26.39 -45.35 31.80
C LEU B 772 -26.27 -45.91 30.39
N SER B 773 -25.06 -45.95 29.83
CA SER B 773 -24.88 -46.45 28.46
C SER B 773 -25.44 -47.85 28.26
N ILE B 774 -25.45 -48.67 29.32
CA ILE B 774 -26.00 -50.02 29.21
C ILE B 774 -27.49 -50.00 28.90
N LEU B 775 -28.18 -48.92 29.24
CA LEU B 775 -29.61 -48.79 28.97
C LEU B 775 -29.91 -48.21 27.59
N MET B 776 -28.89 -47.93 26.77
CA MET B 776 -29.12 -47.34 25.46
C MET B 776 -28.60 -48.22 24.34
N GLU B 777 -28.91 -49.51 24.39
CA GLU B 777 -28.59 -50.41 23.28
C GLU B 777 -29.20 -49.96 21.95
N PRO B 778 -30.50 -49.62 21.85
CA PRO B 778 -31.05 -49.28 20.53
C PRO B 778 -30.37 -48.11 19.85
N ILE B 779 -29.90 -47.13 20.61
CA ILE B 779 -29.29 -45.95 20.00
C ILE B 779 -27.83 -46.21 19.66
N LEU B 780 -27.08 -46.84 20.57
CA LEU B 780 -25.66 -47.08 20.33
C LEU B 780 -25.41 -48.19 19.32
N SER B 781 -26.39 -49.06 19.09
CA SER B 781 -26.18 -50.16 18.14
C SER B 781 -26.18 -49.69 16.69
N ARG B 782 -26.56 -48.45 16.41
CA ARG B 782 -26.64 -47.95 15.05
C ARG B 782 -25.48 -47.01 14.70
N ILE B 783 -24.49 -46.88 15.57
CA ILE B 783 -23.35 -46.00 15.34
C ILE B 783 -22.19 -46.85 14.85
N PRO B 784 -21.74 -46.69 13.60
CA PRO B 784 -20.64 -47.50 13.10
C PRO B 784 -19.33 -47.16 13.79
N LEU B 785 -18.44 -48.16 13.85
CA LEU B 785 -17.17 -48.00 14.53
C LEU B 785 -16.17 -47.17 13.73
N ALA B 786 -16.29 -47.17 12.40
CA ALA B 786 -15.32 -46.47 11.56
C ALA B 786 -15.49 -44.95 11.61
N VAL B 787 -16.67 -44.46 11.98
CA VAL B 787 -16.88 -43.02 12.08
C VAL B 787 -16.04 -42.44 13.21
N LEU B 788 -15.97 -43.14 14.35
CA LEU B 788 -15.22 -42.64 15.50
C LEU B 788 -13.73 -42.56 15.25
N PHE B 789 -13.22 -43.27 14.25
CA PHE B 789 -11.79 -43.19 13.93
C PHE B 789 -11.42 -41.80 13.41
N GLY B 790 -12.29 -41.21 12.59
CA GLY B 790 -12.05 -39.84 12.15
C GLY B 790 -12.06 -38.87 13.31
N ILE B 791 -12.95 -39.08 14.27
CA ILE B 791 -12.99 -38.24 15.47
C ILE B 791 -11.71 -38.41 16.28
N PHE B 792 -11.21 -39.64 16.38
CA PHE B 792 -9.95 -39.88 17.10
C PHE B 792 -8.79 -39.18 16.40
N LEU B 793 -8.74 -39.25 15.08
CA LEU B 793 -7.69 -38.56 14.34
C LEU B 793 -7.79 -37.05 14.53
N TYR B 794 -9.01 -36.52 14.52
CA TYR B 794 -9.21 -35.09 14.76
C TYR B 794 -8.72 -34.70 16.14
N MET B 795 -9.04 -35.50 17.16
CA MET B 795 -8.56 -35.24 18.52
C MET B 795 -7.04 -35.24 18.56
N GLY B 796 -6.41 -36.24 17.94
CA GLY B 796 -4.97 -36.35 17.99
C GLY B 796 -4.29 -35.18 17.29
N VAL B 797 -4.84 -34.75 16.15
CA VAL B 797 -4.25 -33.62 15.43
C VAL B 797 -4.46 -32.32 16.19
N THR B 798 -5.65 -32.13 16.78
CA THR B 798 -5.94 -30.89 17.49
C THR B 798 -5.10 -30.78 18.77
N SER B 799 -4.86 -31.90 19.45
CA SER B 799 -4.10 -31.85 20.70
C SER B 799 -2.62 -31.63 20.50
N LEU B 800 -2.17 -31.30 19.28
CA LEU B 800 -0.76 -31.11 18.97
C LEU B 800 -0.41 -29.65 18.76
N SER B 801 -1.35 -28.73 19.00
CA SER B 801 -1.13 -27.33 18.63
C SER B 801 -0.21 -26.63 19.62
N GLY B 802 -0.48 -26.76 20.92
CA GLY B 802 0.27 -26.01 21.91
C GLY B 802 1.68 -26.49 22.16
N ILE B 803 2.04 -27.67 21.66
CA ILE B 803 3.38 -28.21 21.88
C ILE B 803 4.41 -27.33 21.19
N GLN B 804 5.49 -27.00 21.91
CA GLN B 804 6.56 -26.17 21.40
C GLN B 804 7.62 -26.98 20.68
N LEU B 805 7.85 -28.22 21.13
CA LEU B 805 8.78 -29.10 20.43
C LEU B 805 8.30 -29.39 19.01
N PHE B 806 7.00 -29.45 18.79
CA PHE B 806 6.48 -29.62 17.44
C PHE B 806 6.85 -28.43 16.56
N ASP B 807 6.75 -27.22 17.10
CA ASP B 807 7.18 -26.05 16.34
C ASP B 807 8.67 -26.08 16.04
N ARG B 808 9.48 -26.48 17.03
CA ARG B 808 10.91 -26.53 16.79
C ARG B 808 11.28 -27.60 15.77
N ILE B 809 10.51 -28.68 15.71
CA ILE B 809 10.71 -29.70 14.67
C ILE B 809 10.30 -29.15 13.30
N LEU B 810 9.19 -28.40 13.26
CA LEU B 810 8.74 -27.82 11.99
C LEU B 810 9.77 -26.84 11.44
N LEU B 811 10.41 -26.06 12.32
CA LEU B 811 11.43 -25.13 11.87
C LEU B 811 12.69 -25.81 11.36
N LEU B 812 12.84 -27.14 11.54
CA LEU B 812 13.97 -27.84 10.96
C LEU B 812 13.96 -27.82 9.43
N PHE B 813 12.80 -27.56 8.83
CA PHE B 813 12.66 -27.59 7.37
C PHE B 813 12.62 -26.21 6.74
N LYS B 814 12.09 -25.21 7.44
CA LYS B 814 12.07 -23.86 6.90
C LYS B 814 13.49 -23.28 6.82
N PRO B 815 13.78 -22.48 5.80
CA PRO B 815 15.03 -21.75 5.78
C PRO B 815 15.04 -20.65 6.83
N PRO B 816 16.22 -20.23 7.29
CA PRO B 816 16.28 -19.26 8.41
C PRO B 816 15.70 -17.89 8.07
N LYS B 817 15.27 -17.67 6.83
CA LYS B 817 14.68 -16.39 6.46
C LYS B 817 13.26 -16.24 6.98
N TYR B 818 12.53 -17.34 7.11
CA TYR B 818 11.12 -17.32 7.47
C TYR B 818 10.85 -17.67 8.93
N HIS B 819 11.89 -17.70 9.77
CA HIS B 819 11.69 -18.05 11.16
C HIS B 819 10.88 -16.96 11.89
N PRO B 820 10.10 -17.34 12.89
CA PRO B 820 9.26 -16.36 13.58
C PRO B 820 10.05 -15.39 14.45
N ASP B 821 9.35 -14.51 15.16
CA ASP B 821 9.97 -13.47 15.97
C ASP B 821 9.94 -13.80 17.46
N VAL B 822 9.91 -15.09 17.80
CA VAL B 822 9.90 -15.54 19.18
C VAL B 822 11.29 -15.34 19.78
N PRO B 823 11.41 -15.24 21.11
CA PRO B 823 12.74 -15.00 21.71
C PRO B 823 13.76 -16.07 21.40
N TYR B 824 13.36 -17.34 21.34
CA TYR B 824 14.36 -18.39 21.16
C TYR B 824 14.89 -18.45 19.73
N VAL B 825 14.39 -17.61 18.83
CA VAL B 825 14.99 -17.49 17.50
C VAL B 825 15.99 -16.35 17.45
N LYS B 826 15.64 -15.20 18.04
CA LYS B 826 16.53 -14.05 17.99
C LYS B 826 17.72 -14.21 18.94
N ARG B 827 17.50 -14.77 20.13
CA ARG B 827 18.56 -14.81 21.12
C ARG B 827 19.67 -15.80 20.76
N VAL B 828 19.30 -16.95 20.19
CA VAL B 828 20.27 -18.00 19.92
C VAL B 828 20.36 -18.23 18.42
N LYS B 829 21.48 -18.84 18.01
CA LYS B 829 21.72 -19.14 16.60
C LYS B 829 20.96 -20.40 16.18
N THR B 830 20.91 -20.62 14.87
CA THR B 830 20.08 -21.69 14.31
C THR B 830 20.66 -23.07 14.65
N TRP B 831 21.96 -23.25 14.47
CA TRP B 831 22.55 -24.57 14.63
C TRP B 831 22.68 -24.99 16.10
N ARG B 832 22.35 -24.11 17.04
CA ARG B 832 22.22 -24.51 18.43
C ARG B 832 20.80 -24.97 18.76
N MET B 833 19.81 -24.25 18.22
CA MET B 833 18.43 -24.73 18.27
C MET B 833 18.31 -26.13 17.67
N HIS B 834 18.99 -26.35 16.53
CA HIS B 834 18.91 -27.66 15.89
C HIS B 834 19.55 -28.74 16.76
N LEU B 835 20.65 -28.42 17.44
CA LEU B 835 21.27 -29.40 18.34
C LEU B 835 20.35 -29.71 19.51
N PHE B 836 19.71 -28.70 20.07
CA PHE B 836 18.73 -28.92 21.13
C PHE B 836 17.61 -29.85 20.67
N THR B 837 17.04 -29.55 19.51
CA THR B 837 15.95 -30.37 18.98
C THR B 837 16.42 -31.79 18.70
N GLY B 838 17.64 -31.95 18.19
CA GLY B 838 18.15 -33.29 17.94
C GLY B 838 18.34 -34.09 19.21
N ILE B 839 18.84 -33.46 20.27
CA ILE B 839 18.97 -34.15 21.55
C ILE B 839 17.60 -34.60 22.05
N GLN B 840 16.61 -33.71 21.96
CA GLN B 840 15.27 -34.06 22.44
C GLN B 840 14.66 -35.18 21.61
N ILE B 841 14.91 -35.18 20.29
CA ILE B 841 14.39 -36.23 19.43
C ILE B 841 15.08 -37.55 19.73
N ILE B 842 16.38 -37.53 20.05
CA ILE B 842 17.07 -38.75 20.45
C ILE B 842 16.45 -39.31 21.72
N CYS B 843 16.13 -38.44 22.68
CA CYS B 843 15.46 -38.89 23.89
C CYS B 843 14.10 -39.52 23.58
N LEU B 844 13.34 -38.90 22.67
CA LEU B 844 12.05 -39.46 22.27
C LEU B 844 12.21 -40.82 21.63
N ALA B 845 13.20 -40.97 20.76
CA ALA B 845 13.43 -42.26 20.10
C ALA B 845 13.82 -43.33 21.11
N VAL B 846 14.65 -42.98 22.09
CA VAL B 846 15.02 -43.95 23.12
C VAL B 846 13.79 -44.36 23.92
N LEU B 847 12.91 -43.39 24.23
CA LEU B 847 11.68 -43.73 24.95
C LEU B 847 10.81 -44.67 24.13
N TRP B 848 10.69 -44.42 22.82
CA TRP B 848 9.89 -45.32 21.99
C TRP B 848 10.49 -46.72 21.96
N VAL B 849 11.82 -46.82 21.81
CA VAL B 849 12.46 -48.12 21.74
C VAL B 849 12.28 -48.89 23.04
N VAL B 850 12.46 -48.22 24.18
CA VAL B 850 12.28 -48.93 25.45
C VAL B 850 10.80 -49.28 25.66
N LYS B 851 9.89 -48.48 25.10
CA LYS B 851 8.48 -48.85 25.15
C LYS B 851 8.22 -50.14 24.37
N SER B 852 8.84 -50.28 23.20
CA SER B 852 8.68 -51.51 22.43
C SER B 852 9.45 -52.67 23.03
N THR B 853 10.46 -52.39 23.84
CA THR B 853 11.23 -53.45 24.48
C THR B 853 10.34 -54.19 25.49
N PRO B 854 10.52 -55.51 25.64
CA PRO B 854 9.73 -56.25 26.65
C PRO B 854 9.91 -55.74 28.07
N ALA B 855 10.91 -54.92 28.35
CA ALA B 855 11.07 -54.31 29.67
C ALA B 855 10.32 -52.98 29.73
N SER B 856 9.01 -53.05 29.45
CA SER B 856 8.19 -51.86 29.39
C SER B 856 7.97 -51.25 30.77
N LEU B 857 7.88 -52.08 31.80
CA LEU B 857 7.59 -51.58 33.16
C LEU B 857 8.68 -50.64 33.66
N ALA B 858 9.89 -50.72 33.12
CA ALA B 858 10.96 -49.79 33.46
C ALA B 858 10.91 -48.50 32.65
N LEU B 859 9.76 -48.18 32.07
CA LEU B 859 9.60 -47.00 31.22
C LEU B 859 9.51 -45.71 32.04
N PRO B 860 8.65 -45.60 33.05
CA PRO B 860 8.53 -44.32 33.76
C PRO B 860 9.83 -43.82 34.36
N PHE B 861 10.64 -44.73 34.90
CA PHE B 861 11.93 -44.34 35.47
C PHE B 861 12.76 -43.57 34.46
N VAL B 862 12.87 -44.11 33.24
CA VAL B 862 13.62 -43.43 32.19
C VAL B 862 13.12 -42.00 32.02
N LEU B 863 11.79 -41.82 32.07
CA LEU B 863 11.23 -40.47 31.92
C LEU B 863 11.77 -39.53 33.00
N ILE B 864 11.78 -39.98 34.26
CA ILE B 864 12.29 -39.10 35.30
C ILE B 864 13.79 -38.94 35.16
N LEU B 865 14.47 -39.89 34.51
CA LEU B 865 15.89 -39.74 34.23
C LEU B 865 16.15 -38.59 33.27
N THR B 866 15.11 -38.11 32.58
CA THR B 866 15.25 -36.91 31.77
C THR B 866 15.49 -35.67 32.62
N VAL B 867 14.98 -35.67 33.86
CA VAL B 867 15.13 -34.49 34.72
C VAL B 867 16.59 -34.18 35.04
N PRO B 868 17.42 -35.14 35.47
CA PRO B 868 18.83 -34.81 35.69
C PRO B 868 19.55 -34.34 34.44
N LEU B 869 19.16 -34.85 33.26
CA LEU B 869 19.86 -34.48 32.03
C LEU B 869 19.80 -32.98 31.79
N ARG B 870 18.63 -32.37 31.98
CA ARG B 870 18.50 -30.92 31.84
C ARG B 870 19.24 -30.19 32.96
N ARG B 871 19.40 -30.83 34.11
CA ARG B 871 19.99 -30.17 35.26
C ARG B 871 21.52 -30.21 35.29
N VAL B 872 22.13 -31.18 34.61
CA VAL B 872 23.57 -31.36 34.72
C VAL B 872 24.24 -31.31 33.35
N LEU B 873 23.80 -32.20 32.44
CA LEU B 873 24.52 -32.38 31.19
C LEU B 873 24.42 -31.15 30.29
N LEU B 874 23.21 -30.65 30.06
CA LEU B 874 23.03 -29.51 29.17
C LEU B 874 23.80 -28.27 29.59
N PRO B 875 23.87 -27.88 30.87
CA PRO B 875 24.72 -26.74 31.24
C PRO B 875 26.19 -26.93 30.92
N LEU B 876 26.64 -28.14 30.62
CA LEU B 876 28.01 -28.38 30.19
C LEU B 876 28.20 -28.25 28.69
N ILE B 877 27.13 -28.01 27.94
CA ILE B 877 27.19 -27.90 26.49
C ILE B 877 26.73 -26.53 26.00
N PHE B 878 25.62 -26.04 26.54
CA PHE B 878 25.07 -24.74 26.17
C PHE B 878 25.44 -23.70 27.23
N ARG B 879 24.90 -22.50 27.09
CA ARG B 879 25.13 -21.42 28.04
C ARG B 879 23.83 -21.04 28.73
N ASN B 880 23.95 -20.25 29.79
CA ASN B 880 22.80 -19.98 30.65
C ASN B 880 21.71 -19.21 29.91
N VAL B 881 22.09 -18.23 29.10
CA VAL B 881 21.09 -17.42 28.39
C VAL B 881 20.32 -18.29 27.40
N GLU B 882 21.02 -19.13 26.64
CA GLU B 882 20.36 -20.01 25.68
C GLU B 882 19.41 -20.97 26.37
N LEU B 883 19.85 -21.57 27.47
CA LEU B 883 19.02 -22.54 28.17
C LEU B 883 17.82 -21.90 28.83
N GLN B 884 17.98 -20.66 29.32
CA GLN B 884 16.84 -19.96 29.92
C GLN B 884 15.85 -19.48 28.86
N CYS B 885 16.34 -19.13 27.66
CA CYS B 885 15.45 -18.70 26.60
C CYS B 885 14.71 -19.86 25.96
N LEU B 886 15.35 -21.03 25.85
CA LEU B 886 14.71 -22.18 25.24
C LEU B 886 13.75 -22.86 26.21
N ASP B 887 14.26 -23.32 27.35
CA ASP B 887 13.46 -24.01 28.35
C ASP B 887 12.79 -22.97 29.26
N ALA B 888 11.80 -22.30 28.69
CA ALA B 888 11.10 -21.23 29.38
C ALA B 888 9.96 -21.78 30.22
N ASP B 889 9.91 -21.37 31.49
CA ASP B 889 8.83 -21.81 32.36
C ASP B 889 7.50 -21.16 31.97
N ASP B 890 7.54 -19.95 31.43
CA ASP B 890 6.36 -19.24 31.00
C ASP B 890 6.42 -19.00 29.49
N ALA B 891 5.25 -18.93 28.87
CA ALA B 891 5.19 -18.77 27.42
C ALA B 891 5.34 -17.31 27.02
N LYS B 892 4.45 -16.44 27.52
CA LYS B 892 4.48 -15.03 27.15
C LYS B 892 5.75 -14.36 27.66
N ALA B 893 6.16 -14.67 28.89
CA ALA B 893 7.33 -14.05 29.51
C ALA B 893 8.52 -15.00 29.39
N THR B 894 9.64 -14.47 28.91
CA THR B 894 10.86 -15.26 28.77
C THR B 894 12.10 -14.40 29.03
N ALA C 4 28.20 -19.09 0.77
CA ALA C 4 28.99 -18.74 1.96
C ALA C 4 29.28 -17.24 1.98
N LEU C 5 28.88 -16.55 0.92
CA LEU C 5 29.09 -15.11 0.79
C LEU C 5 27.74 -14.40 0.86
N GLY C 6 27.60 -13.49 1.80
CA GLY C 6 26.40 -12.67 1.92
C GLY C 6 26.73 -11.24 2.26
N ILE C 7 26.29 -10.30 1.43
CA ILE C 7 26.63 -8.89 1.62
C ILE C 7 25.50 -8.22 2.39
N LYS C 8 25.88 -7.47 3.43
CA LYS C 8 24.91 -6.78 4.27
C LYS C 8 24.40 -5.51 3.58
N SER C 9 25.32 -4.66 3.12
CA SER C 9 24.95 -3.41 2.48
C SER C 9 26.10 -2.92 1.62
N CYS C 10 25.77 -2.07 0.66
CA CYS C 10 26.75 -1.45 -0.22
C CYS C 10 26.79 0.05 0.03
N ASP C 11 27.97 0.64 -0.06
CA ASP C 11 28.18 2.05 0.26
C ASP C 11 28.77 2.75 -0.97
N PHE C 12 27.94 3.46 -1.71
CA PHE C 12 28.41 4.33 -2.79
C PHE C 12 28.88 5.64 -2.17
N GLN C 13 30.19 5.86 -2.18
CA GLN C 13 30.75 7.06 -1.55
C GLN C 13 30.45 8.27 -2.40
N ALA C 14 29.20 8.73 -2.39
CA ALA C 14 28.77 9.80 -3.28
C ALA C 14 29.51 11.10 -2.98
N ALA C 15 29.60 11.47 -1.69
CA ALA C 15 30.20 12.75 -1.33
C ALA C 15 31.70 12.80 -1.60
N ARG C 16 32.35 11.65 -1.80
CA ARG C 16 33.79 11.61 -2.01
C ARG C 16 34.17 11.59 -3.48
N ASN C 17 33.51 10.76 -4.28
CA ASN C 17 33.81 10.67 -5.71
C ASN C 17 32.96 11.58 -6.56
N ASN C 18 31.99 12.30 -5.97
CA ASN C 18 31.29 13.33 -6.72
C ASN C 18 32.16 14.57 -6.89
N GLU C 19 33.10 14.79 -5.98
CA GLU C 19 34.03 15.90 -6.12
C GLU C 19 35.10 15.62 -7.16
N GLU C 20 35.50 14.36 -7.30
CA GLU C 20 36.50 14.01 -8.32
C GLU C 20 35.91 14.07 -9.72
N HIS C 21 34.60 13.90 -9.86
CA HIS C 21 33.93 13.94 -11.16
C HIS C 21 33.31 15.30 -11.44
N HIS C 22 33.52 16.28 -10.57
CA HIS C 22 33.04 17.66 -10.76
C HIS C 22 31.52 17.73 -10.83
N THR C 23 30.84 16.79 -10.18
CA THR C 23 29.39 16.82 -10.05
C THR C 23 28.97 17.15 -8.62
N LYS C 24 29.83 17.81 -7.85
CA LYS C 24 29.53 18.08 -6.45
C LYS C 24 28.33 19.02 -6.30
N ALA C 25 28.25 20.03 -7.16
CA ALA C 25 27.16 21.00 -7.07
C ALA C 25 25.80 20.41 -7.41
N LEU C 26 25.75 19.22 -7.99
CA LEU C 26 24.47 18.64 -8.39
C LEU C 26 23.79 17.93 -7.22
N SER C 27 24.54 17.16 -6.44
CA SER C 27 23.99 16.47 -5.29
C SER C 27 25.14 16.01 -4.39
N SER C 28 24.77 15.53 -3.21
CA SER C 28 25.73 14.98 -2.26
C SER C 28 25.29 13.65 -1.67
N ARG C 29 24.16 13.10 -2.11
CA ARG C 29 23.68 11.80 -1.68
C ARG C 29 23.58 10.81 -2.84
N ARG C 30 23.04 11.24 -3.98
CA ARG C 30 23.03 10.41 -5.17
C ARG C 30 24.41 10.40 -5.82
N LEU C 31 24.67 9.34 -6.57
CA LEU C 31 25.98 9.13 -7.20
C LEU C 31 25.88 9.50 -8.68
N PHE C 32 26.45 10.63 -9.04
CA PHE C 32 26.57 11.07 -10.43
C PHE C 32 28.03 10.96 -10.84
N VAL C 33 28.29 10.18 -11.90
CA VAL C 33 29.65 9.96 -12.36
C VAL C 33 29.74 10.27 -13.84
N ARG C 34 30.92 10.72 -14.25
CA ARG C 34 31.22 10.98 -15.65
C ARG C 34 31.84 9.74 -16.28
N ARG C 35 31.49 9.48 -17.54
CA ARG C 35 31.96 8.27 -18.20
C ARG C 35 33.45 8.38 -18.51
N GLY C 36 34.13 7.24 -18.50
CA GLY C 36 35.55 7.19 -18.77
C GLY C 36 36.44 7.45 -17.58
N GLN C 37 35.88 7.54 -16.37
CA GLN C 37 36.66 7.82 -15.18
C GLN C 37 36.27 6.84 -14.08
N PRO C 38 37.23 6.26 -13.37
CA PRO C 38 36.91 5.26 -12.34
C PRO C 38 36.24 5.89 -11.13
N PHE C 39 35.46 5.08 -10.42
CA PHE C 39 34.84 5.48 -9.17
C PHE C 39 34.85 4.31 -8.20
N THR C 40 35.07 4.61 -6.92
CA THR C 40 35.29 3.59 -5.91
C THR C 40 34.02 3.38 -5.06
N ILE C 41 33.73 2.12 -4.78
CA ILE C 41 32.63 1.72 -3.91
C ILE C 41 33.17 0.73 -2.88
N ILE C 42 32.37 0.48 -1.85
CA ILE C 42 32.76 -0.38 -0.73
C ILE C 42 31.66 -1.41 -0.51
N LEU C 43 32.05 -2.67 -0.41
CA LEU C 43 31.15 -3.76 -0.06
C LEU C 43 31.39 -4.20 1.38
N TYR C 44 30.30 -4.37 2.13
CA TYR C 44 30.33 -4.85 3.51
C TYR C 44 29.69 -6.23 3.54
N PHE C 45 30.42 -7.21 4.05
CA PHE C 45 29.91 -8.56 4.17
C PHE C 45 29.18 -8.73 5.50
N ARG C 46 28.36 -9.79 5.57
CA ARG C 46 27.67 -10.10 6.81
C ARG C 46 28.55 -10.90 7.77
N ALA C 47 29.37 -11.80 7.23
CA ALA C 47 30.28 -12.60 8.01
C ALA C 47 31.67 -12.53 7.41
N PRO C 48 32.72 -12.73 8.23
CA PRO C 48 34.08 -12.66 7.69
C PRO C 48 34.30 -13.70 6.60
N VAL C 49 35.08 -13.32 5.59
CA VAL C 49 35.37 -14.21 4.47
C VAL C 49 36.40 -15.24 4.90
N ARG C 50 36.12 -16.51 4.63
CA ARG C 50 37.03 -17.58 4.99
C ARG C 50 38.29 -17.52 4.16
N ALA C 51 38.16 -17.61 2.84
CA ALA C 51 39.26 -17.49 1.91
C ALA C 51 38.99 -16.34 0.95
N PHE C 52 40.07 -15.79 0.38
CA PHE C 52 39.95 -14.62 -0.48
C PHE C 52 39.81 -15.00 -1.95
N LEU C 53 40.81 -15.70 -2.50
CA LEU C 53 40.77 -16.05 -3.92
C LEU C 53 39.59 -16.94 -4.29
N PRO C 54 39.26 -18.01 -3.56
CA PRO C 54 38.05 -18.76 -3.91
C PRO C 54 36.78 -17.92 -3.86
N ALA C 55 36.68 -17.01 -2.88
CA ALA C 55 35.53 -16.10 -2.84
C ALA C 55 35.59 -15.05 -3.94
N LEU C 56 36.80 -14.69 -4.36
CA LEU C 56 36.96 -13.73 -5.45
C LEU C 56 36.56 -14.33 -6.79
N LYS C 57 36.76 -15.64 -6.97
CA LYS C 57 36.50 -16.26 -8.26
C LYS C 57 35.00 -16.36 -8.57
N LYS C 58 34.17 -16.56 -7.56
CA LYS C 58 32.76 -16.90 -7.77
C LYS C 58 31.84 -15.70 -7.61
N VAL C 59 32.27 -14.51 -8.04
CA VAL C 59 31.45 -13.31 -7.96
C VAL C 59 31.59 -12.54 -9.26
N ALA C 60 30.47 -12.02 -9.77
CA ALA C 60 30.51 -11.24 -11.00
C ALA C 60 29.43 -10.16 -10.95
N LEU C 61 29.76 -8.95 -11.38
CA LEU C 61 28.84 -7.83 -11.27
C LEU C 61 28.47 -7.30 -12.66
N THR C 62 27.21 -6.87 -12.77
CA THR C 62 26.62 -6.41 -14.01
C THR C 62 26.09 -4.99 -13.87
N ALA C 63 26.05 -4.29 -14.99
CA ALA C 63 25.48 -2.95 -15.08
C ALA C 63 24.39 -2.96 -16.15
N GLN C 64 23.22 -2.43 -15.79
CA GLN C 64 22.06 -2.44 -16.68
C GLN C 64 21.51 -1.03 -16.83
N THR C 65 20.87 -0.78 -17.96
CA THR C 65 20.19 0.49 -18.21
C THR C 65 19.07 0.26 -19.22
N GLY C 66 18.07 1.12 -19.16
CA GLY C 66 16.92 1.02 -20.04
C GLY C 66 15.86 0.08 -19.52
N GLU C 67 14.70 0.13 -20.18
CA GLU C 67 13.60 -0.74 -19.80
C GLU C 67 13.83 -2.18 -20.23
N GLN C 68 14.46 -2.38 -21.38
CA GLN C 68 14.76 -3.71 -21.91
C GLN C 68 16.23 -3.78 -22.27
N PRO C 69 17.10 -4.05 -21.30
CA PRO C 69 18.53 -4.10 -21.59
C PRO C 69 18.90 -5.33 -22.41
N SER C 70 20.00 -5.20 -23.16
CA SER C 70 20.52 -6.29 -23.97
C SER C 70 21.98 -6.01 -24.27
N LYS C 71 22.71 -7.07 -24.61
CA LYS C 71 24.13 -6.95 -24.92
C LYS C 71 24.39 -6.53 -26.36
N ILE C 72 23.37 -6.47 -27.21
CA ILE C 72 23.55 -6.01 -28.59
C ILE C 72 23.34 -4.50 -28.72
N ASN C 73 22.61 -3.88 -27.80
CA ASN C 73 22.45 -2.44 -27.76
C ASN C 73 23.49 -1.76 -26.87
N ARG C 74 24.42 -2.54 -26.30
CA ARG C 74 25.43 -2.02 -25.37
C ARG C 74 24.80 -1.39 -24.13
N THR C 75 23.59 -1.80 -23.79
CA THR C 75 22.90 -1.31 -22.61
C THR C 75 23.00 -2.26 -21.42
N GLN C 76 23.81 -3.32 -21.54
CA GLN C 76 24.02 -4.25 -20.45
C GLN C 76 25.45 -4.75 -20.51
N ALA C 77 26.07 -4.92 -19.34
CA ALA C 77 27.44 -5.40 -19.30
C ALA C 77 27.62 -6.29 -18.07
N THR C 78 28.48 -7.30 -18.22
CA THR C 78 28.83 -8.21 -17.14
C THR C 78 30.34 -8.33 -17.07
N PHE C 79 30.89 -8.28 -15.86
CA PHE C 79 32.34 -8.35 -15.70
C PHE C 79 32.67 -8.83 -14.30
N PRO C 80 33.79 -9.53 -14.13
CA PRO C 80 34.15 -10.07 -12.82
C PRO C 80 35.05 -9.13 -12.03
N ILE C 81 35.20 -9.43 -10.74
CA ILE C 81 36.06 -8.67 -9.84
C ILE C 81 37.43 -9.35 -9.89
N SER C 82 38.28 -8.90 -10.80
CA SER C 82 39.59 -9.48 -11.00
C SER C 82 40.68 -8.43 -10.79
N SER C 83 41.86 -8.91 -10.41
CA SER C 83 43.00 -8.01 -10.21
C SER C 83 43.68 -7.62 -11.50
N LEU C 84 43.34 -8.25 -12.62
CA LEU C 84 43.87 -7.88 -13.93
C LEU C 84 42.74 -7.91 -14.95
N GLY C 85 42.74 -6.94 -15.85
CA GLY C 85 41.70 -6.86 -16.86
C GLY C 85 41.90 -5.64 -17.74
N ASP C 86 40.99 -5.49 -18.68
CA ASP C 86 41.05 -4.37 -19.63
C ASP C 86 40.50 -3.13 -18.96
N ARG C 87 41.30 -2.07 -18.91
CA ARG C 87 40.88 -0.81 -18.28
C ARG C 87 40.09 0.08 -19.23
N LYS C 88 40.06 -0.23 -20.52
CA LYS C 88 39.30 0.55 -21.48
C LYS C 88 37.84 0.12 -21.58
N TRP C 89 37.48 -0.98 -20.94
CA TRP C 89 36.12 -1.50 -20.92
C TRP C 89 35.66 -1.60 -19.47
N TRP C 90 34.45 -2.13 -19.27
CA TRP C 90 33.96 -2.33 -17.90
C TRP C 90 34.87 -3.30 -17.16
N SER C 91 35.23 -2.92 -15.93
CA SER C 91 36.16 -3.71 -15.13
C SER C 91 35.96 -3.37 -13.67
N ALA C 92 36.62 -4.12 -12.80
CA ALA C 92 36.53 -3.91 -11.36
C ALA C 92 37.76 -4.51 -10.71
N VAL C 93 38.51 -3.69 -9.97
CA VAL C 93 39.74 -4.11 -9.31
C VAL C 93 39.63 -3.81 -7.82
N VAL C 94 40.04 -4.76 -7.00
CA VAL C 94 40.04 -4.58 -5.56
C VAL C 94 41.26 -3.76 -5.16
N GLU C 95 41.02 -2.57 -4.61
CA GLU C 95 42.10 -1.69 -4.19
C GLU C 95 42.55 -1.99 -2.76
N GLU C 96 41.60 -2.10 -1.83
CA GLU C 96 41.92 -2.41 -0.44
C GLU C 96 41.03 -3.54 0.05
N ARG C 97 41.65 -4.48 0.77
CA ARG C 97 40.97 -5.64 1.32
C ARG C 97 41.12 -5.60 2.83
N ASP C 98 40.02 -5.83 3.54
CA ASP C 98 40.02 -5.87 4.99
C ASP C 98 39.44 -7.20 5.45
N ALA C 99 39.32 -7.34 6.78
CA ALA C 99 38.72 -8.54 7.34
C ALA C 99 37.26 -8.66 6.97
N GLN C 100 36.54 -7.53 6.94
CA GLN C 100 35.10 -7.55 6.74
C GLN C 100 34.65 -6.72 5.54
N SER C 101 35.47 -5.79 5.05
CA SER C 101 35.08 -4.85 4.00
C SER C 101 36.02 -4.93 2.81
N TRP C 102 35.47 -4.67 1.61
CA TRP C 102 36.26 -4.62 0.39
C TRP C 102 36.04 -3.28 -0.30
N THR C 103 37.10 -2.74 -0.93
CA THR C 103 37.01 -1.50 -1.69
C THR C 103 37.29 -1.80 -3.17
N ILE C 104 36.25 -1.68 -4.01
CA ILE C 104 36.36 -1.93 -5.43
C ILE C 104 36.41 -0.59 -6.16
N SER C 105 37.05 -0.58 -7.33
CA SER C 105 37.16 0.61 -8.18
C SER C 105 36.61 0.27 -9.56
N VAL C 106 35.35 0.63 -9.80
CA VAL C 106 34.69 0.33 -11.06
C VAL C 106 35.11 1.34 -12.11
N THR C 107 35.29 0.87 -13.34
CA THR C 107 35.70 1.70 -14.47
C THR C 107 34.63 1.66 -15.55
N THR C 108 34.54 2.74 -16.32
CA THR C 108 33.54 2.90 -17.36
C THR C 108 34.20 3.17 -18.71
N PRO C 109 33.72 2.53 -19.78
CA PRO C 109 34.30 2.79 -21.11
C PRO C 109 34.06 4.21 -21.57
N ALA C 110 34.97 4.71 -22.41
CA ALA C 110 34.93 6.08 -22.90
C ALA C 110 33.79 6.33 -23.87
N ASP C 111 32.97 5.33 -24.18
CA ASP C 111 31.81 5.54 -25.06
C ASP C 111 30.69 4.58 -24.60
N ALA C 112 29.84 5.08 -23.72
CA ALA C 112 28.77 4.29 -23.14
C ALA C 112 27.46 5.07 -23.20
N VAL C 113 26.35 4.34 -23.19
CA VAL C 113 25.04 4.95 -23.22
C VAL C 113 24.81 5.71 -21.91
N ILE C 114 24.33 6.94 -22.01
CA ILE C 114 24.06 7.78 -20.85
C ILE C 114 22.63 7.51 -20.39
N GLY C 115 22.37 7.72 -19.11
CA GLY C 115 21.07 7.56 -18.53
C GLY C 115 21.17 6.96 -17.14
N HIS C 116 20.03 6.52 -16.63
CA HIS C 116 19.98 5.91 -15.31
C HIS C 116 20.43 4.45 -15.39
N TYR C 117 21.36 4.07 -14.52
CA TYR C 117 21.91 2.72 -14.49
C TYR C 117 21.51 2.02 -13.20
N SER C 118 21.76 0.72 -13.19
CA SER C 118 21.56 -0.10 -12.01
C SER C 118 22.66 -1.16 -11.94
N LEU C 119 23.21 -1.35 -10.75
CA LEU C 119 24.32 -2.27 -10.52
C LEU C 119 23.80 -3.51 -9.81
N LEU C 120 24.15 -4.69 -10.33
CA LEU C 120 23.67 -5.95 -9.79
C LEU C 120 24.86 -6.87 -9.55
N LEU C 121 24.70 -7.77 -8.58
CA LEU C 121 25.76 -8.71 -8.21
C LEU C 121 25.25 -10.13 -8.32
N GLN C 122 26.12 -11.03 -8.78
CA GLN C 122 25.82 -12.44 -8.95
C GLN C 122 26.86 -13.25 -8.18
N VAL C 123 26.38 -14.10 -7.28
CA VAL C 123 27.19 -15.09 -6.63
C VAL C 123 26.91 -16.44 -7.29
N SER C 124 27.72 -17.44 -6.95
CA SER C 124 27.62 -18.74 -7.62
C SER C 124 26.23 -19.37 -7.41
N GLY C 125 25.70 -19.30 -6.21
CA GLY C 125 24.46 -19.98 -5.91
C GLY C 125 23.20 -19.12 -5.95
N ARG C 126 23.22 -17.98 -5.28
CA ARG C 126 22.00 -17.19 -5.11
C ARG C 126 21.74 -16.37 -6.37
N LYS C 127 20.56 -15.74 -6.40
CA LYS C 127 20.09 -15.02 -7.58
C LYS C 127 20.74 -13.63 -7.64
N GLN C 128 20.23 -12.78 -8.53
CA GLN C 128 20.72 -11.42 -8.66
C GLN C 128 20.43 -10.63 -7.39
N LEU C 129 21.34 -9.73 -7.03
CA LEU C 129 21.10 -8.82 -5.93
C LEU C 129 21.44 -7.39 -6.34
N LEU C 130 20.51 -6.47 -6.10
CA LEU C 130 20.67 -5.08 -6.50
C LEU C 130 21.51 -4.34 -5.47
N LEU C 131 22.53 -3.61 -5.95
CA LEU C 131 23.41 -2.85 -5.08
C LEU C 131 23.04 -1.37 -4.99
N GLY C 132 22.67 -0.75 -6.10
CA GLY C 132 22.32 0.65 -6.09
C GLY C 132 22.05 1.15 -7.50
N GLN C 133 21.96 2.46 -7.61
CA GLN C 133 21.71 3.12 -8.89
C GLN C 133 22.64 4.32 -9.04
N PHE C 134 22.97 4.64 -10.29
CA PHE C 134 23.82 5.78 -10.58
C PHE C 134 23.50 6.29 -11.98
N THR C 135 24.05 7.46 -12.30
CA THR C 135 23.82 8.12 -13.58
C THR C 135 25.15 8.37 -14.29
N LEU C 136 25.13 8.27 -15.61
CA LEU C 136 26.31 8.44 -16.44
C LEU C 136 26.15 9.65 -17.34
N LEU C 137 27.22 10.43 -17.47
CA LEU C 137 27.17 11.70 -18.21
C LEU C 137 28.45 11.86 -19.02
N PHE C 138 28.36 12.68 -20.07
CA PHE C 138 29.54 13.05 -20.82
C PHE C 138 30.48 13.90 -19.97
N ASN C 139 31.76 13.93 -20.35
CA ASN C 139 32.72 14.77 -19.64
C ASN C 139 33.74 15.39 -20.58
N PRO C 140 33.96 16.70 -20.49
CA PRO C 140 35.02 17.34 -21.28
C PRO C 140 36.42 17.11 -20.75
N TRP C 141 36.56 16.40 -19.63
CA TRP C 141 37.86 16.21 -18.99
C TRP C 141 38.63 15.01 -19.52
N ASN C 142 38.02 14.19 -20.38
CA ASN C 142 38.63 12.97 -20.88
C ASN C 142 39.14 13.19 -22.29
N ARG C 143 40.42 12.89 -22.50
CA ARG C 143 41.05 13.12 -23.80
C ARG C 143 40.48 12.21 -24.89
N GLU C 144 39.88 11.09 -24.52
CA GLU C 144 39.36 10.14 -25.49
C GLU C 144 37.89 10.35 -25.81
N ASP C 145 37.23 11.32 -25.18
CA ASP C 145 35.81 11.54 -25.40
C ASP C 145 35.58 12.50 -26.55
N ALA C 146 34.41 12.38 -27.18
CA ALA C 146 34.08 13.25 -28.30
C ALA C 146 34.01 14.71 -27.87
N VAL C 147 33.38 14.98 -26.72
CA VAL C 147 33.31 16.32 -26.16
C VAL C 147 34.46 16.46 -25.17
N PHE C 148 35.53 17.10 -25.61
CA PHE C 148 36.73 17.27 -24.79
C PHE C 148 37.26 18.69 -24.96
N LEU C 149 37.31 19.45 -23.87
CA LEU C 149 37.83 20.81 -23.88
C LEU C 149 39.22 20.81 -23.28
N LYS C 150 40.20 21.31 -24.05
CA LYS C 150 41.59 21.26 -23.61
C LYS C 150 41.84 22.27 -22.49
N ASN C 151 41.33 23.49 -22.63
CA ASN C 151 41.58 24.52 -21.63
C ASN C 151 40.74 24.26 -20.38
N GLU C 152 41.21 24.81 -19.26
CA GLU C 152 40.55 24.63 -17.97
C GLU C 152 39.56 25.74 -17.67
N ALA C 153 39.93 26.99 -17.96
CA ALA C 153 39.00 28.10 -17.74
C ALA C 153 37.77 27.96 -18.62
N GLN C 154 37.94 27.47 -19.85
CA GLN C 154 36.81 27.25 -20.73
C GLN C 154 35.86 26.22 -20.15
N ARG C 155 36.40 25.18 -19.49
CA ARG C 155 35.55 24.18 -18.87
C ARG C 155 34.69 24.80 -17.77
N MET C 156 35.28 25.64 -16.93
CA MET C 156 34.53 26.28 -15.86
C MET C 156 33.50 27.25 -16.41
N GLU C 157 33.85 27.99 -17.46
CA GLU C 157 32.94 29.01 -17.98
C GLU C 157 31.77 28.40 -18.73
N TYR C 158 32.02 27.36 -19.54
CA TYR C 158 31.01 26.81 -20.43
C TYR C 158 30.29 25.59 -19.86
N LEU C 159 30.72 25.05 -18.73
CA LEU C 159 30.01 23.89 -18.22
C LEU C 159 29.61 24.02 -16.76
N LEU C 160 30.46 24.59 -15.92
CA LEU C 160 30.20 24.64 -14.49
C LEU C 160 29.55 25.95 -14.03
N ASN C 161 29.42 26.93 -14.92
CA ASN C 161 28.82 28.20 -14.53
C ASN C 161 27.30 28.11 -14.60
N GLN C 162 26.64 28.81 -13.68
CA GLN C 162 25.19 28.87 -13.65
C GLN C 162 24.63 30.26 -13.81
N ASN C 163 25.45 31.30 -13.64
CA ASN C 163 25.03 32.69 -13.81
C ASN C 163 25.61 33.20 -15.12
N GLY C 164 24.75 33.45 -16.10
CA GLY C 164 25.17 33.89 -17.41
C GLY C 164 24.62 35.26 -17.75
N LEU C 165 25.04 35.75 -18.91
CA LEU C 165 24.58 37.03 -19.43
C LEU C 165 24.07 36.84 -20.85
N ILE C 166 22.94 37.47 -21.16
CA ILE C 166 22.36 37.47 -22.50
C ILE C 166 22.30 38.91 -22.96
N TYR C 167 22.78 39.16 -24.17
CA TYR C 167 22.91 40.52 -24.69
C TYR C 167 21.75 40.81 -25.63
N LEU C 168 21.03 41.89 -25.34
CA LEU C 168 19.87 42.29 -26.12
C LEU C 168 20.01 43.73 -26.57
N GLY C 169 18.98 44.26 -27.21
CA GLY C 169 19.02 45.62 -27.71
C GLY C 169 19.43 45.71 -29.15
N THR C 170 19.68 46.95 -29.58
CA THR C 170 20.11 47.20 -30.94
C THR C 170 21.62 46.96 -31.07
N ALA C 171 22.10 47.00 -32.32
CA ALA C 171 23.52 46.79 -32.57
C ALA C 171 24.37 47.98 -32.11
N ASP C 172 23.75 49.14 -31.90
CA ASP C 172 24.52 50.31 -31.46
C ASP C 172 24.70 50.33 -29.95
N CYS C 173 23.63 50.07 -29.20
CA CYS C 173 23.70 49.95 -27.74
C CYS C 173 23.26 48.55 -27.34
N ILE C 174 24.12 47.85 -26.61
CA ILE C 174 23.89 46.48 -26.20
C ILE C 174 23.65 46.45 -24.70
N GLN C 175 22.54 45.85 -24.28
CA GLN C 175 22.14 45.79 -22.88
C GLN C 175 22.27 44.35 -22.40
N ALA C 176 23.00 44.15 -21.32
CA ALA C 176 23.18 42.81 -20.76
C ALA C 176 22.10 42.50 -19.75
N GLU C 177 21.61 41.27 -19.78
CA GLU C 177 20.59 40.77 -18.85
C GLU C 177 21.13 39.55 -18.14
N SER C 178 21.00 39.52 -16.82
CA SER C 178 21.51 38.42 -16.01
C SER C 178 20.52 37.26 -16.07
N TRP C 179 21.00 36.09 -16.47
CA TRP C 179 20.17 34.90 -16.62
C TRP C 179 20.69 33.83 -15.66
N ASP C 180 19.77 33.08 -15.07
CA ASP C 180 20.10 31.99 -14.15
C ASP C 180 19.78 30.68 -14.86
N PHE C 181 20.81 30.07 -15.45
CA PHE C 181 20.59 28.82 -16.19
C PHE C 181 20.10 27.72 -15.27
N GLY C 182 20.73 27.57 -14.12
CA GLY C 182 20.28 26.59 -13.13
C GLY C 182 20.31 25.16 -13.62
N GLN C 183 21.37 24.77 -14.33
CA GLN C 183 21.44 23.42 -14.88
C GLN C 183 21.72 22.37 -13.80
N PHE C 184 22.21 22.78 -12.64
CA PHE C 184 22.55 21.85 -11.57
C PHE C 184 21.49 21.80 -10.48
N GLU C 185 20.22 21.96 -10.85
CA GLU C 185 19.13 21.83 -9.90
C GLU C 185 18.82 20.36 -9.66
N GLY C 186 17.91 20.10 -8.71
CA GLY C 186 17.59 18.73 -8.35
C GLY C 186 16.86 17.98 -9.44
N ASP C 187 15.91 18.63 -10.11
CA ASP C 187 15.00 17.95 -11.04
C ASP C 187 15.33 18.18 -12.51
N VAL C 188 16.35 18.98 -12.81
CA VAL C 188 16.65 19.29 -14.21
C VAL C 188 17.13 18.04 -14.94
N ILE C 189 18.01 17.27 -14.31
CA ILE C 189 18.56 16.08 -14.98
C ILE C 189 17.46 15.05 -15.24
N ASP C 190 16.56 14.85 -14.26
CA ASP C 190 15.47 13.90 -14.44
C ASP C 190 14.54 14.34 -15.56
N LEU C 191 14.20 15.63 -15.60
CA LEU C 191 13.33 16.13 -16.65
C LEU C 191 13.98 15.98 -18.02
N SER C 192 15.27 16.30 -18.12
CA SER C 192 15.97 16.19 -19.40
C SER C 192 16.03 14.73 -19.87
N LEU C 193 16.33 13.81 -18.96
CA LEU C 193 16.38 12.40 -19.35
C LEU C 193 15.00 11.88 -19.74
N ARG C 194 13.96 12.28 -19.01
CA ARG C 194 12.60 11.85 -19.35
C ARG C 194 12.18 12.38 -20.71
N LEU C 195 12.54 13.63 -21.02
CA LEU C 195 12.25 14.19 -22.34
C LEU C 195 13.04 13.45 -23.43
N LEU C 196 14.30 13.12 -23.15
CA LEU C 196 15.11 12.40 -24.13
C LEU C 196 14.58 10.98 -24.35
N SER C 197 13.90 10.41 -23.37
CA SER C 197 13.42 9.04 -23.47
C SER C 197 12.35 8.84 -24.54
N LYS C 198 11.98 9.87 -25.29
CA LYS C 198 11.02 9.77 -26.38
C LYS C 198 11.69 9.62 -27.74
N ASP C 199 12.85 8.97 -27.79
CA ASP C 199 13.61 8.80 -29.02
C ASP C 199 13.57 7.38 -29.56
N LYS C 200 13.58 6.37 -28.69
CA LYS C 200 13.47 4.94 -29.00
C LYS C 200 14.69 4.40 -29.72
N GLN C 201 15.68 5.22 -30.07
CA GLN C 201 16.95 4.74 -30.60
C GLN C 201 18.00 4.77 -29.49
N VAL C 202 17.85 3.82 -28.56
CA VAL C 202 18.70 3.80 -27.37
C VAL C 202 20.16 3.60 -27.75
N GLU C 203 20.43 2.73 -28.73
CA GLU C 203 21.80 2.40 -29.10
C GLU C 203 22.61 3.63 -29.48
N LYS C 204 21.94 4.67 -30.00
CA LYS C 204 22.63 5.86 -30.46
C LYS C 204 22.77 6.93 -29.37
N TRP C 205 22.38 6.64 -28.14
CA TRP C 205 22.54 7.62 -27.06
C TRP C 205 23.98 7.73 -26.59
N SER C 206 24.93 7.08 -27.25
CA SER C 206 26.33 7.13 -26.84
C SER C 206 27.11 8.22 -27.57
N GLN C 207 26.47 8.98 -28.46
CA GLN C 207 27.14 10.02 -29.22
C GLN C 207 26.37 11.32 -29.07
N PRO C 208 27.05 12.44 -28.79
CA PRO C 208 26.33 13.68 -28.45
C PRO C 208 25.55 14.29 -29.60
N VAL C 209 25.91 14.02 -30.86
CA VAL C 209 25.25 14.66 -31.98
C VAL C 209 23.77 14.29 -32.03
N HIS C 210 23.48 12.99 -31.90
CA HIS C 210 22.11 12.52 -31.96
C HIS C 210 21.29 13.09 -30.81
N VAL C 211 21.86 13.08 -29.60
CA VAL C 211 21.15 13.58 -28.43
C VAL C 211 20.83 15.07 -28.58
N ALA C 212 21.82 15.84 -29.03
CA ALA C 212 21.62 17.27 -29.21
C ALA C 212 20.55 17.55 -30.26
N ARG C 213 20.59 16.82 -31.38
CA ARG C 213 19.60 17.02 -32.43
C ARG C 213 18.19 16.71 -31.93
N VAL C 214 18.04 15.57 -31.25
CA VAL C 214 16.72 15.17 -30.75
C VAL C 214 16.21 16.19 -29.74
N LEU C 215 17.07 16.63 -28.82
CA LEU C 215 16.63 17.58 -27.81
C LEU C 215 16.25 18.92 -28.43
N GLY C 216 17.02 19.38 -29.42
CA GLY C 216 16.66 20.62 -30.09
C GLY C 216 15.31 20.53 -30.77
N ALA C 217 15.07 19.44 -31.50
CA ALA C 217 13.77 19.29 -32.17
C ALA C 217 12.63 19.25 -31.16
N LEU C 218 12.79 18.47 -30.09
CA LEU C 218 11.73 18.36 -29.09
C LEU C 218 11.46 19.70 -28.41
N LEU C 219 12.52 20.44 -28.09
CA LEU C 219 12.35 21.72 -27.42
C LEU C 219 11.67 22.74 -28.34
N HIS C 220 12.02 22.73 -29.63
CA HIS C 220 11.34 23.63 -30.56
C HIS C 220 9.85 23.28 -30.66
N PHE C 221 9.53 21.97 -30.71
CA PHE C 221 8.13 21.57 -30.75
C PHE C 221 7.39 22.02 -29.49
N LEU C 222 8.02 21.85 -28.33
CA LEU C 222 7.39 22.28 -27.08
C LEU C 222 7.16 23.78 -27.05
N LYS C 223 8.14 24.55 -27.54
CA LYS C 223 7.98 26.00 -27.60
C LYS C 223 6.82 26.38 -28.50
N GLU C 224 6.73 25.75 -29.68
CA GLU C 224 5.62 26.03 -30.58
C GLU C 224 4.28 25.67 -29.95
N GLN C 225 4.25 24.62 -29.12
CA GLN C 225 3.00 24.19 -28.52
C GLN C 225 2.57 25.09 -27.36
N ARG C 226 3.51 25.57 -26.55
CA ARG C 226 3.17 26.13 -25.24
C ARG C 226 3.33 27.63 -25.12
N VAL C 227 3.71 28.34 -26.18
CA VAL C 227 3.89 29.79 -26.13
C VAL C 227 2.62 30.45 -26.63
N LEU C 228 1.99 31.29 -25.76
CA LEU C 228 0.72 31.96 -25.99
C LEU C 228 0.93 33.29 -26.71
N PRO C 229 -0.01 33.70 -27.54
CA PRO C 229 0.06 35.03 -28.15
C PRO C 229 -0.19 36.12 -27.13
N THR C 230 0.40 37.28 -27.38
CA THR C 230 0.27 38.40 -26.44
C THR C 230 -1.18 38.87 -26.39
N PRO C 231 -1.69 39.22 -25.21
CA PRO C 231 -3.08 39.69 -25.11
C PRO C 231 -3.28 40.98 -25.89
N GLN C 232 -4.44 41.08 -26.55
CA GLN C 232 -4.76 42.28 -27.31
C GLN C 232 -5.14 43.45 -26.39
N THR C 233 -5.72 43.14 -25.24
CA THR C 233 -6.15 44.18 -24.31
C THR C 233 -4.94 44.87 -23.68
N GLN C 234 -5.15 46.11 -23.24
CA GLN C 234 -4.11 46.91 -22.62
C GLN C 234 -4.29 46.86 -21.10
N ALA C 235 -3.24 46.42 -20.40
CA ALA C 235 -3.27 46.27 -18.94
C ALA C 235 -1.90 46.68 -18.41
N THR C 236 -1.78 47.95 -18.03
CA THR C 236 -0.53 48.44 -17.45
C THR C 236 -0.35 48.00 -16.01
N GLN C 237 -1.46 47.81 -15.27
CA GLN C 237 -1.37 47.42 -13.87
C GLN C 237 -0.74 46.04 -13.71
N GLU C 238 -1.10 45.09 -14.58
CA GLU C 238 -0.57 43.74 -14.53
C GLU C 238 0.60 43.53 -15.48
N GLY C 239 1.07 44.58 -16.15
CA GLY C 239 2.17 44.46 -17.08
C GLY C 239 3.47 44.01 -16.43
N ALA C 240 3.62 44.23 -15.12
CA ALA C 240 4.83 43.82 -14.42
C ALA C 240 4.90 42.31 -14.23
N LEU C 241 3.80 41.58 -14.41
CA LEU C 241 3.77 40.15 -14.16
C LEU C 241 3.81 39.31 -15.42
N LEU C 242 3.72 39.92 -16.60
CA LEU C 242 3.73 39.19 -17.85
C LEU C 242 5.11 39.10 -18.50
N ASN C 243 6.04 39.99 -18.12
CA ASN C 243 7.31 40.10 -18.82
C ASN C 243 8.52 39.87 -17.92
N LYS C 244 8.32 39.42 -16.69
CA LYS C 244 9.41 39.19 -15.76
C LYS C 244 9.81 37.72 -15.78
N ARG C 245 11.12 37.47 -15.90
CA ARG C 245 11.65 36.12 -16.03
C ARG C 245 12.52 35.82 -14.82
N ARG C 246 12.35 34.62 -14.26
CA ARG C 246 13.09 34.18 -13.09
C ARG C 246 14.15 33.13 -13.42
N GLY C 247 14.45 32.94 -14.71
CA GLY C 247 15.47 31.99 -15.11
C GLY C 247 15.02 31.06 -16.21
N SER C 248 15.62 29.87 -16.26
CA SER C 248 15.35 28.91 -17.32
C SER C 248 14.76 27.60 -16.84
N VAL C 249 14.79 27.32 -15.54
CA VAL C 249 14.21 26.10 -14.99
C VAL C 249 12.69 26.22 -14.85
N PRO C 250 12.14 27.35 -14.38
CA PRO C 250 10.68 27.48 -14.38
C PRO C 250 10.06 27.33 -15.76
N ILE C 251 10.72 27.84 -16.80
CA ILE C 251 10.18 27.71 -18.15
C ILE C 251 10.15 26.25 -18.58
N LEU C 252 11.23 25.51 -18.29
CA LEU C 252 11.27 24.09 -18.63
C LEU C 252 10.19 23.32 -17.88
N ARG C 253 10.01 23.62 -16.59
CA ARG C 253 8.98 22.94 -15.81
C ARG C 253 7.59 23.23 -16.36
N GLN C 254 7.32 24.50 -16.71
CA GLN C 254 6.00 24.85 -17.23
C GLN C 254 5.77 24.27 -18.63
N TRP C 255 6.84 24.08 -19.40
CA TRP C 255 6.66 23.49 -20.73
C TRP C 255 6.41 21.98 -20.61
N LEU C 256 7.12 21.31 -19.70
CA LEU C 256 6.96 19.85 -19.60
C LEU C 256 5.68 19.47 -18.87
N THR C 257 5.26 20.25 -17.86
CA THR C 257 4.13 19.88 -17.03
C THR C 257 2.93 20.81 -17.15
N GLY C 258 3.11 22.05 -17.59
CA GLY C 258 2.00 22.98 -17.69
C GLY C 258 1.40 23.39 -16.37
N ARG C 259 2.23 23.68 -15.37
CA ARG C 259 1.77 24.03 -14.03
C ARG C 259 2.53 25.24 -13.51
N GLY C 260 2.62 26.29 -14.34
CA GLY C 260 3.29 27.49 -13.93
C GLY C 260 2.85 28.68 -14.76
N ARG C 261 3.59 29.77 -14.64
CA ARG C 261 3.29 30.97 -15.41
C ARG C 261 3.75 30.78 -16.85
N PRO C 262 2.88 30.95 -17.83
CA PRO C 262 3.28 30.76 -19.22
C PRO C 262 4.11 31.93 -19.73
N VAL C 263 4.78 31.69 -20.86
CA VAL C 263 5.60 32.70 -21.53
C VAL C 263 4.86 33.15 -22.78
N TYR C 264 4.85 34.46 -23.01
CA TYR C 264 4.10 35.06 -24.10
C TYR C 264 5.01 35.31 -25.30
N ASP C 265 4.38 35.70 -26.41
CA ASP C 265 5.09 35.86 -27.68
C ASP C 265 6.08 37.02 -27.65
N GLY C 266 5.97 37.93 -26.68
CA GLY C 266 6.92 39.03 -26.61
C GLY C 266 8.32 38.58 -26.27
N GLN C 267 8.46 37.44 -25.60
CA GLN C 267 9.77 36.87 -25.25
C GLN C 267 9.78 35.43 -25.76
N ALA C 268 10.15 35.25 -27.03
CA ALA C 268 10.30 33.92 -27.61
C ALA C 268 11.75 33.55 -27.86
N TRP C 269 12.69 34.36 -27.38
CA TRP C 269 14.11 34.06 -27.53
C TRP C 269 14.66 33.22 -26.38
N VAL C 270 13.81 32.82 -25.43
CA VAL C 270 14.27 32.03 -24.30
C VAL C 270 14.53 30.57 -24.66
N LEU C 271 14.16 30.16 -25.87
CA LEU C 271 14.39 28.77 -26.29
C LEU C 271 15.89 28.45 -26.31
N ALA C 272 16.71 29.40 -26.75
CA ALA C 272 18.15 29.20 -26.75
C ALA C 272 18.67 28.98 -25.33
N ALA C 273 18.18 29.78 -24.38
CA ALA C 273 18.61 29.64 -23.00
C ALA C 273 18.18 28.29 -22.42
N VAL C 274 16.95 27.86 -22.70
CA VAL C 274 16.49 26.57 -22.20
C VAL C 274 17.31 25.43 -22.78
N ALA C 275 17.58 25.48 -24.09
CA ALA C 275 18.38 24.44 -24.72
C ALA C 275 19.79 24.41 -24.16
N CYS C 276 20.38 25.59 -23.94
CA CYS C 276 21.72 25.64 -23.36
C CYS C 276 21.73 25.07 -21.95
N THR C 277 20.70 25.37 -21.16
CA THR C 277 20.61 24.81 -19.81
C THR C 277 20.55 23.29 -19.85
N VAL C 278 19.71 22.73 -20.71
CA VAL C 278 19.57 21.28 -20.80
C VAL C 278 20.87 20.64 -21.25
N LEU C 279 21.50 21.23 -22.29
CA LEU C 279 22.74 20.68 -22.83
C LEU C 279 23.86 20.72 -21.80
N ARG C 280 23.98 21.82 -21.06
CA ARG C 280 24.97 21.88 -19.99
C ARG C 280 24.67 20.85 -18.91
N CYS C 281 23.38 20.61 -18.64
CA CYS C 281 23.02 19.61 -17.65
C CYS C 281 23.49 18.22 -18.07
N LEU C 282 23.30 17.87 -19.34
CA LEU C 282 23.73 16.54 -19.79
C LEU C 282 25.25 16.41 -19.89
N GLY C 283 25.97 17.53 -19.90
CA GLY C 283 27.42 17.50 -19.96
C GLY C 283 28.06 17.95 -21.25
N ILE C 284 27.31 18.52 -22.19
CA ILE C 284 27.86 19.01 -23.45
C ILE C 284 28.05 20.52 -23.32
N PRO C 285 29.27 21.04 -23.47
CA PRO C 285 29.47 22.49 -23.40
C PRO C 285 28.60 23.22 -24.41
N ALA C 286 28.03 24.35 -23.98
CA ALA C 286 27.13 25.11 -24.83
C ALA C 286 27.30 26.60 -24.52
N ARG C 287 26.80 27.42 -25.44
CA ARG C 287 26.87 28.87 -25.26
C ARG C 287 25.77 29.52 -26.09
N VAL C 288 25.19 30.61 -25.59
CA VAL C 288 24.14 31.32 -26.29
C VAL C 288 24.71 32.59 -26.91
N VAL C 289 24.58 32.72 -28.23
CA VAL C 289 25.09 33.88 -28.94
C VAL C 289 23.90 34.66 -29.49
N THR C 290 24.12 35.95 -29.73
CA THR C 290 23.08 36.84 -30.23
C THR C 290 23.61 37.59 -31.45
N THR C 291 22.83 37.55 -32.53
CA THR C 291 23.15 38.24 -33.77
C THR C 291 22.17 39.39 -33.98
N PHE C 292 22.71 40.57 -34.25
CA PHE C 292 21.93 41.78 -34.43
C PHE C 292 21.69 42.04 -35.91
N ALA C 293 20.45 42.39 -36.24
CA ALA C 293 20.02 42.65 -37.62
C ALA C 293 20.25 41.42 -38.50
N SER C 294 19.55 40.34 -38.15
CA SER C 294 19.64 39.08 -38.88
C SER C 294 18.41 38.93 -39.77
N ALA C 295 18.64 38.60 -41.04
CA ALA C 295 17.56 38.49 -42.02
C ALA C 295 17.04 37.06 -42.01
N GLN C 296 16.03 36.82 -41.19
CA GLN C 296 15.37 35.52 -41.13
C GLN C 296 14.24 35.48 -42.17
N GLY C 297 13.45 34.41 -42.13
CA GLY C 297 12.34 34.29 -43.06
C GLY C 297 12.67 33.50 -44.31
N THR C 298 13.03 34.21 -45.39
CA THR C 298 13.27 33.57 -46.67
C THR C 298 14.37 32.52 -46.56
N GLY C 299 14.17 31.41 -47.28
CA GLY C 299 15.11 30.31 -47.26
C GLY C 299 16.05 30.26 -48.44
N GLY C 300 17.29 30.69 -48.23
CA GLY C 300 18.33 30.59 -49.23
C GLY C 300 18.46 31.79 -50.15
N ARG C 301 17.45 32.65 -50.21
CA ARG C 301 17.55 33.83 -51.06
C ARG C 301 18.45 34.87 -50.43
N LEU C 302 18.90 35.82 -51.26
CA LEU C 302 19.76 36.91 -50.82
C LEU C 302 19.10 38.27 -51.01
N LEU C 303 17.77 38.30 -51.11
CA LEU C 303 17.03 39.53 -51.31
C LEU C 303 15.86 39.60 -50.35
N ILE C 304 15.67 40.77 -49.75
CA ILE C 304 14.56 41.03 -48.82
C ILE C 304 13.76 42.20 -49.36
N ASP C 305 12.45 42.04 -49.45
CA ASP C 305 11.55 43.06 -49.97
C ASP C 305 10.83 43.76 -48.83
N GLU C 306 10.84 45.09 -48.86
CA GLU C 306 10.15 45.90 -47.87
C GLU C 306 9.27 46.92 -48.58
N TYR C 307 8.07 47.11 -48.05
CA TYR C 307 7.09 48.04 -48.63
C TYR C 307 6.81 49.15 -47.63
N TYR C 308 6.85 50.39 -48.10
CA TYR C 308 6.67 51.55 -47.26
C TYR C 308 5.57 52.44 -47.83
N ASN C 309 4.86 53.12 -46.94
CA ASN C 309 3.73 53.96 -47.32
C ASN C 309 4.23 55.30 -47.87
N GLU C 310 3.28 56.10 -48.37
CA GLU C 310 3.63 57.42 -48.90
C GLU C 310 4.16 58.33 -47.80
N GLU C 311 3.54 58.29 -46.62
CA GLU C 311 3.97 59.14 -45.51
C GLU C 311 5.30 58.70 -44.92
N GLY C 312 5.81 57.54 -45.29
CA GLY C 312 7.04 57.03 -44.74
C GLY C 312 6.88 55.91 -43.74
N LEU C 313 5.65 55.43 -43.52
CA LEU C 313 5.39 54.36 -42.59
C LEU C 313 5.21 53.04 -43.35
N GLN C 314 4.85 51.98 -42.64
CA GLN C 314 4.65 50.67 -43.23
C GLN C 314 3.16 50.34 -43.21
N ASN C 315 2.52 50.40 -44.38
CA ASN C 315 1.12 50.01 -44.48
C ASN C 315 0.98 48.51 -44.30
N GLY C 316 -0.13 48.10 -43.69
CA GLY C 316 -0.36 46.70 -43.42
C GLY C 316 0.52 46.19 -42.30
N GLU C 317 0.49 44.87 -42.14
CA GLU C 317 1.27 44.20 -41.11
C GLU C 317 1.89 42.93 -41.66
N GLY C 318 3.10 42.62 -41.18
CA GLY C 318 3.72 41.35 -41.47
C GLY C 318 4.36 41.28 -42.84
N GLN C 319 5.04 40.17 -43.07
CA GLN C 319 5.73 39.88 -44.34
C GLN C 319 6.22 38.45 -44.25
N ARG C 320 6.70 37.94 -45.39
CA ARG C 320 7.27 36.59 -45.42
C ARG C 320 8.67 36.58 -44.81
N GLY C 321 9.59 37.34 -45.40
CA GLY C 321 10.94 37.45 -44.87
C GLY C 321 11.32 38.87 -44.53
N ARG C 322 11.53 39.15 -43.24
CA ARG C 322 11.86 40.48 -42.78
C ARG C 322 13.16 40.45 -41.98
N ILE C 323 13.65 41.63 -41.64
CA ILE C 323 14.91 41.79 -40.92
C ILE C 323 14.59 41.96 -39.44
N TRP C 324 15.05 41.01 -38.62
CA TRP C 324 14.80 41.08 -37.19
C TRP C 324 15.80 42.00 -36.51
N ILE C 325 15.40 42.55 -35.37
CA ILE C 325 16.30 43.39 -34.59
C ILE C 325 17.45 42.56 -34.01
N PHE C 326 17.12 41.41 -33.44
CA PHE C 326 18.12 40.46 -32.96
C PHE C 326 17.55 39.06 -32.96
N GLN C 327 18.45 38.08 -32.92
CA GLN C 327 18.08 36.67 -32.89
C GLN C 327 19.14 35.89 -32.11
N THR C 328 18.70 35.00 -31.22
CA THR C 328 19.63 34.22 -30.43
C THR C 328 19.77 32.82 -31.02
N SER C 329 20.92 32.19 -30.74
CA SER C 329 21.18 30.83 -31.23
C SER C 329 22.20 30.15 -30.34
N THR C 330 21.91 28.92 -29.93
CA THR C 330 22.83 28.14 -29.12
C THR C 330 23.90 27.45 -29.97
N GLU C 331 25.08 27.30 -29.38
CA GLU C 331 26.21 26.62 -29.98
C GLU C 331 26.68 25.50 -29.06
N CYS C 332 27.14 24.41 -29.66
CA CYS C 332 27.58 23.21 -28.96
C CYS C 332 29.01 22.89 -29.32
N TRP C 333 29.84 22.60 -28.33
CA TRP C 333 31.24 22.25 -28.59
C TRP C 333 31.35 20.73 -28.68
N MET C 334 31.85 20.23 -29.82
CA MET C 334 31.97 18.78 -30.00
C MET C 334 32.77 18.53 -31.29
N THR C 335 32.91 17.25 -31.63
CA THR C 335 33.63 16.81 -32.82
C THR C 335 32.70 16.02 -33.72
N ARG C 336 32.85 16.21 -35.03
CA ARG C 336 32.00 15.55 -36.01
C ARG C 336 32.77 14.39 -36.63
N PRO C 337 32.43 13.14 -36.32
CA PRO C 337 33.17 12.01 -36.90
C PRO C 337 32.67 11.60 -38.27
N ALA C 338 31.39 11.81 -38.55
CA ALA C 338 30.80 11.40 -39.82
C ALA C 338 31.08 12.38 -40.96
N LEU C 339 31.66 13.53 -40.66
CA LEU C 339 31.99 14.54 -41.65
C LEU C 339 33.45 14.45 -42.04
N PRO C 340 33.83 15.02 -43.18
CA PRO C 340 35.25 15.07 -43.54
C PRO C 340 36.09 15.77 -42.48
N GLN C 341 37.40 15.56 -42.58
CA GLN C 341 38.32 16.09 -41.58
C GLN C 341 38.39 17.61 -41.67
N GLY C 342 38.40 18.26 -40.50
CA GLY C 342 38.56 19.68 -40.41
C GLY C 342 37.33 20.46 -39.98
N TYR C 343 36.36 19.83 -39.33
CA TYR C 343 35.13 20.49 -38.93
C TYR C 343 34.83 20.25 -37.45
N ASP C 344 35.87 19.99 -36.66
CA ASP C 344 35.72 19.82 -35.22
C ASP C 344 35.68 21.16 -34.53
N GLY C 345 34.79 21.30 -33.56
CA GLY C 345 34.69 22.52 -32.79
C GLY C 345 33.28 22.96 -32.45
N TRP C 346 32.94 24.21 -32.78
CA TRP C 346 31.65 24.76 -32.41
C TRP C 346 30.63 24.48 -33.50
N GLN C 347 29.43 24.07 -33.09
CA GLN C 347 28.35 23.77 -34.02
C GLN C 347 27.10 24.56 -33.65
N ILE C 348 26.52 25.27 -34.61
CA ILE C 348 25.34 26.07 -34.38
C ILE C 348 24.12 25.16 -34.46
N LEU C 349 23.29 25.17 -33.41
CA LEU C 349 22.11 24.31 -33.37
C LEU C 349 20.94 25.06 -34.01
N HIS C 350 20.50 24.60 -35.18
CA HIS C 350 19.47 25.31 -35.95
C HIS C 350 18.24 24.45 -36.16
N PRO C 351 17.18 24.64 -35.38
CA PRO C 351 15.95 23.87 -35.60
C PRO C 351 15.15 24.44 -36.77
N SER C 352 14.46 23.53 -37.46
CA SER C 352 13.63 23.89 -38.60
C SER C 352 12.17 23.60 -38.29
N ALA C 353 11.30 24.54 -38.64
CA ALA C 353 9.87 24.40 -38.39
C ALA C 353 9.26 23.30 -39.24
N GLY C 361 8.81 17.83 -35.99
CA GLY C 361 9.82 18.50 -36.77
C GLY C 361 11.20 17.86 -36.63
N SER C 362 12.13 18.29 -37.46
CA SER C 362 13.49 17.78 -37.46
C SER C 362 14.47 18.94 -37.29
N CYS C 363 15.41 18.78 -36.37
CA CYS C 363 16.46 19.76 -36.12
C CYS C 363 17.78 19.26 -36.70
N ASP C 364 18.81 20.10 -36.58
CA ASP C 364 20.15 19.72 -36.98
C ASP C 364 21.14 20.74 -36.42
N LEU C 365 22.43 20.44 -36.60
CA LEU C 365 23.51 21.30 -36.15
C LEU C 365 24.55 21.40 -37.25
N VAL C 366 25.12 22.57 -37.42
CA VAL C 366 26.01 22.84 -38.56
C VAL C 366 27.31 23.45 -38.07
N PRO C 367 28.46 23.06 -38.64
CA PRO C 367 29.73 23.69 -38.23
C PRO C 367 29.78 25.16 -38.63
N VAL C 368 30.52 25.93 -37.83
CA VAL C 368 30.67 27.36 -38.11
C VAL C 368 31.51 27.59 -39.36
N ARG C 369 32.62 26.85 -39.49
CA ARG C 369 33.51 27.05 -40.63
C ARG C 369 32.79 26.83 -41.95
N ALA C 370 31.82 25.91 -41.98
CA ALA C 370 31.02 25.72 -43.18
C ALA C 370 30.25 26.97 -43.54
N VAL C 371 29.70 27.66 -42.55
CA VAL C 371 28.99 28.91 -42.81
C VAL C 371 29.97 30.00 -43.24
N LYS C 372 31.17 30.02 -42.65
CA LYS C 372 32.15 31.03 -43.02
C LYS C 372 32.59 30.88 -44.47
N GLU C 373 33.02 29.68 -44.85
CA GLU C 373 33.54 29.47 -46.20
C GLU C 373 32.41 29.53 -47.23
N GLY C 374 31.31 28.83 -46.96
CA GLY C 374 30.18 28.85 -47.87
C GLY C 374 29.90 27.51 -48.52
N THR C 375 30.30 26.42 -47.86
CA THR C 375 30.07 25.09 -48.40
C THR C 375 28.61 24.68 -48.24
N LEU C 376 27.78 25.02 -49.23
CA LEU C 376 26.35 24.80 -49.15
C LEU C 376 25.95 23.33 -49.35
N GLY C 377 26.84 22.50 -49.86
CA GLY C 377 26.49 21.11 -50.13
C GLY C 377 26.87 20.16 -49.02
N LEU C 378 27.10 20.71 -47.82
CA LEU C 378 27.55 19.91 -46.68
C LEU C 378 26.42 19.54 -45.72
N THR C 379 25.38 20.38 -45.63
CA THR C 379 24.26 20.14 -44.72
C THR C 379 23.09 20.96 -45.24
N PRO C 380 21.86 20.44 -45.17
CA PRO C 380 20.72 21.18 -45.75
C PRO C 380 20.52 22.56 -45.15
N ALA C 381 20.98 22.82 -43.93
CA ALA C 381 20.74 24.09 -43.26
C ALA C 381 21.86 25.10 -43.45
N VAL C 382 22.89 24.78 -44.23
CA VAL C 382 23.98 25.73 -44.44
C VAL C 382 23.51 26.94 -45.21
N SER C 383 22.70 26.72 -46.26
CA SER C 383 22.23 27.83 -47.08
C SER C 383 21.35 28.78 -46.29
N ASP C 384 20.46 28.24 -45.45
CA ASP C 384 19.54 29.07 -44.69
C ASP C 384 20.29 29.98 -43.72
N LEU C 385 21.30 29.45 -43.04
CA LEU C 385 22.07 30.27 -42.11
C LEU C 385 23.02 31.22 -42.84
N PHE C 386 23.54 30.80 -43.99
CA PHE C 386 24.40 31.69 -44.77
C PHE C 386 23.61 32.90 -45.27
N ALA C 387 22.37 32.68 -45.72
CA ALA C 387 21.57 33.79 -46.22
C ALA C 387 21.22 34.78 -45.12
N ALA C 388 21.13 34.32 -43.88
CA ALA C 388 20.69 35.15 -42.78
C ALA C 388 21.79 36.07 -42.25
N ILE C 389 23.05 35.89 -42.65
CA ILE C 389 24.14 36.69 -42.14
C ILE C 389 24.62 37.74 -43.15
N ASN C 390 24.48 37.50 -44.45
CA ASN C 390 24.89 38.47 -45.47
C ASN C 390 23.86 38.47 -46.60
N ALA C 391 22.88 39.37 -46.49
CA ALA C 391 21.85 39.53 -47.50
C ALA C 391 21.60 41.01 -47.70
N SER C 392 20.99 41.35 -48.85
CA SER C 392 20.70 42.71 -49.22
C SER C 392 19.19 42.90 -49.32
N CYS C 393 18.72 44.08 -48.91
CA CYS C 393 17.30 44.39 -48.90
C CYS C 393 17.00 45.51 -49.89
N VAL C 394 15.79 45.44 -50.47
CA VAL C 394 15.30 46.45 -51.40
C VAL C 394 13.95 46.95 -50.90
N VAL C 395 13.72 48.25 -51.04
CA VAL C 395 12.51 48.89 -50.51
C VAL C 395 11.64 49.34 -51.68
N TRP C 396 10.36 49.01 -51.61
CA TRP C 396 9.38 49.43 -52.60
C TRP C 396 8.46 50.48 -51.99
N LYS C 397 8.21 51.56 -52.73
CA LYS C 397 7.41 52.67 -52.25
C LYS C 397 6.00 52.55 -52.83
N CYS C 398 5.03 52.29 -51.98
CA CYS C 398 3.64 52.23 -52.42
C CYS C 398 3.12 53.63 -52.75
N CYS C 399 2.01 53.67 -53.48
CA CYS C 399 1.40 54.92 -53.89
C CYS C 399 -0.11 54.78 -53.79
N GLU C 400 -0.81 55.92 -53.90
CA GLU C 400 -2.26 55.91 -53.87
C GLU C 400 -2.84 55.16 -55.07
N ASP C 401 -2.17 55.26 -56.22
CA ASP C 401 -2.63 54.51 -57.40
C ASP C 401 -2.52 53.01 -57.17
N GLY C 402 -1.47 52.57 -56.48
CA GLY C 402 -1.25 51.16 -56.20
C GLY C 402 -0.04 50.57 -56.87
N THR C 403 0.62 51.31 -57.77
CA THR C 403 1.79 50.79 -58.46
C THR C 403 3.02 50.90 -57.56
N LEU C 404 3.77 49.81 -57.43
CA LEU C 404 4.98 49.81 -56.63
C LEU C 404 6.15 50.35 -57.46
N GLU C 405 6.93 51.25 -56.85
CA GLU C 405 8.05 51.88 -57.52
C GLU C 405 9.31 51.71 -56.68
N LEU C 406 10.39 51.30 -57.33
CA LEU C 406 11.67 51.16 -56.65
C LEU C 406 12.22 52.53 -56.28
N THR C 407 13.01 52.57 -55.20
CA THR C 407 13.61 53.80 -54.71
C THR C 407 15.08 53.58 -54.41
N ASP C 408 15.85 54.67 -54.50
CA ASP C 408 17.27 54.64 -54.15
C ASP C 408 17.39 54.83 -52.65
N SER C 409 17.87 53.79 -51.95
CA SER C 409 17.93 53.78 -50.50
C SER C 409 19.38 53.61 -50.03
N ASN C 410 19.66 54.17 -48.87
CA ASN C 410 20.97 53.99 -48.26
C ASN C 410 21.12 52.55 -47.77
N THR C 411 22.29 51.97 -48.04
CA THR C 411 22.52 50.57 -47.70
C THR C 411 22.49 50.37 -46.19
N LYS C 412 21.80 49.31 -45.75
CA LYS C 412 21.76 48.92 -44.35
C LYS C 412 22.48 47.60 -44.18
N TYR C 413 23.15 47.45 -43.04
CA TYR C 413 23.97 46.28 -42.78
C TYR C 413 23.14 45.18 -42.13
N VAL C 414 23.37 43.94 -42.58
CA VAL C 414 22.62 42.78 -42.12
C VAL C 414 23.59 41.81 -41.47
N GLY C 415 23.26 41.36 -40.26
CA GLY C 415 24.06 40.38 -39.56
C GLY C 415 25.44 40.88 -39.18
N ASN C 416 25.48 41.84 -38.27
CA ASN C 416 26.74 42.44 -37.83
C ASN C 416 26.79 42.49 -36.32
N ASN C 417 28.02 42.55 -35.80
CA ASN C 417 28.28 42.71 -34.37
C ASN C 417 27.71 41.54 -33.56
N ILE C 418 28.04 40.33 -34.00
CA ILE C 418 27.69 39.14 -33.22
C ILE C 418 28.53 39.11 -31.95
N SER C 419 27.86 38.99 -30.80
CA SER C 419 28.53 39.11 -29.52
C SER C 419 28.06 38.01 -28.58
N THR C 420 28.92 37.68 -27.62
CA THR C 420 28.61 36.69 -26.60
C THR C 420 29.35 37.06 -25.32
N LYS C 421 29.19 36.22 -24.30
CA LYS C 421 29.79 36.50 -23.00
C LYS C 421 31.26 36.11 -23.01
N GLY C 422 32.10 36.96 -22.43
CA GLY C 422 33.51 36.67 -22.32
C GLY C 422 33.80 35.60 -21.30
N VAL C 423 34.93 34.93 -21.49
CA VAL C 423 35.34 33.83 -20.61
C VAL C 423 36.12 34.40 -19.43
N GLY C 424 35.72 34.02 -18.22
CA GLY C 424 36.42 34.42 -17.02
C GLY C 424 36.10 35.81 -16.51
N SER C 425 35.21 36.54 -17.17
CA SER C 425 34.89 37.90 -16.76
C SER C 425 33.42 38.17 -17.09
N ASP C 426 33.02 39.43 -17.00
CA ASP C 426 31.65 39.86 -17.26
C ASP C 426 31.58 40.85 -18.41
N ARG C 427 32.55 40.81 -19.32
CA ARG C 427 32.61 41.71 -20.47
C ARG C 427 32.24 40.96 -21.74
N CYS C 428 31.49 41.64 -22.61
CA CYS C 428 31.09 41.04 -23.87
C CYS C 428 32.26 40.96 -24.84
N GLU C 429 32.31 39.90 -25.62
CA GLU C 429 33.28 39.75 -26.68
C GLU C 429 32.56 39.50 -28.00
N ASP C 430 33.03 40.15 -29.06
CA ASP C 430 32.44 39.99 -30.38
C ASP C 430 33.20 38.92 -31.17
N ILE C 431 32.46 37.97 -31.72
CA ILE C 431 33.05 36.85 -32.45
C ILE C 431 32.56 36.87 -33.88
N THR C 432 32.27 38.06 -34.41
CA THR C 432 31.82 38.19 -35.78
C THR C 432 32.89 37.80 -36.79
N GLN C 433 34.14 37.70 -36.36
CA GLN C 433 35.23 37.27 -37.23
C GLN C 433 35.21 35.78 -37.51
N ASN C 434 34.50 34.99 -36.71
CA ASN C 434 34.39 33.57 -36.96
C ASN C 434 33.25 33.21 -37.91
N TYR C 435 32.50 34.20 -38.39
CA TYR C 435 31.36 33.97 -39.26
C TYR C 435 31.48 34.63 -40.62
N LYS C 436 32.15 35.78 -40.71
CA LYS C 436 32.27 36.51 -41.97
C LYS C 436 33.69 36.97 -42.15
N TYR C 437 34.08 37.14 -43.42
CA TYR C 437 35.35 37.76 -43.75
C TYR C 437 35.24 39.27 -43.62
N PRO C 438 36.36 39.97 -43.39
CA PRO C 438 36.30 41.42 -43.27
C PRO C 438 35.74 42.06 -44.53
N GLU C 439 34.93 43.10 -44.34
CA GLU C 439 34.29 43.78 -45.45
C GLU C 439 35.32 44.49 -46.32
N GLY C 440 35.06 44.50 -47.62
CA GLY C 440 36.00 45.09 -48.57
C GLY C 440 37.29 44.32 -48.71
N SER C 441 37.22 43.00 -48.70
CA SER C 441 38.39 42.14 -48.88
C SER C 441 38.20 41.26 -50.12
N LEU C 442 39.28 40.60 -50.53
CA LEU C 442 39.22 39.72 -51.68
C LEU C 442 38.52 38.41 -51.35
N GLN C 443 38.75 37.88 -50.15
CA GLN C 443 38.16 36.60 -49.78
C GLN C 443 36.63 36.69 -49.71
N GLU C 444 36.11 37.76 -49.11
CA GLU C 444 34.67 37.89 -48.97
C GLU C 444 33.98 38.03 -50.33
N LYS C 445 34.55 38.84 -51.23
CA LYS C 445 33.95 39.00 -52.54
C LYS C 445 34.08 37.73 -53.37
N GLU C 446 35.19 37.00 -53.22
CA GLU C 446 35.32 35.71 -53.88
C GLU C 446 34.26 34.73 -53.40
N VAL C 447 34.02 34.69 -52.08
CA VAL C 447 33.00 33.79 -51.54
C VAL C 447 31.63 34.17 -52.07
N LEU C 448 31.31 35.47 -52.06
CA LEU C 448 30.01 35.92 -52.56
C LEU C 448 29.82 35.58 -54.03
N GLU C 449 30.84 35.81 -54.86
CA GLU C 449 30.69 35.52 -56.28
C GLU C 449 30.61 34.02 -56.53
N ARG C 450 31.33 33.22 -55.75
CA ARG C 450 31.22 31.76 -55.89
C ARG C 450 29.82 31.28 -55.53
N VAL C 451 29.27 31.79 -54.43
CA VAL C 451 27.93 31.39 -54.03
C VAL C 451 26.90 31.83 -55.07
N GLU C 452 27.05 33.05 -55.60
CA GLU C 452 26.12 33.51 -56.63
C GLU C 452 26.21 32.65 -57.88
N LYS C 453 27.42 32.29 -58.30
CA LYS C 453 27.58 31.44 -59.47
C LYS C 453 26.95 30.07 -59.25
N GLU C 454 27.17 29.49 -58.06
CA GLU C 454 26.58 28.18 -57.76
C GLU C 454 25.05 28.26 -57.73
N LYS C 455 24.51 29.34 -57.16
CA LYS C 455 23.06 29.49 -57.10
C LYS C 455 22.46 29.75 -58.48
N MET C 456 23.24 30.34 -59.39
CA MET C 456 22.72 30.62 -60.73
C MET C 456 22.38 29.35 -61.50
N GLU C 457 23.02 28.22 -61.16
CA GLU C 457 22.71 26.97 -61.84
C GLU C 457 21.27 26.54 -61.58
N ARG C 458 20.79 26.71 -60.35
CA ARG C 458 19.41 26.39 -60.01
C ARG C 458 18.55 27.64 -59.98
N SER C 473 19.50 59.99 -59.93
CA SER C 473 19.56 60.49 -58.55
C SER C 473 20.32 61.81 -58.47
N PRO C 474 19.68 62.90 -58.90
CA PRO C 474 20.35 64.21 -58.83
C PRO C 474 20.67 64.65 -57.41
N LEU C 475 19.89 64.20 -56.43
CA LEU C 475 20.08 64.59 -55.04
C LEU C 475 20.17 63.36 -54.16
N TYR C 476 20.79 63.54 -52.99
CA TYR C 476 20.88 62.49 -51.99
C TYR C 476 20.74 63.11 -50.61
N LEU C 477 20.47 62.25 -49.63
CA LEU C 477 20.29 62.69 -48.26
C LEU C 477 21.04 61.74 -47.33
N LEU C 478 21.36 62.23 -46.14
CA LEU C 478 21.81 61.35 -45.07
C LEU C 478 21.31 61.86 -43.73
N LEU C 479 21.10 60.92 -42.81
CA LEU C 479 20.42 61.14 -41.55
C LEU C 479 21.33 60.80 -40.38
N LYS C 480 21.47 61.74 -39.44
CA LYS C 480 22.20 61.52 -38.20
C LYS C 480 21.19 61.49 -37.06
N ALA C 481 21.16 60.39 -36.33
CA ALA C 481 20.23 60.20 -35.21
C ALA C 481 20.99 59.60 -34.05
N PRO C 482 20.55 59.87 -32.82
CA PRO C 482 21.22 59.29 -31.66
C PRO C 482 21.01 57.78 -31.59
N SER C 483 21.96 57.10 -30.94
CA SER C 483 21.89 55.66 -30.79
C SER C 483 20.89 55.21 -29.73
N SER C 484 20.42 56.13 -28.88
CA SER C 484 19.45 55.79 -27.85
C SER C 484 18.63 57.02 -27.51
N LEU C 485 17.45 56.79 -26.95
CA LEU C 485 16.52 57.85 -26.57
C LEU C 485 16.18 57.72 -25.10
N PRO C 486 16.46 58.74 -24.27
CA PRO C 486 16.07 58.66 -22.87
C PRO C 486 14.56 58.55 -22.71
N LEU C 487 14.14 57.74 -21.74
CA LEU C 487 12.71 57.55 -21.51
C LEU C 487 12.07 58.85 -21.05
N ARG C 488 10.94 59.19 -21.67
CA ARG C 488 10.22 60.43 -21.37
C ARG C 488 11.12 61.65 -21.53
N GLY C 489 12.01 61.59 -22.53
CA GLY C 489 12.94 62.67 -22.76
C GLY C 489 12.86 63.24 -24.16
N ASP C 490 14.00 63.71 -24.68
CA ASP C 490 14.03 64.32 -26.00
C ASP C 490 15.41 64.15 -26.62
N ALA C 491 15.47 64.27 -27.93
CA ALA C 491 16.75 64.19 -28.65
C ALA C 491 16.63 64.87 -29.99
N GLN C 492 17.75 65.36 -30.50
CA GLN C 492 17.78 66.05 -31.79
C GLN C 492 18.24 65.09 -32.87
N ILE C 493 17.66 65.24 -34.07
CA ILE C 493 18.07 64.47 -35.23
C ILE C 493 18.30 65.45 -36.38
N SER C 494 19.15 65.05 -37.33
CA SER C 494 19.51 65.92 -38.44
C SER C 494 19.37 65.16 -39.75
N VAL C 495 18.83 65.84 -40.76
CA VAL C 495 18.75 65.31 -42.12
C VAL C 495 19.40 66.33 -43.05
N THR C 496 20.38 65.90 -43.83
CA THR C 496 21.02 66.80 -44.77
C THR C 496 20.80 66.31 -46.19
N LEU C 497 20.58 67.27 -47.09
CA LEU C 497 20.30 67.03 -48.50
C LEU C 497 21.33 67.76 -49.35
N VAL C 498 21.86 67.06 -50.35
CA VAL C 498 22.79 67.64 -51.31
C VAL C 498 22.29 67.30 -52.70
N ASN C 499 22.12 68.31 -53.55
CA ASN C 499 21.63 68.12 -54.90
C ASN C 499 22.74 68.42 -55.91
N HIS C 500 22.61 67.80 -57.09
CA HIS C 500 23.58 67.97 -58.18
C HIS C 500 22.80 68.23 -59.46
N SER C 501 22.52 69.50 -59.73
CA SER C 501 21.84 69.89 -60.96
C SER C 501 22.11 71.36 -61.21
N GLU C 502 21.90 71.77 -62.47
CA GLU C 502 22.10 73.17 -62.83
C GLU C 502 20.98 74.07 -62.34
N GLN C 503 19.74 73.55 -62.32
CA GLN C 503 18.58 74.33 -61.95
C GLN C 503 18.09 73.94 -60.55
N GLU C 504 17.33 74.84 -59.94
CA GLU C 504 16.77 74.59 -58.62
C GLU C 504 15.65 73.55 -58.70
N LYS C 505 15.29 73.02 -57.54
CA LYS C 505 14.23 72.01 -57.47
C LYS C 505 13.59 72.02 -56.10
N ALA C 506 12.29 71.72 -56.06
CA ALA C 506 11.54 71.61 -54.83
C ALA C 506 11.35 70.15 -54.46
N VAL C 507 11.43 69.85 -53.16
CA VAL C 507 11.34 68.48 -52.67
C VAL C 507 10.34 68.40 -51.54
N GLN C 508 9.76 67.20 -51.38
CA GLN C 508 8.82 66.87 -50.33
C GLN C 508 9.54 65.96 -49.34
N LEU C 509 9.69 66.42 -48.10
CA LEU C 509 10.41 65.66 -47.08
C LEU C 509 9.43 65.15 -46.04
N ALA C 510 9.44 63.84 -45.81
CA ALA C 510 8.56 63.21 -44.83
C ALA C 510 9.39 62.39 -43.85
N ILE C 511 9.03 62.49 -42.57
CA ILE C 511 9.73 61.79 -41.49
C ILE C 511 8.71 61.08 -40.63
N GLY C 512 8.97 59.81 -40.34
CA GLY C 512 8.07 59.02 -39.52
C GLY C 512 8.80 58.28 -38.43
N VAL C 513 8.15 58.15 -37.28
CA VAL C 513 8.68 57.42 -36.14
C VAL C 513 7.62 56.43 -35.71
N GLN C 514 7.99 55.15 -35.64
CA GLN C 514 6.99 54.14 -35.30
C GLN C 514 7.64 52.99 -34.57
N ALA C 515 6.89 52.37 -33.66
CA ALA C 515 7.42 51.31 -32.83
C ALA C 515 7.44 49.98 -33.58
N VAL C 516 8.31 49.08 -33.13
CA VAL C 516 8.41 47.75 -33.70
C VAL C 516 8.93 46.80 -32.63
N HIS C 517 8.50 45.54 -32.70
CA HIS C 517 8.96 44.52 -31.79
C HIS C 517 10.36 44.07 -32.20
N TYR C 518 10.89 43.04 -31.52
CA TYR C 518 12.23 42.56 -31.80
C TYR C 518 12.31 41.70 -33.06
N ASN C 519 11.17 41.26 -33.59
CA ASN C 519 11.14 40.38 -34.75
C ASN C 519 10.46 41.05 -35.94
N GLY C 520 10.43 42.37 -35.99
CA GLY C 520 9.88 43.10 -37.10
C GLY C 520 8.36 43.23 -37.11
N VAL C 521 7.68 42.73 -36.08
CA VAL C 521 6.23 42.82 -36.03
C VAL C 521 5.83 44.23 -35.62
N LEU C 522 4.92 44.83 -36.39
CA LEU C 522 4.52 46.21 -36.14
C LEU C 522 3.82 46.33 -34.79
N ALA C 523 4.02 47.47 -34.13
CA ALA C 523 3.44 47.71 -32.82
C ALA C 523 2.45 48.87 -32.82
N ALA C 524 2.86 50.06 -33.26
CA ALA C 524 1.98 51.22 -33.23
C ALA C 524 2.59 52.33 -34.08
N LYS C 525 1.74 53.30 -34.45
CA LYS C 525 2.17 54.51 -35.13
C LYS C 525 2.34 55.62 -34.11
N LEU C 526 3.47 56.32 -34.17
CA LEU C 526 3.82 57.27 -33.12
C LEU C 526 3.92 58.70 -33.61
N TRP C 527 4.58 58.95 -34.74
CA TRP C 527 4.82 60.33 -35.16
C TRP C 527 5.00 60.40 -36.67
N ARG C 528 4.49 61.48 -37.26
CA ARG C 528 4.64 61.74 -38.68
C ARG C 528 4.77 63.24 -38.91
N LYS C 529 5.55 63.61 -39.91
CA LYS C 529 5.75 65.03 -40.22
C LYS C 529 6.11 65.19 -41.68
N LYS C 530 5.48 66.15 -42.36
CA LYS C 530 5.71 66.42 -43.77
C LYS C 530 6.01 67.90 -43.96
N LEU C 531 6.94 68.20 -44.85
CA LEU C 531 7.31 69.60 -45.09
C LEU C 531 7.91 69.74 -46.48
N HIS C 532 8.11 70.99 -46.88
CA HIS C 532 8.52 71.37 -48.22
C HIS C 532 9.89 72.03 -48.17
N LEU C 533 10.77 71.66 -49.09
CA LEU C 533 12.07 72.31 -49.19
C LEU C 533 12.33 72.73 -50.62
N THR C 534 13.24 73.69 -50.79
CA THR C 534 13.63 74.19 -52.11
C THR C 534 15.14 74.37 -52.14
N LEU C 535 15.81 73.62 -53.01
CA LEU C 535 17.26 73.66 -53.12
C LEU C 535 17.66 74.31 -54.44
N SER C 536 18.74 75.08 -54.43
CA SER C 536 19.14 75.85 -55.60
C SER C 536 20.65 75.92 -55.70
N ALA C 537 21.14 75.81 -56.94
CA ALA C 537 22.53 76.10 -57.30
C ALA C 537 23.52 75.21 -56.54
N ASN C 538 23.14 73.95 -56.33
CA ASN C 538 24.03 72.94 -55.75
C ASN C 538 24.52 73.35 -54.36
N LEU C 539 23.57 73.68 -53.49
CA LEU C 539 23.85 74.02 -52.10
C LEU C 539 23.31 72.94 -51.19
N GLU C 540 24.15 72.44 -50.30
CA GLU C 540 23.71 71.49 -49.28
C GLU C 540 22.84 72.21 -48.25
N LYS C 541 21.90 71.48 -47.66
CA LYS C 541 21.02 72.05 -46.65
C LYS C 541 20.80 71.04 -45.53
N ILE C 542 20.91 71.50 -44.29
CA ILE C 542 20.73 70.67 -43.11
C ILE C 542 19.47 71.11 -42.37
N ILE C 543 18.67 70.15 -41.94
CA ILE C 543 17.46 70.40 -41.17
C ILE C 543 17.56 69.57 -39.89
N THR C 544 17.62 70.25 -38.75
CA THR C 544 17.70 69.61 -37.45
C THR C 544 16.37 69.80 -36.73
N ILE C 545 15.76 68.69 -36.33
CA ILE C 545 14.47 68.72 -35.66
C ILE C 545 14.53 67.91 -34.38
N GLY C 546 13.67 68.29 -33.43
CA GLY C 546 13.61 67.60 -32.17
C GLY C 546 12.62 66.45 -32.17
N LEU C 547 12.84 65.52 -31.25
CA LEU C 547 11.99 64.36 -31.04
C LEU C 547 11.70 64.26 -29.56
N PHE C 548 10.42 64.26 -29.20
CA PHE C 548 9.97 64.32 -27.82
C PHE C 548 9.00 63.18 -27.55
N PHE C 549 8.90 62.80 -26.27
CA PHE C 549 7.85 61.88 -25.85
C PHE C 549 6.52 62.56 -25.61
N SER C 550 6.49 63.90 -25.58
CA SER C 550 5.25 64.63 -25.38
C SER C 550 4.45 64.81 -26.67
N ASN C 551 5.02 64.48 -27.82
CA ASN C 551 4.36 64.65 -29.10
C ASN C 551 3.83 63.35 -29.68
N PHE C 552 4.06 62.22 -29.00
CA PHE C 552 3.59 60.94 -29.50
C PHE C 552 2.08 60.81 -29.36
N GLU C 553 1.46 60.11 -30.31
CA GLU C 553 0.02 59.91 -30.27
C GLU C 553 -0.39 59.05 -29.09
N ARG C 554 0.43 58.07 -28.72
CA ARG C 554 0.13 57.19 -27.59
C ARG C 554 1.45 56.80 -26.94
N ASN C 555 1.37 55.86 -26.00
CA ASN C 555 2.54 55.37 -25.29
C ASN C 555 3.07 54.11 -25.95
N PRO C 556 4.36 54.06 -26.32
CA PRO C 556 4.88 52.85 -26.93
C PRO C 556 4.84 51.69 -25.95
N PRO C 557 4.71 50.46 -26.45
CA PRO C 557 4.62 49.31 -25.55
C PRO C 557 5.88 49.07 -24.74
N GLU C 558 5.86 48.05 -23.89
CA GLU C 558 6.92 47.84 -22.92
C GLU C 558 8.26 47.55 -23.60
N ASN C 559 8.33 46.45 -24.34
CA ASN C 559 9.58 46.00 -24.97
C ASN C 559 9.47 46.21 -26.47
N THR C 560 9.79 47.43 -26.91
CA THR C 560 9.78 47.79 -28.33
C THR C 560 10.93 48.72 -28.63
N PHE C 561 11.25 48.84 -29.92
CA PHE C 561 12.28 49.75 -30.39
C PHE C 561 11.69 50.67 -31.44
N LEU C 562 12.18 51.91 -31.48
CA LEU C 562 11.66 52.90 -32.42
C LEU C 562 12.37 52.77 -33.75
N ARG C 563 11.62 53.00 -34.83
CA ARG C 563 12.16 53.03 -36.18
C ARG C 563 11.89 54.40 -36.77
N LEU C 564 12.96 55.04 -37.29
CA LEU C 564 12.91 56.36 -37.87
C LEU C 564 13.12 56.26 -39.36
N THR C 565 12.16 56.73 -40.15
CA THR C 565 12.23 56.68 -41.60
C THR C 565 12.15 58.08 -42.17
N ALA C 566 12.96 58.35 -43.19
CA ALA C 566 12.98 59.63 -43.87
C ALA C 566 12.90 59.40 -45.38
N MET C 567 11.97 60.10 -46.03
CA MET C 567 11.76 59.96 -47.47
C MET C 567 11.72 61.34 -48.11
N ALA C 568 12.54 61.54 -49.12
CA ALA C 568 12.56 62.78 -49.91
C ALA C 568 12.10 62.47 -51.32
N THR C 569 11.03 63.13 -51.75
CA THR C 569 10.44 62.93 -53.06
C THR C 569 10.70 64.16 -53.93
N HIS C 570 11.21 63.93 -55.13
CA HIS C 570 11.45 65.02 -56.07
C HIS C 570 10.16 65.43 -56.75
N SER C 571 9.99 66.73 -56.97
CA SER C 571 8.76 67.24 -57.57
C SER C 571 8.66 66.93 -59.05
N GLU C 572 9.77 67.08 -59.79
CA GLU C 572 9.72 66.92 -61.23
C GLU C 572 9.71 65.45 -61.63
N SER C 573 10.62 64.65 -61.06
CA SER C 573 10.74 63.25 -61.41
C SER C 573 9.89 62.41 -60.47
N ASN C 574 10.03 61.08 -60.57
CA ASN C 574 9.31 60.16 -59.71
C ASN C 574 10.19 59.43 -58.70
N LEU C 575 11.48 59.29 -58.99
CA LEU C 575 12.37 58.60 -58.08
C LEU C 575 12.53 59.39 -56.78
N SER C 576 12.61 58.68 -55.66
CA SER C 576 12.70 59.29 -54.35
C SER C 576 13.78 58.60 -53.53
N CYS C 577 14.34 59.33 -52.59
CA CYS C 577 15.39 58.81 -51.72
C CYS C 577 14.81 58.43 -50.36
N PHE C 578 15.37 57.37 -49.77
CA PHE C 578 14.84 56.77 -48.57
C PHE C 578 15.98 56.46 -47.61
N ALA C 579 15.69 56.53 -46.31
CA ALA C 579 16.65 56.16 -45.29
C ALA C 579 15.91 55.73 -44.03
N GLN C 580 16.56 54.89 -43.23
CA GLN C 580 15.94 54.37 -42.02
C GLN C 580 17.00 54.07 -40.97
N GLU C 581 16.59 54.21 -39.71
CA GLU C 581 17.46 53.93 -38.57
C GLU C 581 16.63 53.31 -37.46
N ASP C 582 17.32 52.60 -36.56
CA ASP C 582 16.71 51.96 -35.40
C ASP C 582 17.24 52.61 -34.13
N ILE C 583 16.34 52.91 -33.20
CA ILE C 583 16.68 53.57 -31.94
C ILE C 583 16.11 52.73 -30.79
N ALA C 584 16.87 52.64 -29.71
CA ALA C 584 16.44 51.95 -28.51
C ALA C 584 16.19 52.96 -27.40
N ILE C 585 15.32 52.58 -26.46
CA ILE C 585 14.94 53.44 -25.34
C ILE C 585 15.76 53.03 -24.13
N CYS C 586 16.49 53.99 -23.55
CA CYS C 586 17.32 53.74 -22.39
C CYS C 586 16.63 54.25 -21.13
N ARG C 587 16.77 53.48 -20.06
CA ARG C 587 16.10 53.73 -18.79
C ARG C 587 17.11 54.17 -17.73
N PRO C 588 16.65 54.84 -16.67
CA PRO C 588 17.60 55.41 -15.70
C PRO C 588 18.48 54.35 -15.06
N HIS C 589 19.72 54.74 -14.78
CA HIS C 589 20.72 53.81 -14.26
C HIS C 589 20.46 53.52 -12.78
N LEU C 590 20.69 52.26 -12.40
CA LEU C 590 20.50 51.80 -11.03
C LEU C 590 21.86 51.36 -10.47
N ALA C 591 22.38 52.14 -9.53
CA ALA C 591 23.73 51.93 -9.03
C ALA C 591 23.73 51.04 -7.79
N ILE C 592 24.69 50.13 -7.72
CA ILE C 592 24.85 49.22 -6.59
C ILE C 592 26.25 49.40 -6.02
N LYS C 593 26.34 49.54 -4.70
CA LYS C 593 27.61 49.68 -4.00
C LYS C 593 27.77 48.54 -3.01
N MET C 594 28.94 47.89 -3.06
CA MET C 594 29.26 46.73 -2.23
C MET C 594 30.76 46.44 -2.27
N PRO C 595 31.37 46.03 -1.16
CA PRO C 595 32.78 45.62 -1.19
C PRO C 595 32.98 44.43 -2.11
N GLU C 596 34.17 44.39 -2.72
CA GLU C 596 34.49 43.33 -3.68
C GLU C 596 34.66 41.97 -3.01
N LYS C 597 35.18 41.94 -1.79
CA LYS C 597 35.42 40.70 -1.06
C LYS C 597 34.64 40.69 0.23
N ALA C 598 34.19 39.48 0.62
CA ALA C 598 33.45 39.30 1.86
C ALA C 598 33.86 37.98 2.50
N GLU C 599 33.64 37.89 3.80
CA GLU C 599 33.96 36.70 4.56
C GLU C 599 32.70 35.90 4.87
N GLN C 600 32.86 34.57 4.91
CA GLN C 600 31.72 33.69 5.14
C GLN C 600 31.15 33.85 6.54
N TYR C 601 29.83 33.68 6.64
CA TYR C 601 29.11 33.74 7.91
C TYR C 601 29.31 35.06 8.63
N GLN C 602 29.41 36.14 7.87
CA GLN C 602 29.53 37.47 8.43
C GLN C 602 28.60 38.42 7.69
N PRO C 603 28.04 39.42 8.38
CA PRO C 603 27.09 40.32 7.73
C PRO C 603 27.73 41.13 6.61
N LEU C 604 26.93 41.38 5.58
CA LEU C 604 27.35 42.15 4.41
C LEU C 604 26.25 43.15 4.07
N THR C 605 26.66 44.36 3.68
CA THR C 605 25.75 45.46 3.41
C THR C 605 25.86 45.89 1.95
N ALA C 606 24.71 46.17 1.35
CA ALA C 606 24.61 46.64 -0.02
C ALA C 606 23.85 47.96 -0.07
N SER C 607 24.31 48.87 -0.92
CA SER C 607 23.67 50.16 -1.11
C SER C 607 23.10 50.26 -2.52
N VAL C 608 21.88 50.78 -2.62
CA VAL C 608 21.17 50.90 -3.88
C VAL C 608 20.82 52.37 -4.11
N SER C 609 21.15 52.88 -5.30
CA SER C 609 20.90 54.28 -5.63
C SER C 609 20.18 54.38 -6.96
N LEU C 610 19.23 55.30 -7.04
CA LEU C 610 18.48 55.56 -8.27
C LEU C 610 18.15 57.05 -8.33
N GLN C 611 18.10 57.59 -9.53
CA GLN C 611 17.80 59.00 -9.75
C GLN C 611 16.58 59.12 -10.66
N ASN C 612 15.69 60.04 -10.33
CA ASN C 612 14.47 60.26 -11.11
C ASN C 612 14.75 61.31 -12.17
N SER C 613 15.04 60.85 -13.38
CA SER C 613 15.24 61.72 -14.52
C SER C 613 13.97 61.93 -15.35
N LEU C 614 12.86 61.32 -14.96
CA LEU C 614 11.62 61.43 -15.71
C LEU C 614 10.95 62.77 -15.42
N ASP C 615 9.74 62.96 -15.94
CA ASP C 615 8.99 64.19 -15.73
C ASP C 615 7.82 64.04 -14.76
N ALA C 616 7.52 62.81 -14.31
CA ALA C 616 6.45 62.56 -13.37
C ALA C 616 6.96 61.71 -12.23
N PRO C 617 6.41 61.88 -11.03
CA PRO C 617 6.88 61.09 -9.89
C PRO C 617 6.49 59.62 -9.99
N MET C 618 7.27 58.78 -9.33
CA MET C 618 7.00 57.35 -9.28
C MET C 618 6.14 57.01 -8.06
N GLU C 619 5.26 56.03 -8.23
CA GLU C 619 4.42 55.56 -7.14
C GLU C 619 4.38 54.04 -7.15
N ASP C 620 4.08 53.47 -5.99
CA ASP C 620 4.08 52.02 -5.79
C ASP C 620 5.44 51.42 -6.14
N CYS C 621 6.51 52.12 -5.77
CA CYS C 621 7.85 51.64 -6.07
C CYS C 621 8.15 50.41 -5.23
N VAL C 622 8.38 49.28 -5.89
CA VAL C 622 8.67 48.02 -5.23
C VAL C 622 9.98 47.48 -5.79
N ILE C 623 10.92 47.14 -4.92
CA ILE C 623 12.20 46.61 -5.36
C ILE C 623 12.44 45.25 -4.71
N SER C 624 12.97 44.32 -5.50
CA SER C 624 13.22 42.97 -5.05
C SER C 624 14.70 42.64 -5.25
N ILE C 625 15.23 41.83 -4.34
CA ILE C 625 16.60 41.35 -4.40
C ILE C 625 16.59 39.83 -4.38
N LEU C 626 17.50 39.23 -5.13
CA LEU C 626 17.69 37.78 -5.08
C LEU C 626 19.10 37.46 -5.54
N GLY C 627 19.43 36.17 -5.51
CA GLY C 627 20.75 35.71 -5.88
C GLY C 627 21.02 34.31 -5.38
N ARG C 628 21.66 33.49 -6.20
CA ARG C 628 21.92 32.11 -5.83
C ARG C 628 23.18 32.03 -4.96
N GLY C 629 23.04 31.43 -3.78
CA GLY C 629 24.14 31.32 -2.84
C GLY C 629 24.24 32.43 -1.83
N LEU C 630 23.44 33.50 -1.97
CA LEU C 630 23.44 34.62 -1.03
C LEU C 630 22.13 34.75 -0.28
N ILE C 631 21.00 34.54 -0.93
CA ILE C 631 19.68 34.64 -0.31
C ILE C 631 18.91 33.38 -0.65
N HIS C 632 17.97 33.01 0.22
CA HIS C 632 17.20 31.79 0.01
C HIS C 632 16.32 31.92 -1.24
N ARG C 633 15.39 32.87 -1.23
CA ARG C 633 14.61 33.20 -2.41
C ARG C 633 14.56 34.72 -2.52
N GLU C 634 13.75 35.22 -3.45
CA GLU C 634 13.65 36.66 -3.64
C GLU C 634 12.96 37.31 -2.44
N ARG C 635 13.33 38.57 -2.19
CA ARG C 635 12.71 39.37 -1.16
C ARG C 635 12.30 40.71 -1.74
N SER C 636 11.11 41.17 -1.36
CA SER C 636 10.53 42.39 -1.94
C SER C 636 10.33 43.44 -0.84
N TYR C 637 10.48 44.70 -1.23
CA TYR C 637 10.32 45.81 -0.30
C TYR C 637 9.62 46.96 -1.02
N ARG C 638 8.94 47.79 -0.24
CA ARG C 638 8.22 48.95 -0.72
C ARG C 638 9.02 50.21 -0.40
N PHE C 639 8.53 51.35 -0.93
CA PHE C 639 9.10 52.69 -0.81
C PHE C 639 8.01 53.73 -0.97
N ARG C 640 8.41 54.97 -0.70
CA ARG C 640 7.62 56.17 -0.82
C ARG C 640 7.77 56.76 -2.22
N SER C 641 6.89 57.71 -2.55
CA SER C 641 6.95 58.36 -3.84
C SER C 641 8.26 59.15 -3.97
N VAL C 642 8.82 59.15 -5.17
CA VAL C 642 10.06 59.85 -5.47
C VAL C 642 9.76 60.98 -6.43
N TRP C 643 10.16 62.19 -6.07
CA TRP C 643 9.91 63.37 -6.89
C TRP C 643 10.98 63.51 -7.98
N PRO C 644 10.67 64.23 -9.06
CA PRO C 644 11.64 64.35 -10.16
C PRO C 644 12.94 65.03 -9.78
N GLU C 645 12.99 65.77 -8.68
CA GLU C 645 14.21 66.46 -8.27
C GLU C 645 15.14 65.57 -7.45
N ASN C 646 14.62 64.99 -6.37
CA ASN C 646 15.45 64.24 -5.43
C ASN C 646 15.73 62.84 -5.96
N THR C 647 16.53 62.09 -5.22
CA THR C 647 16.94 60.75 -5.59
C THR C 647 16.44 59.75 -4.54
N MET C 648 16.61 58.47 -4.86
CA MET C 648 16.26 57.37 -3.97
C MET C 648 17.50 56.58 -3.59
N CYS C 649 17.63 56.28 -2.29
CA CYS C 649 18.77 55.53 -1.78
C CYS C 649 18.30 54.56 -0.71
N ALA C 650 18.85 53.35 -0.72
CA ALA C 650 18.41 52.29 0.18
C ALA C 650 19.59 51.44 0.60
N LYS C 651 19.43 50.73 1.71
CA LYS C 651 20.46 49.86 2.26
C LYS C 651 19.87 48.50 2.62
N PHE C 652 20.61 47.43 2.35
CA PHE C 652 20.20 46.09 2.70
C PHE C 652 21.34 45.36 3.39
N GLN C 653 20.99 44.38 4.22
CA GLN C 653 21.96 43.62 4.99
C GLN C 653 21.60 42.14 4.90
N PHE C 654 22.59 41.30 4.62
CA PHE C 654 22.38 39.86 4.56
C PHE C 654 23.66 39.16 5.01
N THR C 655 23.75 37.85 4.74
CA THR C 655 24.90 37.08 5.16
C THR C 655 25.22 35.96 4.18
N PRO C 656 26.39 35.98 3.54
CA PRO C 656 26.75 34.88 2.63
C PRO C 656 26.94 33.59 3.38
N THR C 657 26.66 32.49 2.70
CA THR C 657 26.80 31.16 3.29
C THR C 657 27.69 30.22 2.49
N HIS C 658 27.66 30.32 1.17
CA HIS C 658 28.50 29.49 0.32
C HIS C 658 29.73 30.28 -0.12
N VAL C 659 30.81 29.56 -0.39
CA VAL C 659 32.07 30.18 -0.80
C VAL C 659 32.15 30.23 -2.32
N GLY C 660 33.01 31.12 -2.82
CA GLY C 660 33.26 31.22 -4.24
C GLY C 660 32.83 32.57 -4.80
N LEU C 661 32.53 32.59 -6.09
CA LEU C 661 32.16 33.80 -6.81
C LEU C 661 30.64 33.82 -6.98
N GLN C 662 29.97 34.67 -6.21
CA GLN C 662 28.52 34.79 -6.28
C GLN C 662 28.14 36.15 -6.89
N ARG C 663 26.85 36.36 -7.07
CA ARG C 663 26.35 37.67 -7.46
C ARG C 663 24.92 37.81 -7.00
N LEU C 664 24.49 39.06 -6.84
CA LEU C 664 23.12 39.37 -6.46
C LEU C 664 22.51 40.28 -7.53
N THR C 665 21.22 40.08 -7.78
CA THR C 665 20.49 40.86 -8.77
C THR C 665 19.33 41.56 -8.09
N VAL C 666 19.16 42.84 -8.39
CA VAL C 666 18.08 43.66 -7.87
C VAL C 666 17.20 44.08 -9.03
N GLU C 667 15.92 44.34 -8.72
CA GLU C 667 14.90 44.64 -9.71
C GLU C 667 13.98 45.71 -9.14
N VAL C 668 13.61 46.68 -9.98
CA VAL C 668 12.82 47.83 -9.59
C VAL C 668 11.57 47.86 -10.45
N ASP C 669 10.41 48.09 -9.82
CA ASP C 669 9.14 48.24 -10.50
C ASP C 669 8.43 49.48 -9.96
N CYS C 670 7.72 50.17 -10.84
CA CYS C 670 6.92 51.33 -10.47
C CYS C 670 5.83 51.50 -11.52
N ASN C 671 5.13 52.65 -11.45
CA ASN C 671 4.07 52.91 -12.42
C ASN C 671 4.61 53.38 -13.77
N MET C 672 5.72 54.11 -13.79
CA MET C 672 6.26 54.61 -15.04
C MET C 672 6.94 53.52 -15.85
N PHE C 673 7.65 52.60 -15.19
CA PHE C 673 8.35 51.54 -15.87
C PHE C 673 8.34 50.28 -15.00
N GLN C 674 8.59 49.15 -15.64
CA GLN C 674 8.56 47.86 -14.97
C GLN C 674 9.81 47.06 -15.32
N ASN C 675 10.26 46.24 -14.37
CA ASN C 675 11.35 45.29 -14.56
C ASN C 675 12.63 46.00 -14.99
N LEU C 676 13.14 46.85 -14.09
CA LEU C 676 14.44 47.49 -14.27
C LEU C 676 15.45 46.74 -13.41
N THR C 677 16.32 45.95 -14.03
CA THR C 677 17.15 45.00 -13.31
C THR C 677 18.63 45.38 -13.41
N ASN C 678 19.38 44.96 -12.40
CA ASN C 678 20.83 45.13 -12.39
C ASN C 678 21.44 44.03 -11.53
N TYR C 679 22.75 43.82 -11.70
CA TYR C 679 23.44 42.75 -11.02
C TYR C 679 24.81 43.24 -10.54
N LYS C 680 25.34 42.54 -9.53
CA LYS C 680 26.68 42.85 -9.04
C LYS C 680 27.28 41.59 -8.43
N SER C 681 28.55 41.35 -8.73
CA SER C 681 29.24 40.13 -8.31
C SER C 681 30.13 40.39 -7.10
N VAL C 682 30.52 39.30 -6.44
CA VAL C 682 31.32 39.38 -5.23
C VAL C 682 32.04 38.04 -5.05
N THR C 683 33.18 38.07 -4.37
CA THR C 683 33.95 36.88 -4.07
C THR C 683 34.01 36.70 -2.56
N VAL C 684 33.62 35.51 -2.10
CA VAL C 684 33.55 35.19 -0.68
C VAL C 684 34.48 34.01 -0.40
N VAL C 685 35.30 34.14 0.64
CA VAL C 685 36.32 33.15 0.97
C VAL C 685 35.97 32.49 2.30
N ALA C 686 36.62 31.35 2.53
CA ALA C 686 36.38 30.59 3.76
C ALA C 686 36.95 31.32 4.97
N PRO C 687 36.39 31.10 6.15
CA PRO C 687 36.90 31.77 7.35
C PRO C 687 38.29 31.27 7.72
N GLU C 688 39.03 32.13 8.42
CA GLU C 688 40.37 31.78 8.85
C GLU C 688 40.32 30.72 9.95
N LEU C 689 41.14 29.69 9.82
CA LEU C 689 41.18 28.61 10.81
C LEU C 689 41.76 29.10 12.13
C1 NAG D . -20.89 -49.27 -41.43
C2 NAG D . -21.77 -49.79 -40.30
C3 NAG D . -22.80 -50.77 -40.84
C4 NAG D . -23.59 -50.12 -41.97
C5 NAG D . -22.65 -49.59 -43.04
C6 NAG D . -23.35 -48.84 -44.13
C7 NAG D . -21.07 -50.15 -37.96
C8 NAG D . -22.10 -49.13 -37.60
N2 NAG D . -20.96 -50.42 -39.26
O3 NAG D . -23.69 -51.15 -39.79
O4 NAG D . -24.46 -51.09 -42.56
O5 NAG D . -21.71 -48.67 -42.44
O6 NAG D . -24.41 -48.04 -43.62
O7 NAG D . -20.38 -50.70 -37.11
C1B LMT E . -28.18 -33.58 -18.12
C2B LMT E . -26.75 -33.66 -18.67
C3B LMT E . -26.78 -34.05 -20.15
C4B LMT E . -27.59 -35.32 -20.34
C5B LMT E . -28.97 -35.14 -19.72
C6B LMT E . -29.76 -36.43 -19.84
O1B LMT E . -28.88 -32.53 -18.76
O2B LMT E . -26.12 -32.42 -18.53
O3B LMT E . -25.47 -34.26 -20.59
O4' LMT E . -27.72 -35.61 -21.70
O5B LMT E . -28.82 -34.80 -18.35
O6B LMT E . -29.38 -37.10 -21.02
C1' LMT E . -30.41 -31.16 -15.14
C2' LMT E . -31.42 -31.79 -16.08
C3' LMT E . -30.67 -32.62 -17.14
C4' LMT E . -29.63 -31.75 -17.87
C5' LMT E . -28.73 -31.06 -16.85
C6' LMT E . -27.89 -29.99 -17.57
O1' LMT E . -31.11 -30.30 -14.23
O2' LMT E . -32.26 -32.63 -15.36
O3' LMT E . -31.59 -33.11 -18.07
O5' LMT E . -29.51 -30.40 -15.87
O6' LMT E . -27.58 -30.43 -18.86
C1 LMT E . -30.76 -30.50 -12.87
C2 LMT E . -30.43 -29.14 -12.21
C3 LMT E . -29.23 -29.29 -11.25
C4 LMT E . -28.78 -27.92 -10.72
C5 LMT E . -27.30 -27.99 -10.29
C6 LMT E . -26.83 -26.61 -9.77
C7 LMT E . -25.27 -26.52 -9.87
C8 LMT E . -24.63 -27.65 -9.01
C9 LMT E . -23.12 -27.79 -9.37
C10 LMT E . -22.27 -27.70 -8.08
C11 LMT E . -20.87 -27.09 -8.41
C12 LMT E . -20.69 -25.75 -7.67
C1 CLR F . 0.52 -24.00 3.85
C2 CLR F . 0.85 -22.60 4.44
C3 CLR F . 0.29 -22.41 5.86
C4 CLR F . 0.83 -23.49 6.80
C5 CLR F . 0.77 -24.91 6.24
C6 CLR F . 0.67 -26.08 7.12
C7 CLR F . 0.65 -27.52 6.49
C8 CLR F . 1.30 -27.54 5.23
C9 CLR F . 0.68 -26.38 4.28
C10 CLR F . 1.15 -25.14 4.68
C11 CLR F . 1.13 -26.67 2.70
C12 CLR F . 1.02 -28.18 2.28
C13 CLR F . 1.78 -29.01 3.23
C14 CLR F . 1.13 -28.93 4.57
C15 CLR F . 1.75 -30.06 5.41
C16 CLR F . 2.11 -31.22 4.20
C17 CLR F . 1.73 -30.48 2.87
C18 CLR F . 3.25 -28.55 3.30
C19 CLR F . 2.69 -25.10 4.55
C20 CLR F . 2.67 -30.82 1.72
C21 CLR F . 1.84 -31.28 0.54
C22 CLR F . 3.68 -31.94 2.11
C23 CLR F . 4.27 -32.63 0.82
C24 CLR F . 5.76 -32.17 0.61
C25 CLR F . 6.52 -33.25 -0.21
C26 CLR F . 7.97 -32.80 -0.45
C27 CLR F . 5.81 -33.48 -1.57
O1 CLR F . 0.69 -21.15 6.35
C1B LMT G . -25.97 -34.54 -24.22
C2B LMT G . -25.07 -35.76 -24.40
C3B LMT G . -25.87 -36.93 -24.93
C4B LMT G . -26.63 -36.51 -26.19
C5B LMT G . -27.49 -35.30 -25.87
C6B LMT G . -28.96 -35.66 -26.06
O1B LMT G . -25.55 -33.50 -25.05
O2B LMT G . -24.04 -35.45 -25.30
O3B LMT G . -26.79 -37.35 -23.96
O4' LMT G . -25.70 -36.17 -27.19
O5B LMT G . -27.29 -34.89 -24.53
O6B LMT G . -29.11 -37.05 -26.14
C1' LMT G . -23.88 -29.79 -24.37
C2' LMT G . -23.11 -30.97 -23.78
C3' LMT G . -23.60 -32.26 -24.45
C4' LMT G . -25.11 -32.41 -24.28
C5' LMT G . -25.82 -31.14 -24.75
C6' LMT G . -27.29 -31.19 -24.34
O1' LMT G . -23.48 -28.59 -23.72
O2' LMT G . -21.75 -30.80 -24.02
O3' LMT G . -22.95 -33.34 -23.86
O5' LMT G . -25.23 -29.99 -24.17
O6' LMT G . -27.98 -32.06 -25.19
C1 LMT G . -24.01 -27.42 -24.31
C2 LMT G . -23.19 -26.18 -23.86
C3 LMT G . -24.06 -25.30 -22.93
C4 LMT G . -23.25 -24.07 -22.48
C5 LMT G . -23.47 -22.93 -23.51
C6 LMT G . -22.89 -21.59 -22.94
C7 LMT G . -23.22 -20.44 -23.95
C8 LMT G . -22.77 -20.89 -25.38
C9 LMT G . -23.27 -19.85 -26.43
C10 LMT G . -22.58 -20.10 -27.80
C11 LMT G . -22.14 -21.58 -27.92
C12 LMT G . -20.83 -21.66 -28.72
C1B LMT H . -30.37 -46.58 -2.86
C2B LMT H . -31.69 -45.82 -2.71
C3B LMT H . -32.65 -46.64 -1.85
C4B LMT H . -32.81 -48.04 -2.43
C5B LMT H . -31.44 -48.67 -2.64
C6B LMT H . -31.60 -50.02 -3.33
O1B LMT H . -29.81 -46.77 -1.58
O2B LMT H . -31.46 -44.59 -2.10
O3B LMT H . -33.90 -46.01 -1.82
O4' LMT H . -33.56 -48.83 -1.55
O5B LMT H . -30.65 -47.83 -3.44
O6B LMT H . -31.07 -49.95 -4.63
C1' LMT H . -25.79 -45.71 -2.39
C2' LMT H . -26.17 -47.19 -2.48
C3' LMT H . -27.68 -47.38 -2.62
C4' LMT H . -28.41 -46.60 -1.53
C5' LMT H . -28.02 -45.14 -1.66
C6' LMT H . -28.70 -44.33 -0.55
O1' LMT H . -24.46 -45.64 -1.91
O2' LMT H . -25.54 -47.75 -3.60
O3' LMT H . -27.99 -48.74 -2.50
O5' LMT H . -26.62 -45.03 -1.50
O6' LMT H . -29.67 -43.49 -1.12
C1 LMT H . -23.96 -44.33 -1.67
C2 LMT H . -22.41 -44.37 -1.66
C3 LMT H . -21.86 -43.71 -0.37
C4 LMT H . -21.41 -42.27 -0.68
C5 LMT H . -20.33 -41.83 0.35
C6 LMT H . -20.04 -40.32 0.17
C7 LMT H . -18.90 -39.88 1.14
C8 LMT H . -18.69 -38.34 1.05
C9 LMT H . -17.49 -37.92 1.95
C10 LMT H . -16.55 -36.97 1.17
C11 LMT H . -15.08 -37.32 1.46
C12 LMT H . -14.60 -38.40 0.48
C1 NAG I . -14.95 -68.21 33.97
C2 NAG I . -14.42 -68.55 32.58
C3 NAG I . -14.21 -70.06 32.45
C4 NAG I . -13.34 -70.58 33.58
C5 NAG I . -13.92 -70.16 34.93
C6 NAG I . -13.05 -70.55 36.09
C7 NAG I . -14.89 -67.39 30.47
C8 NAG I . -13.42 -67.16 30.36
N2 NAG I . -15.32 -68.06 31.54
O3 NAG I . -13.61 -70.34 31.19
O4 NAG I . -13.27 -72.00 33.52
O5 NAG I . -14.06 -68.73 34.96
O6 NAG I . -11.91 -69.69 36.19
O7 NAG I . -15.67 -66.98 29.61
C1B LMT J . 0.04 -56.43 14.06
C2B LMT J . 0.25 -57.92 13.72
C3B LMT J . -1.08 -58.60 13.43
C4B LMT J . -2.03 -58.35 14.59
C5B LMT J . -2.19 -56.86 14.79
C6B LMT J . -3.12 -56.60 15.97
O1B LMT J . -0.28 -55.72 12.89
O2B LMT J . 1.07 -58.01 12.58
O3B LMT J . -0.88 -59.98 13.27
O4' LMT J . -3.28 -58.93 14.30
O5B LMT J . -0.93 -56.27 15.05
O6B LMT J . -3.62 -55.29 15.90
C1' LMT J . 0.33 -51.77 11.78
C2' LMT J . 1.46 -52.39 12.62
C3' LMT J . 1.33 -53.92 12.62
C4' LMT J . -0.09 -54.33 13.07
C5' LMT J . -1.12 -53.60 12.22
C6' LMT J . -2.53 -53.91 12.73
O1' LMT J . 0.39 -50.35 11.89
O2' LMT J . 2.69 -52.03 12.07
O3' LMT J . 2.30 -54.42 13.48
O5' LMT J . -0.89 -52.20 12.26
O6' LMT J . -3.04 -55.03 12.06
C1 LMT J . 0.95 -49.70 10.75
C2 LMT J . 1.36 -48.25 11.10
C3 LMT J . 0.58 -47.26 10.20
C4 LMT J . 0.74 -45.82 10.76
C5 LMT J . 1.64 -44.99 9.80
C6 LMT J . 1.44 -43.48 10.10
C7 LMT J . 1.93 -43.16 11.56
C8 LMT J . 2.18 -41.62 11.69
C9 LMT J . 2.69 -41.31 13.13
C10 LMT J . 4.00 -42.09 13.38
C11 LMT J . 5.21 -41.12 13.30
C12 LMT J . 6.50 -41.94 13.10
C1 CLR K . -10.24 -19.36 5.78
C2 CLR K . -9.45 -18.12 6.26
C3 CLR K . -9.23 -17.09 5.15
C4 CLR K . -10.57 -16.60 4.61
C5 CLR K . -11.55 -17.72 4.29
C6 CLR K . -12.54 -17.56 3.21
C7 CLR K . -13.40 -18.81 2.80
C8 CLR K . -13.64 -19.66 3.91
C9 CLR K . -12.25 -20.08 4.61
C10 CLR K . -11.67 -19.00 5.28
C11 CLR K . -12.56 -21.32 5.68
C12 CLR K . -13.44 -22.46 5.05
C13 CLR K . -14.68 -21.89 4.52
C14 CLR K . -14.34 -20.96 3.40
C15 CLR K . -15.66 -20.66 2.66
C16 CLR K . -16.46 -22.16 2.86
C17 CLR K . -15.58 -22.94 3.90
C18 CLR K . -15.47 -21.15 5.62
C19 CLR K . -12.55 -18.61 6.50
C20 CLR K . -16.44 -23.65 4.92
C21 CLR K . -15.87 -25.03 5.22
C22 CLR K . -17.90 -23.84 4.41
C23 CLR K . -18.86 -24.16 5.62
C24 CLR K . -19.81 -25.36 5.26
C25 CLR K . -20.97 -25.42 6.29
C26 CLR K . -22.02 -24.32 5.98
C27 CLR K . -21.64 -26.80 6.25
O1 CLR K . -8.52 -16.00 5.67
C1B LMT L . 0.47 -54.38 23.99
C2B LMT L . 1.40 -55.59 24.08
C3B LMT L . 0.67 -56.84 23.57
C4B LMT L . -0.68 -56.96 24.26
C5B LMT L . -1.50 -55.70 24.02
C6B LMT L . -1.99 -55.14 25.35
O1B LMT L . 1.11 -53.37 23.26
O2B LMT L . 2.52 -55.37 23.29
O3B LMT L . 1.45 -57.98 23.86
O4' LMT L . -1.37 -58.07 23.73
O5B LMT L . -0.72 -54.73 23.34
O6B LMT L . -2.68 -53.94 25.13
C1' LMT L . 0.46 -50.44 26.18
C2' LMT L . -0.39 -50.33 24.91
C3' LMT L . -0.37 -51.69 24.18
C4' LMT L . 1.08 -52.11 23.92
C5' LMT L . 1.85 -52.15 25.23
C6' LMT L . 3.33 -52.42 24.96
O1' LMT L . 0.56 -49.15 26.77
O2' LMT L . -1.70 -50.01 25.25
O3' LMT L . -1.05 -51.56 22.97
O5' LMT L . 1.73 -50.90 25.87
O6' LMT L . 3.48 -52.98 23.67
C1 LMT L . 1.62 -48.35 26.21
C2 LMT L . 2.60 -47.95 27.34
C3 LMT L . 3.41 -46.70 26.89
C4 LMT L . 2.44 -45.57 26.48
C5 LMT L . 2.64 -44.36 27.44
C6 LMT L . 4.14 -43.93 27.42
C7 LMT L . 4.24 -42.41 27.77
C8 LMT L . 5.19 -42.23 28.99
C9 LMT L . 4.50 -42.76 30.27
C10 LMT L . 5.34 -42.39 31.52
C11 LMT L . 4.86 -43.21 32.74
C12 LMT L . 3.33 -43.11 32.86
#